data_4XTR
#
_entry.id   4XTR
#
_cell.length_a   102.870
_cell.length_b   112.030
_cell.length_c   153.690
_cell.angle_alpha   90.000
_cell.angle_beta   90.000
_cell.angle_gamma   90.000
#
_symmetry.space_group_name_H-M   'P 21 21 21'
#
loop_
_entity.id
_entity.type
_entity.pdbx_description
1 polymer 'ATPase GET3'
2 polymer 'Antibody Heavy chain'
3 polymer 'Antibody Light chain'
4 polymer Pep12p
5 non-polymer "ADENOSINE-5'-DIPHOSPHATE"
6 non-polymer 'MAGNESIUM ION'
7 non-polymer 'ZINC ION'
8 non-polymer "ADENOSINE-5'-TRIPHOSPHATE"
9 water water
#
loop_
_entity_poly.entity_id
_entity_poly.type
_entity_poly.pdbx_seq_one_letter_code
_entity_poly.pdbx_strand_id
1 'polypeptide(L)'
;MDLTVEPNLHSLITSTTHKWIFVGGKGGVGKTTSSCSIAIQMALSQPNKQFLLISTNPAHNLSDAFGEKFGKDARKVTGM
NNLSCMEIDPSAALKDMNDMAVSRANNNGSDGQGDDLGSLLQGGALADLTGSIPGIDEALSFMEVMKHIKRQEQGEGETF
DTVIFDTAPTGHTLRFLQLPNTLSKLLEKFGEITNKLGPMLNSFMGAGNVDISGKLNELKANVETIRQQFTDPDLTTFVC
VCISEFLSLYETERLIQELISYDMDVNSIIVNQLLFAENDQEHNCKRCQARWKMQKKYLDQIDELYEDFHVVKMPLCAGE
IRGLNNLTKFSQFLNKEYNPITDGKVIYELEDKE
;
A,B
2 'polypeptide(L)'
;EISEVQLVESGGGLVQPGGSLRLSCAASGFNLYYYSIHWVRQAPGKGLEWVASISPYSSSTSYADSVKGRFTISADTSKN
TAYLQMNSLRAEDTAVYYCARGRWYRRALDYWGQGTLVTVSSASTKGPSVFPLAPSSKSTSGGTAALGCLVKDYFPEPVT
VSWNSGALTSGVHTFPAVLQSSGLYSLSSVVTVPSSSLGTQTYICNVNHKPSNTKVDKKVEPKSCDKTHT
;
C,E
3 'polypeptide(L)'
;SDIQMTQSPSSLSASVGDRVTITCRASQSVSSAVAWYQQKPGKAPKLLIYSASSLYSGVPSRFSGSRSGTDFTLTISSLQ
PEDFATYYCQQYPYYSSLITFGQGTKVEIKRTVAAPSVFIFPPSDSQLKSGTASVVCLLNNFYPREAKVQWKVDNALQSG
NSQESVTEQDSKDSTYSLSSTLTLSKADYEKHKVYACEVTHQGLSSPVTKSFNRGEC
;
D,F
4 'polypeptide(L)' MGSHHHHHHSKRTSRWRVYLLIVLLVMLLFIFLIMKL G
#
# COMPACT_ATOMS: atom_id res chain seq x y z
N VAL A 5 2.54 -24.17 17.86
CA VAL A 5 3.51 -23.21 17.35
C VAL A 5 3.42 -21.90 18.13
N GLU A 6 4.55 -21.45 18.66
CA GLU A 6 4.58 -20.28 19.54
C GLU A 6 4.21 -18.99 18.79
N PRO A 7 3.32 -18.17 19.39
CA PRO A 7 2.87 -16.94 18.72
C PRO A 7 3.87 -15.79 18.82
N ASN A 8 5.12 -16.05 18.45
CA ASN A 8 6.13 -15.00 18.42
C ASN A 8 7.18 -15.27 17.34
N LEU A 9 8.13 -14.35 17.21
CA LEU A 9 9.21 -14.47 16.23
C LEU A 9 10.55 -14.72 16.90
N HIS A 10 10.51 -15.27 18.11
CA HIS A 10 11.72 -15.44 18.92
C HIS A 10 12.75 -16.30 18.19
N SER A 11 12.29 -17.34 17.52
CA SER A 11 13.20 -18.24 16.82
C SER A 11 13.86 -17.56 15.63
N LEU A 12 13.16 -16.62 15.00
CA LEU A 12 13.76 -15.83 13.93
C LEU A 12 14.71 -14.78 14.49
N ILE A 13 14.27 -14.14 15.57
CA ILE A 13 15.04 -13.06 16.18
C ILE A 13 16.41 -13.54 16.66
N THR A 14 16.48 -14.77 17.13
CA THR A 14 17.72 -15.35 17.65
C THR A 14 18.36 -16.33 16.67
N SER A 15 17.90 -16.34 15.43
CA SER A 15 18.48 -17.25 14.44
C SER A 15 19.92 -16.87 14.14
N THR A 16 20.76 -17.87 13.88
CA THR A 16 22.16 -17.66 13.54
C THR A 16 22.46 -18.06 12.09
N THR A 17 21.40 -18.35 11.33
CA THR A 17 21.54 -18.82 9.95
C THR A 17 20.95 -17.87 8.91
N HIS A 18 19.85 -17.19 9.27
CA HIS A 18 19.14 -16.36 8.30
C HIS A 18 19.95 -15.15 7.84
N LYS A 19 20.08 -15.02 6.52
CA LYS A 19 20.84 -13.93 5.90
C LYS A 19 19.93 -12.88 5.29
N TRP A 20 18.82 -13.33 4.71
CA TRP A 20 17.86 -12.46 4.04
C TRP A 20 16.48 -12.59 4.67
N ILE A 21 15.97 -11.50 5.22
CA ILE A 21 14.65 -11.51 5.85
C ILE A 21 13.74 -10.46 5.22
N PHE A 22 12.71 -10.95 4.53
CA PHE A 22 11.74 -10.09 3.86
C PHE A 22 10.51 -9.85 4.75
N VAL A 23 10.12 -8.59 4.85
CA VAL A 23 8.93 -8.21 5.61
C VAL A 23 7.96 -7.51 4.68
N GLY A 24 6.83 -8.14 4.41
CA GLY A 24 5.89 -7.65 3.40
C GLY A 24 4.42 -7.82 3.76
N GLY A 25 3.57 -7.35 2.85
CA GLY A 25 2.14 -7.40 3.05
C GLY A 25 1.45 -6.27 2.32
N LYS A 26 0.13 -6.20 2.49
CA LYS A 26 -0.71 -5.19 1.84
C LYS A 26 -0.33 -3.80 2.32
N GLY A 27 -0.77 -2.79 1.58
CA GLY A 27 -0.49 -1.40 1.93
C GLY A 27 -1.05 -1.01 3.29
N GLY A 28 -0.21 -0.38 4.10
CA GLY A 28 -0.64 0.22 5.36
C GLY A 28 -0.95 -0.73 6.50
N VAL A 29 -0.54 -1.99 6.39
CA VAL A 29 -0.80 -2.96 7.46
C VAL A 29 0.24 -2.87 8.57
N GLY A 30 1.44 -2.39 8.23
CA GLY A 30 2.50 -2.21 9.21
C GLY A 30 3.81 -2.87 8.83
N LYS A 31 4.12 -2.91 7.54
CA LYS A 31 5.40 -3.44 7.06
C LYS A 31 6.58 -2.67 7.64
N THR A 32 6.55 -1.34 7.49
CA THR A 32 7.66 -0.50 7.93
C THR A 32 7.81 -0.55 9.45
N THR A 33 6.70 -0.43 10.16
CA THR A 33 6.70 -0.54 11.62
C THR A 33 7.26 -1.89 12.06
N SER A 34 6.80 -2.95 11.41
CA SER A 34 7.21 -4.32 11.76
C SER A 34 8.66 -4.61 11.38
N SER A 35 9.08 -4.11 10.22
CA SER A 35 10.43 -4.39 9.73
C SER A 35 11.47 -3.66 10.58
N CYS A 36 11.15 -2.43 10.98
CA CYS A 36 12.00 -1.69 11.91
C CYS A 36 12.08 -2.44 13.24
N SER A 37 10.93 -2.98 13.66
CA SER A 37 10.84 -3.69 14.93
C SER A 37 11.65 -4.99 14.91
N ILE A 38 11.53 -5.75 13.83
CA ILE A 38 12.28 -6.99 13.70
C ILE A 38 13.78 -6.72 13.66
N ALA A 39 14.18 -5.72 12.87
CA ALA A 39 15.58 -5.35 12.76
C ALA A 39 16.17 -4.96 14.11
N ILE A 40 15.42 -4.18 14.88
CA ILE A 40 15.83 -3.76 16.20
C ILE A 40 16.02 -4.97 17.13
N GLN A 41 15.05 -5.88 17.13
CA GLN A 41 15.11 -7.05 18.00
C GLN A 41 16.32 -7.94 17.69
N MET A 42 16.59 -8.15 16.40
CA MET A 42 17.72 -8.97 15.99
C MET A 42 19.05 -8.31 16.38
N ALA A 43 19.13 -6.99 16.19
CA ALA A 43 20.34 -6.25 16.51
C ALA A 43 20.61 -6.26 18.02
N LEU A 44 19.55 -6.10 18.80
CA LEU A 44 19.65 -6.13 20.26
C LEU A 44 20.00 -7.53 20.75
N SER A 45 19.55 -8.54 20.01
CA SER A 45 19.73 -9.93 20.42
C SER A 45 21.09 -10.49 19.98
N GLN A 46 21.64 -9.92 18.91
CA GLN A 46 22.91 -10.39 18.37
C GLN A 46 23.88 -9.24 18.08
N PRO A 47 24.44 -8.62 19.13
CA PRO A 47 25.42 -7.52 19.01
C PRO A 47 26.67 -7.90 18.23
N ASN A 48 26.95 -9.19 18.12
CA ASN A 48 28.13 -9.67 17.41
C ASN A 48 27.99 -9.60 15.89
N LYS A 49 26.77 -9.33 15.41
CA LYS A 49 26.50 -9.29 13.97
C LYS A 49 26.00 -7.91 13.56
N GLN A 50 26.32 -7.54 12.32
CA GLN A 50 25.86 -6.27 11.76
C GLN A 50 24.61 -6.49 10.91
N PHE A 51 23.62 -5.64 11.14
CA PHE A 51 22.33 -5.75 10.44
C PHE A 51 22.07 -4.53 9.56
N LEU A 52 21.53 -4.78 8.37
CA LEU A 52 21.13 -3.73 7.46
C LEU A 52 19.64 -3.85 7.16
N LEU A 53 18.92 -2.76 7.39
CA LEU A 53 17.51 -2.67 7.04
C LEU A 53 17.39 -1.86 5.75
N ILE A 54 17.13 -2.54 4.64
CA ILE A 54 16.98 -1.89 3.34
C ILE A 54 15.50 -1.76 2.98
N SER A 55 15.10 -0.54 2.63
CA SER A 55 13.77 -0.30 2.10
C SER A 55 13.78 -0.48 0.59
N THR A 56 12.96 -1.39 0.09
CA THR A 56 12.78 -1.55 -1.35
C THR A 56 11.44 -0.95 -1.80
N ASN A 57 10.80 -0.23 -0.88
CA ASN A 57 9.63 0.57 -1.21
C ASN A 57 10.10 1.94 -1.74
N PRO A 58 9.86 2.24 -3.03
CA PRO A 58 10.38 3.48 -3.60
C PRO A 58 9.89 4.74 -2.88
N ALA A 59 8.77 4.64 -2.15
CA ALA A 59 8.36 5.68 -1.23
C ALA A 59 8.82 5.29 0.17
N HIS A 60 10.05 5.66 0.51
CA HIS A 60 10.67 5.22 1.75
C HIS A 60 10.07 5.89 2.98
N ASN A 61 9.93 5.12 4.05
CA ASN A 61 9.42 5.62 5.33
C ASN A 61 10.36 5.32 6.49
N LEU A 62 11.48 4.68 6.22
CA LEU A 62 12.46 4.39 7.26
C LEU A 62 12.98 5.70 7.84
N SER A 63 13.28 6.67 6.98
CA SER A 63 13.75 7.97 7.45
C SER A 63 12.69 8.65 8.30
N ASP A 64 11.44 8.57 7.87
CA ASP A 64 10.32 9.12 8.64
C ASP A 64 10.16 8.42 9.96
N ALA A 65 10.31 7.09 9.96
CA ALA A 65 10.07 6.29 11.15
C ALA A 65 11.12 6.56 12.24
N PHE A 66 12.38 6.68 11.82
CA PHE A 66 13.47 6.90 12.78
C PHE A 66 13.73 8.39 13.01
N GLY A 67 13.33 9.23 12.06
CA GLY A 67 13.49 10.66 12.18
C GLY A 67 14.90 11.13 11.87
N GLU A 68 15.52 10.48 10.89
CA GLU A 68 16.83 10.88 10.40
C GLU A 68 16.95 10.46 8.94
N LYS A 69 17.77 11.19 8.17
CA LYS A 69 17.80 10.97 6.73
C LYS A 69 18.74 9.82 6.34
N PHE A 70 18.14 8.79 5.75
CA PHE A 70 18.90 7.68 5.19
C PHE A 70 19.01 7.86 3.67
N GLY A 71 19.88 7.08 3.05
CA GLY A 71 20.12 7.19 1.61
C GLY A 71 20.70 5.93 1.02
N LYS A 72 21.26 6.04 -0.18
CA LYS A 72 21.81 4.89 -0.88
C LYS A 72 23.01 4.31 -0.14
N ASP A 73 23.65 5.14 0.67
CA ASP A 73 24.79 4.72 1.48
C ASP A 73 24.31 4.33 2.87
N ALA A 74 24.58 3.10 3.25
CA ALA A 74 24.18 2.59 4.56
C ALA A 74 24.71 3.47 5.69
N ARG A 75 23.82 3.82 6.63
CA ARG A 75 24.19 4.62 7.78
C ARG A 75 23.57 4.03 9.04
N LYS A 76 24.31 4.12 10.14
CA LYS A 76 23.87 3.54 11.40
C LYS A 76 22.63 4.27 11.94
N VAL A 77 21.71 3.51 12.50
CA VAL A 77 20.60 4.07 13.25
C VAL A 77 21.16 4.69 14.54
N THR A 78 20.88 5.96 14.76
CA THR A 78 21.39 6.65 15.95
C THR A 78 20.80 6.00 17.21
N GLY A 79 21.70 5.57 18.10
CA GLY A 79 21.30 4.86 19.31
C GLY A 79 21.50 3.37 19.18
N MET A 80 21.95 2.93 18.01
CA MET A 80 22.22 1.53 17.73
C MET A 80 23.60 1.36 17.11
N ASN A 81 24.38 0.42 17.65
CA ASN A 81 25.75 0.23 17.22
C ASN A 81 25.88 -0.77 16.08
N ASN A 82 24.85 -1.59 15.87
CA ASN A 82 24.92 -2.66 14.87
C ASN A 82 23.67 -2.77 14.00
N LEU A 83 22.98 -1.66 13.81
CA LEU A 83 21.86 -1.59 12.87
C LEU A 83 22.01 -0.37 11.97
N SER A 84 21.90 -0.60 10.67
CA SER A 84 22.01 0.47 9.69
C SER A 84 20.84 0.41 8.72
N CYS A 85 20.50 1.55 8.14
CA CYS A 85 19.41 1.64 7.18
C CYS A 85 19.89 2.13 5.82
N MET A 86 19.17 1.72 4.78
CA MET A 86 19.48 2.11 3.41
C MET A 86 18.19 2.40 2.64
N GLU A 87 18.14 3.57 2.00
CA GLU A 87 17.04 3.96 1.13
C GLU A 87 17.61 4.46 -0.19
N ILE A 88 17.63 3.61 -1.20
CA ILE A 88 18.27 3.97 -2.47
C ILE A 88 17.45 4.97 -3.26
N ASP A 89 18.09 6.08 -3.64
CA ASP A 89 17.53 7.02 -4.60
C ASP A 89 18.07 6.67 -5.97
N PRO A 90 17.20 6.21 -6.89
CA PRO A 90 17.70 5.75 -8.19
C PRO A 90 18.46 6.81 -8.98
N SER A 91 17.96 8.04 -9.00
CA SER A 91 18.63 9.11 -9.74
C SER A 91 20.04 9.34 -9.22
N ALA A 92 20.18 9.35 -7.90
CA ALA A 92 21.49 9.51 -7.26
C ALA A 92 22.38 8.30 -7.53
N ALA A 93 21.81 7.11 -7.44
CA ALA A 93 22.55 5.88 -7.62
C ALA A 93 23.01 5.70 -9.07
N LEU A 94 22.26 6.29 -10.00
CA LEU A 94 22.55 6.13 -11.42
C LEU A 94 23.60 7.11 -11.93
N LYS A 95 23.81 8.19 -11.18
CA LYS A 95 24.89 9.12 -11.50
C LYS A 95 26.24 8.45 -11.25
N ASP A 96 26.35 7.76 -10.12
CA ASP A 96 27.58 7.06 -9.76
C ASP A 96 27.85 5.90 -10.71
N MET A 97 26.80 5.23 -11.14
CA MET A 97 26.91 4.16 -12.13
C MET A 97 27.48 4.70 -13.43
N ASN A 98 26.90 5.79 -13.91
CA ASN A 98 27.30 6.40 -15.18
C ASN A 98 28.75 6.91 -15.14
N ASP A 99 29.12 7.51 -14.01
CA ASP A 99 30.47 8.02 -13.84
C ASP A 99 31.50 6.89 -13.86
N MET A 100 31.06 5.71 -13.46
CA MET A 100 31.92 4.52 -13.45
C MET A 100 31.35 3.44 -14.37
N GLY A 124 25.54 9.79 -19.94
CA GLY A 124 25.32 10.94 -19.09
C GLY A 124 23.85 11.31 -19.03
N ALA A 125 23.25 11.54 -20.19
CA ALA A 125 21.83 11.84 -20.27
C ALA A 125 21.02 10.57 -20.04
N LEU A 126 21.59 9.44 -20.44
CA LEU A 126 20.93 8.14 -20.33
C LEU A 126 20.59 7.79 -18.88
N ALA A 127 21.55 7.99 -17.98
CA ALA A 127 21.37 7.61 -16.58
C ALA A 127 20.19 8.33 -15.94
N ASP A 128 19.90 9.54 -16.42
CA ASP A 128 18.77 10.31 -15.92
C ASP A 128 17.47 9.76 -16.50
N LEU A 129 17.51 9.34 -17.76
CA LEU A 129 16.38 8.71 -18.42
C LEU A 129 15.96 7.47 -17.65
N THR A 130 16.92 6.59 -17.38
CA THR A 130 16.66 5.32 -16.72
C THR A 130 16.19 5.48 -15.27
N GLY A 131 16.46 6.65 -14.69
CA GLY A 131 16.14 6.89 -13.29
C GLY A 131 14.67 6.79 -12.95
N SER A 132 13.81 6.87 -13.96
CA SER A 132 12.37 6.93 -13.75
C SER A 132 11.61 5.78 -14.41
N ILE A 133 12.33 4.87 -15.07
CA ILE A 133 11.68 3.74 -15.73
C ILE A 133 11.09 2.81 -14.67
N PRO A 134 9.83 2.39 -14.85
CA PRO A 134 9.24 1.45 -13.89
C PRO A 134 10.04 0.15 -13.79
N GLY A 135 10.41 -0.24 -12.58
CA GLY A 135 11.22 -1.42 -12.34
C GLY A 135 12.65 -1.07 -11.96
N ILE A 136 13.01 0.21 -12.09
CA ILE A 136 14.37 0.63 -11.79
C ILE A 136 14.68 0.47 -10.30
N ASP A 137 13.66 0.62 -9.47
CA ASP A 137 13.83 0.51 -8.02
C ASP A 137 14.16 -0.93 -7.63
N GLU A 138 13.45 -1.88 -8.25
CA GLU A 138 13.69 -3.30 -8.00
C GLU A 138 15.06 -3.73 -8.51
N ALA A 139 15.45 -3.18 -9.67
CA ALA A 139 16.73 -3.50 -10.28
C ALA A 139 17.88 -3.07 -9.38
N LEU A 140 17.86 -1.81 -8.95
CA LEU A 140 18.93 -1.26 -8.11
C LEU A 140 18.97 -1.93 -6.74
N SER A 141 17.80 -2.32 -6.24
CA SER A 141 17.71 -3.04 -4.97
C SER A 141 18.31 -4.44 -5.12
N PHE A 142 18.08 -5.06 -6.27
CA PHE A 142 18.59 -6.39 -6.53
C PHE A 142 20.11 -6.35 -6.71
N MET A 143 20.61 -5.29 -7.34
CA MET A 143 22.04 -5.09 -7.50
C MET A 143 22.72 -5.02 -6.15
N GLU A 144 22.02 -4.45 -5.17
CA GLU A 144 22.54 -4.34 -3.81
C GLU A 144 22.76 -5.73 -3.22
N VAL A 145 21.86 -6.64 -3.54
CA VAL A 145 21.98 -8.02 -3.11
C VAL A 145 23.13 -8.71 -3.84
N MET A 146 23.24 -8.43 -5.14
CA MET A 146 24.30 -9.02 -5.95
C MET A 146 25.67 -8.55 -5.49
N LYS A 147 25.80 -7.26 -5.22
CA LYS A 147 27.07 -6.70 -4.74
C LYS A 147 27.42 -7.37 -3.42
N HIS A 148 26.43 -7.53 -2.55
CA HIS A 148 26.62 -8.14 -1.24
C HIS A 148 27.10 -9.59 -1.37
N ILE A 149 26.55 -10.31 -2.33
CA ILE A 149 26.98 -11.69 -2.58
C ILE A 149 28.45 -11.73 -2.96
N LYS A 150 28.87 -10.82 -3.83
CA LYS A 150 30.25 -10.75 -4.29
C LYS A 150 31.23 -10.52 -3.14
N ARG A 151 30.78 -9.78 -2.13
CA ARG A 151 31.63 -9.50 -0.97
C ARG A 151 31.60 -10.66 0.01
N GLN A 152 30.45 -11.32 0.13
CA GLN A 152 30.30 -12.42 1.08
C GLN A 152 31.09 -13.64 0.63
N GLU A 153 31.18 -13.83 -0.69
CA GLU A 153 31.98 -14.91 -1.25
C GLU A 153 33.46 -14.66 -1.04
N GLN A 154 33.85 -13.38 -1.09
CA GLN A 154 35.25 -12.97 -0.93
C GLN A 154 35.50 -12.42 0.48
N GLY A 155 36.62 -11.74 0.64
CA GLY A 155 36.98 -11.12 1.91
C GLY A 155 36.88 -9.61 1.86
N THR A 159 28.72 -6.16 3.43
CA THR A 159 29.58 -6.17 4.62
C THR A 159 28.77 -6.43 5.88
N PHE A 160 27.49 -6.75 5.69
CA PHE A 160 26.59 -7.03 6.81
C PHE A 160 26.36 -8.53 6.94
N ASP A 161 25.96 -8.97 8.13
CA ASP A 161 25.73 -10.39 8.38
C ASP A 161 24.32 -10.78 7.94
N THR A 162 23.36 -9.89 8.16
CA THR A 162 21.96 -10.16 7.83
C THR A 162 21.29 -8.91 7.27
N VAL A 163 20.53 -9.09 6.20
CA VAL A 163 19.81 -8.00 5.57
C VAL A 163 18.31 -8.19 5.77
N ILE A 164 17.65 -7.17 6.31
CA ILE A 164 16.20 -7.17 6.47
C ILE A 164 15.59 -6.24 5.42
N PHE A 165 14.62 -6.76 4.66
CA PHE A 165 13.99 -5.96 3.62
C PHE A 165 12.64 -5.42 4.07
N ASP A 166 12.53 -4.09 4.11
CA ASP A 166 11.24 -3.43 4.27
C ASP A 166 10.65 -3.22 2.88
N THR A 167 9.80 -4.15 2.48
CA THR A 167 9.39 -4.24 1.08
C THR A 167 8.24 -3.33 0.70
N ALA A 168 8.10 -3.08 -0.60
CA ALA A 168 6.93 -2.41 -1.14
C ALA A 168 5.72 -3.32 -0.95
N PRO A 169 4.51 -2.77 -1.04
CA PRO A 169 3.31 -3.61 -0.93
C PRO A 169 3.27 -4.77 -1.92
N THR A 170 2.59 -5.84 -1.51
CA THR A 170 2.47 -7.11 -2.24
C THR A 170 2.91 -7.13 -3.70
N GLY A 171 2.17 -6.43 -4.55
CA GLY A 171 2.32 -6.54 -5.99
C GLY A 171 3.74 -6.50 -6.53
N HIS A 172 4.47 -5.42 -6.22
CA HIS A 172 5.79 -5.21 -6.79
C HIS A 172 6.87 -6.03 -6.07
N THR A 173 6.57 -6.49 -4.86
CA THR A 173 7.52 -7.33 -4.12
C THR A 173 7.62 -8.71 -4.76
N LEU A 174 6.53 -9.22 -5.30
CA LEU A 174 6.54 -10.49 -6.01
C LEU A 174 7.39 -10.38 -7.27
N ARG A 175 7.35 -9.22 -7.92
CA ARG A 175 8.17 -8.97 -9.09
C ARG A 175 9.64 -9.02 -8.73
N PHE A 176 9.99 -8.43 -7.59
CA PHE A 176 11.36 -8.41 -7.11
C PHE A 176 11.89 -9.82 -6.80
N LEU A 177 11.06 -10.63 -6.15
CA LEU A 177 11.47 -11.97 -5.76
C LEU A 177 11.54 -12.93 -6.95
N GLN A 178 11.01 -12.51 -8.09
CA GLN A 178 11.08 -13.32 -9.30
C GLN A 178 12.27 -12.92 -10.19
N LEU A 179 13.03 -11.92 -9.75
CA LEU A 179 14.16 -11.44 -10.55
C LEU A 179 15.24 -12.49 -10.79
N PRO A 180 15.55 -13.31 -9.78
CA PRO A 180 16.56 -14.36 -10.03
C PRO A 180 16.16 -15.28 -11.19
N ASN A 181 14.93 -15.78 -11.18
CA ASN A 181 14.43 -16.59 -12.29
C ASN A 181 14.36 -15.77 -13.58
N THR A 182 13.79 -14.57 -13.47
CA THR A 182 13.60 -13.70 -14.63
C THR A 182 14.92 -13.39 -15.33
N LEU A 183 15.93 -13.02 -14.57
CA LEU A 183 17.21 -12.65 -15.13
C LEU A 183 17.90 -13.87 -15.75
N SER A 184 17.89 -14.99 -15.05
CA SER A 184 18.49 -16.23 -15.55
C SER A 184 18.02 -16.55 -16.96
N LYS A 185 16.71 -16.45 -17.18
CA LYS A 185 16.14 -16.75 -18.49
C LYS A 185 16.47 -15.66 -19.50
N LEU A 186 16.44 -14.40 -19.05
CA LEU A 186 16.82 -13.28 -19.89
C LEU A 186 18.24 -13.43 -20.43
N LEU A 187 19.13 -13.90 -19.57
CA LEU A 187 20.54 -14.04 -19.92
C LEU A 187 20.78 -15.26 -20.82
N GLU A 188 19.86 -16.21 -20.78
CA GLU A 188 19.98 -17.40 -21.62
C GLU A 188 19.70 -17.07 -23.08
N LYS A 189 18.76 -16.14 -23.32
CA LYS A 189 18.42 -15.74 -24.67
C LYS A 189 19.36 -14.64 -25.17
N PHE A 190 19.90 -13.87 -24.23
CA PHE A 190 20.80 -12.77 -24.55
C PHE A 190 22.10 -13.28 -25.16
N GLY A 191 22.53 -14.45 -24.72
CA GLY A 191 23.76 -15.05 -25.21
C GLY A 191 23.61 -15.69 -26.58
N GLU A 192 22.42 -16.22 -26.85
CA GLU A 192 22.16 -16.94 -28.10
C GLU A 192 22.16 -16.00 -29.31
N ILE A 193 21.46 -14.87 -29.18
CA ILE A 193 21.41 -13.89 -30.28
C ILE A 193 22.78 -13.27 -30.48
N THR A 194 23.54 -13.13 -29.40
CA THR A 194 24.88 -12.54 -29.47
C THR A 194 25.83 -13.45 -30.24
N ASP A 211 35.18 -10.80 -22.84
CA ASP A 211 34.65 -9.45 -22.85
C ASP A 211 33.16 -9.42 -22.60
N ILE A 212 32.39 -9.27 -23.68
CA ILE A 212 30.93 -9.24 -23.58
C ILE A 212 30.42 -10.60 -23.11
N SER A 213 30.95 -11.66 -23.73
CA SER A 213 30.55 -13.02 -23.42
C SER A 213 30.94 -13.43 -22.01
N GLY A 214 32.12 -13.00 -21.58
CA GLY A 214 32.68 -13.41 -20.30
C GLY A 214 31.84 -12.98 -19.10
N LYS A 215 31.44 -11.71 -19.07
CA LYS A 215 30.72 -11.17 -17.94
C LYS A 215 29.26 -11.63 -17.88
N LEU A 216 28.75 -12.09 -19.01
CA LEU A 216 27.38 -12.59 -19.06
C LEU A 216 27.26 -13.87 -18.23
N ASN A 217 28.33 -14.68 -18.24
CA ASN A 217 28.34 -15.92 -17.50
C ASN A 217 28.51 -15.67 -16.01
N GLU A 218 29.25 -14.63 -15.66
CA GLU A 218 29.45 -14.24 -14.27
C GLU A 218 28.14 -13.79 -13.65
N LEU A 219 27.36 -13.02 -14.41
CA LEU A 219 26.06 -12.57 -13.96
C LEU A 219 25.12 -13.75 -13.75
N LYS A 220 25.04 -14.62 -14.76
CA LYS A 220 24.23 -15.82 -14.69
C LYS A 220 24.54 -16.63 -13.43
N ALA A 221 25.82 -16.66 -13.06
CA ALA A 221 26.26 -17.41 -11.89
C ALA A 221 25.84 -16.73 -10.59
N ASN A 222 26.03 -15.41 -10.53
CA ASN A 222 25.66 -14.65 -9.34
C ASN A 222 24.15 -14.70 -9.10
N VAL A 223 23.39 -14.67 -10.19
CA VAL A 223 21.93 -14.78 -10.11
C VAL A 223 21.51 -16.14 -9.55
N GLU A 224 22.16 -17.20 -10.01
CA GLU A 224 21.87 -18.54 -9.54
C GLU A 224 22.20 -18.68 -8.05
N THR A 225 23.27 -18.02 -7.62
CA THR A 225 23.64 -18.00 -6.20
C THR A 225 22.52 -17.36 -5.37
N ILE A 226 21.93 -16.29 -5.88
CA ILE A 226 20.85 -15.63 -5.18
C ILE A 226 19.60 -16.50 -5.20
N ARG A 227 19.35 -17.15 -6.34
CA ARG A 227 18.18 -18.01 -6.47
C ARG A 227 18.19 -19.15 -5.45
N GLN A 228 19.36 -19.76 -5.25
CA GLN A 228 19.46 -20.90 -4.34
C GLN A 228 19.36 -20.45 -2.89
N GLN A 229 19.92 -19.28 -2.57
CA GLN A 229 19.89 -18.77 -1.22
C GLN A 229 18.49 -18.31 -0.83
N PHE A 230 17.78 -17.66 -1.77
CA PHE A 230 16.42 -17.20 -1.52
C PHE A 230 15.45 -18.37 -1.33
N THR A 231 15.80 -19.53 -1.90
CA THR A 231 14.95 -20.71 -1.79
C THR A 231 15.46 -21.66 -0.70
N ASP A 232 16.38 -21.18 0.13
CA ASP A 232 16.87 -21.95 1.27
C ASP A 232 16.14 -21.48 2.53
N PRO A 233 15.33 -22.36 3.15
CA PRO A 233 14.53 -21.92 4.30
C PRO A 233 15.36 -21.48 5.51
N ASP A 234 16.62 -21.89 5.56
CA ASP A 234 17.49 -21.55 6.69
C ASP A 234 18.14 -20.18 6.51
N LEU A 235 18.28 -19.76 5.25
CA LEU A 235 18.95 -18.51 4.93
C LEU A 235 17.96 -17.39 4.67
N THR A 236 16.81 -17.73 4.11
CA THR A 236 15.84 -16.74 3.64
C THR A 236 14.43 -17.07 4.10
N THR A 237 13.72 -16.07 4.58
CA THR A 237 12.32 -16.22 4.96
C THR A 237 11.55 -14.91 4.77
N PHE A 238 10.24 -15.04 4.63
CA PHE A 238 9.35 -13.91 4.37
C PHE A 238 8.34 -13.81 5.50
N VAL A 239 8.40 -12.73 6.25
CA VAL A 239 7.43 -12.49 7.32
C VAL A 239 6.28 -11.66 6.77
N CYS A 240 5.07 -12.18 6.87
CA CYS A 240 3.88 -11.49 6.34
CA CYS A 240 3.88 -11.49 6.34
C CYS A 240 3.22 -10.65 7.42
N VAL A 241 2.86 -9.42 7.05
CA VAL A 241 2.15 -8.52 7.94
C VAL A 241 0.76 -8.29 7.37
N CYS A 242 -0.24 -8.27 8.25
CA CYS A 242 -1.62 -8.04 7.83
C CYS A 242 -2.43 -7.44 8.96
N ILE A 243 -3.68 -7.10 8.66
CA ILE A 243 -4.64 -6.68 9.66
C ILE A 243 -5.88 -7.55 9.55
N SER A 244 -6.65 -7.63 10.64
CA SER A 244 -7.81 -8.51 10.68
C SER A 244 -9.03 -7.84 10.02
N GLU A 245 -8.91 -7.55 8.73
CA GLU A 245 -9.99 -6.97 7.95
C GLU A 245 -10.16 -7.74 6.63
N PHE A 246 -11.36 -7.66 6.06
N PHE A 246 -11.35 -7.66 6.04
CA PHE A 246 -11.75 -8.44 4.89
CA PHE A 246 -11.70 -8.51 4.91
C PHE A 246 -10.77 -8.29 3.73
C PHE A 246 -10.77 -8.30 3.71
N LEU A 247 -10.48 -7.05 3.37
CA LEU A 247 -9.70 -6.74 2.18
C LEU A 247 -8.23 -7.16 2.34
N SER A 248 -7.80 -7.33 3.59
CA SER A 248 -6.41 -7.70 3.87
C SER A 248 -6.16 -9.20 3.77
N LEU A 249 -7.12 -9.99 4.24
CA LEU A 249 -6.90 -11.43 4.38
C LEU A 249 -6.94 -12.17 3.05
N TYR A 250 -7.76 -11.69 2.12
CA TYR A 250 -7.80 -12.28 0.79
C TYR A 250 -6.51 -11.98 0.03
N GLU A 251 -6.03 -10.75 0.15
CA GLU A 251 -4.76 -10.40 -0.48
C GLU A 251 -3.61 -11.14 0.21
N THR A 252 -3.70 -11.29 1.53
CA THR A 252 -2.65 -11.94 2.31
C THR A 252 -2.52 -13.43 1.96
N GLU A 253 -3.64 -14.10 1.77
CA GLU A 253 -3.64 -15.51 1.39
C GLU A 253 -3.12 -15.68 -0.03
N ARG A 254 -3.53 -14.76 -0.91
CA ARG A 254 -3.01 -14.71 -2.28
C ARG A 254 -1.48 -14.58 -2.27
N LEU A 255 -0.99 -13.71 -1.38
CA LEU A 255 0.44 -13.43 -1.29
C LEU A 255 1.23 -14.65 -0.81
N ILE A 256 0.75 -15.28 0.27
CA ILE A 256 1.43 -16.43 0.84
C ILE A 256 1.47 -17.60 -0.15
N GLN A 257 0.36 -17.85 -0.83
CA GLN A 257 0.30 -18.91 -1.84
C GLN A 257 1.30 -18.66 -2.96
N GLU A 258 1.37 -17.41 -3.42
CA GLU A 258 2.32 -17.05 -4.47
C GLU A 258 3.76 -17.24 -4.00
N LEU A 259 4.04 -16.84 -2.76
CA LEU A 259 5.38 -17.00 -2.20
C LEU A 259 5.78 -18.47 -2.10
N ILE A 260 4.83 -19.31 -1.71
CA ILE A 260 5.06 -20.76 -1.66
C ILE A 260 5.43 -21.30 -3.03
N SER A 261 4.78 -20.79 -4.07
CA SER A 261 5.03 -21.26 -5.43
C SER A 261 6.41 -20.81 -5.93
N TYR A 262 6.99 -19.82 -5.26
CA TYR A 262 8.35 -19.37 -5.56
C TYR A 262 9.39 -20.16 -4.75
N ASP A 263 8.94 -21.13 -3.97
CA ASP A 263 9.80 -21.86 -3.03
C ASP A 263 10.45 -20.90 -2.04
N MET A 264 9.71 -19.86 -1.68
CA MET A 264 10.11 -18.93 -0.62
C MET A 264 9.49 -19.39 0.70
N ASP A 265 10.30 -19.45 1.74
CA ASP A 265 9.81 -19.89 3.04
C ASP A 265 8.94 -18.82 3.72
N VAL A 266 7.76 -19.25 4.17
CA VAL A 266 6.86 -18.40 4.94
C VAL A 266 6.33 -19.19 6.13
N ASN A 267 6.69 -18.76 7.33
CA ASN A 267 6.25 -19.44 8.55
C ASN A 267 5.80 -18.49 9.64
N SER A 268 5.74 -17.20 9.32
CA SER A 268 5.38 -16.18 10.30
C SER A 268 4.40 -15.16 9.74
N ILE A 269 3.35 -14.88 10.51
CA ILE A 269 2.38 -13.85 10.17
C ILE A 269 2.21 -12.90 11.35
N ILE A 270 2.36 -11.61 11.09
CA ILE A 270 2.09 -10.58 12.09
C ILE A 270 0.69 -10.00 11.83
N VAL A 271 -0.20 -10.16 12.81
CA VAL A 271 -1.53 -9.55 12.74
C VAL A 271 -1.52 -8.26 13.56
N ASN A 272 -1.56 -7.14 12.85
CA ASN A 272 -1.29 -5.84 13.44
C ASN A 272 -2.55 -5.03 13.72
N GLN A 273 -2.40 -3.99 14.52
CA GLN A 273 -3.48 -3.02 14.76
C GLN A 273 -4.72 -3.62 15.41
N LEU A 274 -4.51 -4.62 16.25
CA LEU A 274 -5.63 -5.28 16.93
C LEU A 274 -6.12 -4.45 18.11
N LEU A 275 -7.43 -4.22 18.14
CA LEU A 275 -8.05 -3.43 19.19
C LEU A 275 -8.07 -4.20 20.50
N PHE A 276 -8.20 -5.52 20.40
CA PHE A 276 -8.38 -6.41 21.56
C PHE A 276 -9.63 -6.04 22.34
N ALA A 277 -9.73 -4.78 22.79
CA ALA A 277 -10.95 -4.28 23.42
C ALA A 277 -11.32 -5.14 24.63
N GLU A 278 -12.54 -4.97 25.14
CA GLU A 278 -13.01 -5.73 26.29
C GLU A 278 -12.02 -5.62 27.45
N ASN A 279 -10.83 -6.18 27.22
CA ASN A 279 -9.67 -5.98 28.09
C ASN A 279 -9.46 -4.53 28.51
N ASP A 280 -9.94 -3.60 27.68
CA ASP A 280 -9.83 -2.17 27.95
C ASP A 280 -10.33 -1.83 29.36
N GLN A 281 -11.62 -2.01 29.58
CA GLN A 281 -12.24 -1.75 30.89
C GLN A 281 -11.97 -0.32 31.35
N HIS A 283 -15.40 -1.22 28.96
CA HIS A 283 -16.40 -2.06 28.29
C HIS A 283 -17.44 -1.17 27.59
N ASN A 284 -16.96 -0.16 26.87
CA ASN A 284 -17.83 0.78 26.18
C ASN A 284 -17.29 1.11 24.79
N CYS A 285 -17.81 2.19 24.19
CA CYS A 285 -17.42 2.63 22.86
C CYS A 285 -17.99 1.71 21.78
N LYS A 286 -19.10 2.11 21.20
CA LYS A 286 -19.78 1.31 20.18
C LYS A 286 -18.90 1.06 18.97
N ARG A 287 -18.10 2.06 18.61
CA ARG A 287 -17.17 1.92 17.50
C ARG A 287 -16.20 0.78 17.75
N CYS A 288 -15.48 0.85 18.86
CA CYS A 288 -14.48 -0.15 19.20
C CYS A 288 -15.11 -1.52 19.42
N GLN A 289 -16.25 -1.55 20.08
CA GLN A 289 -16.94 -2.80 20.37
C GLN A 289 -17.32 -3.51 19.07
N ALA A 290 -17.80 -2.74 18.10
CA ALA A 290 -18.23 -3.28 16.82
C ALA A 290 -17.05 -3.67 15.95
N ARG A 291 -15.96 -2.89 16.03
CA ARG A 291 -14.79 -3.15 15.21
C ARG A 291 -13.99 -4.34 15.74
N TRP A 292 -13.99 -4.53 17.06
CA TRP A 292 -13.29 -5.66 17.65
C TRP A 292 -14.01 -6.97 17.35
N LYS A 293 -15.34 -6.93 17.42
CA LYS A 293 -16.17 -8.08 17.08
C LYS A 293 -15.85 -8.55 15.66
N MET A 294 -15.64 -7.58 14.78
CA MET A 294 -15.26 -7.85 13.40
C MET A 294 -13.86 -8.45 13.33
N GLN A 295 -12.92 -7.82 14.02
CA GLN A 295 -11.53 -8.28 14.03
C GLN A 295 -11.42 -9.69 14.61
N LYS A 296 -12.17 -9.96 15.67
CA LYS A 296 -12.08 -11.24 16.36
C LYS A 296 -12.71 -12.35 15.52
N LYS A 297 -13.68 -11.97 14.70
CA LYS A 297 -14.32 -12.91 13.77
C LYS A 297 -13.27 -13.47 12.81
N TYR A 298 -12.47 -12.56 12.24
CA TYR A 298 -11.48 -12.92 11.24
C TYR A 298 -10.21 -13.47 11.86
N LEU A 299 -9.96 -13.14 13.13
CA LEU A 299 -8.78 -13.63 13.82
C LEU A 299 -8.91 -15.15 14.03
N ASP A 300 -10.14 -15.59 14.30
CA ASP A 300 -10.43 -17.01 14.41
C ASP A 300 -10.17 -17.73 13.10
N GLN A 301 -10.48 -17.06 11.99
CA GLN A 301 -10.27 -17.63 10.67
C GLN A 301 -8.77 -17.71 10.36
N ILE A 302 -8.04 -16.68 10.75
CA ILE A 302 -6.58 -16.68 10.61
C ILE A 302 -5.97 -17.82 11.41
N ASP A 303 -6.44 -18.01 12.64
CA ASP A 303 -5.89 -19.02 13.54
C ASP A 303 -6.15 -20.43 13.03
N GLU A 304 -7.30 -20.62 12.40
CA GLU A 304 -7.64 -21.94 11.88
C GLU A 304 -6.78 -22.30 10.67
N LEU A 305 -6.75 -21.41 9.68
CA LEU A 305 -6.06 -21.68 8.43
C LEU A 305 -4.54 -21.81 8.61
N TYR A 306 -3.95 -20.89 9.36
CA TYR A 306 -2.49 -20.84 9.51
C TYR A 306 -2.06 -21.48 10.83
N GLU A 307 -2.48 -22.72 11.06
CA GLU A 307 -2.19 -23.40 12.32
C GLU A 307 -0.71 -23.75 12.48
N ASP A 308 0.00 -23.87 11.37
CA ASP A 308 1.42 -24.23 11.40
C ASP A 308 2.32 -23.01 11.44
N PHE A 309 1.75 -21.84 11.18
CA PHE A 309 2.52 -20.59 11.14
C PHE A 309 2.69 -20.01 12.54
N HIS A 310 3.74 -19.21 12.72
CA HIS A 310 3.84 -18.32 13.87
C HIS A 310 2.86 -17.16 13.65
N VAL A 311 1.79 -17.11 14.43
CA VAL A 311 0.81 -16.03 14.33
C VAL A 311 1.04 -15.05 15.47
N VAL A 312 1.62 -13.89 15.12
CA VAL A 312 2.04 -12.90 16.11
C VAL A 312 1.06 -11.73 16.15
N LYS A 313 0.36 -11.61 17.26
CA LYS A 313 -0.71 -10.62 17.40
C LYS A 313 -0.19 -9.36 18.09
N MET A 314 -0.32 -8.23 17.41
CA MET A 314 0.21 -6.97 17.90
C MET A 314 -0.92 -5.95 18.11
N PRO A 315 -0.87 -5.20 19.23
CA PRO A 315 -1.98 -4.32 19.59
C PRO A 315 -1.96 -2.98 18.85
N LEU A 316 -3.14 -2.37 18.70
CA LEU A 316 -3.22 -1.00 18.23
C LEU A 316 -2.86 -0.07 19.39
N CYS A 317 -1.74 0.63 19.25
CA CYS A 317 -1.30 1.59 20.26
C CYS A 317 -2.00 2.93 20.08
N ALA A 318 -2.13 3.68 21.17
CA ALA A 318 -2.78 4.99 21.13
C ALA A 318 -1.81 6.06 20.63
N GLY A 319 -0.54 5.89 20.95
CA GLY A 319 0.49 6.85 20.57
C GLY A 319 1.08 6.55 19.21
N GLU A 320 2.07 7.35 18.82
CA GLU A 320 2.75 7.19 17.54
C GLU A 320 3.97 6.30 17.68
N ILE A 321 4.02 5.24 16.87
CA ILE A 321 5.17 4.34 16.87
C ILE A 321 6.23 4.88 15.90
N ARG A 322 6.99 5.85 16.36
CA ARG A 322 8.12 6.37 15.59
C ARG A 322 9.26 6.75 16.54
N GLY A 323 10.47 6.76 16.02
CA GLY A 323 11.66 6.97 16.84
C GLY A 323 12.10 5.65 17.44
N LEU A 324 13.38 5.58 17.83
CA LEU A 324 13.97 4.34 18.30
C LEU A 324 13.31 3.83 19.59
N ASN A 325 13.03 4.73 20.52
CA ASN A 325 12.44 4.35 21.81
C ASN A 325 11.08 3.66 21.65
N ASN A 326 10.18 4.30 20.91
CA ASN A 326 8.83 3.77 20.74
C ASN A 326 8.82 2.50 19.88
N LEU A 327 9.64 2.49 18.83
CA LEU A 327 9.77 1.29 18.00
C LEU A 327 10.33 0.12 18.79
N THR A 328 11.27 0.41 19.69
CA THR A 328 11.88 -0.62 20.52
C THR A 328 10.84 -1.19 21.50
N LYS A 329 10.05 -0.31 22.09
CA LYS A 329 9.04 -0.73 23.05
C LYS A 329 7.96 -1.58 22.39
N PHE A 330 7.62 -1.23 21.15
CA PHE A 330 6.65 -2.00 20.37
C PHE A 330 7.24 -3.33 19.95
N SER A 331 8.50 -3.32 19.53
CA SER A 331 9.15 -4.50 18.98
C SER A 331 9.29 -5.62 20.01
N GLN A 332 9.18 -5.29 21.29
CA GLN A 332 9.36 -6.27 22.36
C GLN A 332 8.31 -7.38 22.30
N PHE A 333 7.16 -7.09 21.69
CA PHE A 333 6.05 -8.04 21.67
C PHE A 333 6.15 -9.00 20.48
N LEU A 334 7.12 -8.76 19.61
CA LEU A 334 7.45 -9.73 18.57
C LEU A 334 8.24 -10.90 19.18
N ASN A 335 8.95 -10.61 20.27
CA ASN A 335 9.79 -11.59 20.94
C ASN A 335 9.02 -12.36 22.01
N LYS A 336 8.42 -11.63 22.94
CA LYS A 336 7.57 -12.20 23.98
C LYS A 336 6.13 -11.73 23.73
N GLU A 337 5.26 -12.66 23.34
CA GLU A 337 3.93 -12.32 22.86
C GLU A 337 3.17 -11.36 23.79
N TYR A 338 2.37 -10.49 23.17
CA TYR A 338 1.63 -9.45 23.89
C TYR A 338 0.44 -10.03 24.65
N ASN A 339 0.35 -9.68 25.93
CA ASN A 339 -0.76 -10.09 26.78
C ASN A 339 -1.70 -8.91 27.02
N PRO A 340 -2.91 -8.95 26.42
CA PRO A 340 -3.83 -7.81 26.56
C PRO A 340 -4.24 -7.53 28.01
N ILE A 341 -4.25 -8.58 28.83
CA ILE A 341 -4.73 -8.48 30.20
C ILE A 341 -3.65 -7.89 31.11
N THR A 342 -2.38 -8.13 30.77
CA THR A 342 -1.25 -7.70 31.58
C THR A 342 -0.58 -6.44 31.01
N ASP A 343 -0.15 -6.52 29.76
CA ASP A 343 0.62 -5.45 29.13
C ASP A 343 -0.27 -4.34 28.54
N GLY A 344 -1.53 -4.30 28.96
CA GLY A 344 -2.49 -3.37 28.41
C GLY A 344 -2.12 -1.90 28.58
N LYS A 345 -1.24 -1.62 29.53
CA LYS A 345 -0.84 -0.24 29.83
C LYS A 345 0.12 0.33 28.79
N VAL A 346 0.92 -0.54 28.18
CA VAL A 346 1.94 -0.12 27.23
C VAL A 346 1.32 0.64 26.05
N ILE A 347 0.04 0.38 25.79
CA ILE A 347 -0.70 1.05 24.73
C ILE A 347 -0.67 2.57 24.87
N TYR A 348 -0.57 3.05 26.12
CA TYR A 348 -0.60 4.49 26.41
C TYR A 348 0.76 5.02 26.87
N GLU A 349 1.75 4.14 26.99
CA GLU A 349 3.05 4.51 27.55
C GLU A 349 4.01 5.10 26.52
N LEU A 350 3.60 5.11 25.25
CA LEU A 350 4.48 5.58 24.18
C LEU A 350 4.83 7.06 24.35
N GLU A 351 6.10 7.37 24.13
CA GLU A 351 6.62 8.72 24.31
C GLU A 351 6.07 9.67 23.25
N ASP A 352 5.74 10.89 23.66
CA ASP A 352 5.22 11.91 22.75
C ASP A 352 6.08 13.17 22.83
N THR B 4 -13.09 30.39 0.70
CA THR B 4 -12.62 29.05 1.03
C THR B 4 -13.04 28.03 -0.02
N VAL B 5 -12.17 27.06 -0.27
CA VAL B 5 -12.46 25.98 -1.21
C VAL B 5 -13.35 24.96 -0.52
N GLU B 6 -14.43 24.55 -1.19
CA GLU B 6 -15.42 23.68 -0.56
C GLU B 6 -14.85 22.30 -0.27
N PRO B 7 -15.22 21.70 0.88
CA PRO B 7 -14.65 20.43 1.32
C PRO B 7 -15.32 19.21 0.68
N ASN B 8 -15.41 19.20 -0.65
CA ASN B 8 -16.00 18.08 -1.37
C ASN B 8 -15.45 17.98 -2.79
N LEU B 9 -15.83 16.91 -3.48
CA LEU B 9 -15.39 16.68 -4.85
C LEU B 9 -16.52 16.88 -5.85
N HIS B 10 -17.55 17.62 -5.45
CA HIS B 10 -18.71 17.83 -6.30
C HIS B 10 -18.31 18.38 -7.66
N SER B 11 -17.34 19.29 -7.66
CA SER B 11 -16.84 19.90 -8.89
C SER B 11 -16.25 18.84 -9.82
N LEU B 12 -15.47 17.92 -9.26
CA LEU B 12 -14.89 16.85 -10.05
C LEU B 12 -15.97 15.86 -10.50
N ILE B 13 -16.83 15.49 -9.55
CA ILE B 13 -17.87 14.50 -9.80
C ILE B 13 -18.78 14.89 -10.96
N THR B 14 -19.09 16.18 -11.07
CA THR B 14 -19.99 16.67 -12.11
C THR B 14 -19.22 17.30 -13.28
N SER B 15 -17.92 17.07 -13.35
CA SER B 15 -17.12 17.66 -14.42
C SER B 15 -17.44 16.98 -15.76
N THR B 16 -17.45 17.79 -16.82
CA THR B 16 -17.75 17.31 -18.16
C THR B 16 -16.52 17.38 -19.07
N THR B 17 -15.36 17.68 -18.49
CA THR B 17 -14.12 17.79 -19.25
C THR B 17 -13.11 16.70 -18.88
N HIS B 18 -13.10 16.28 -17.62
CA HIS B 18 -12.04 15.42 -17.12
C HIS B 18 -12.10 14.01 -17.71
N LYS B 19 -10.97 13.57 -18.26
CA LYS B 19 -10.87 12.30 -18.95
C LYS B 19 -10.06 11.28 -18.17
N TRP B 20 -9.10 11.76 -17.38
CA TRP B 20 -8.18 10.90 -16.65
C TRP B 20 -8.10 11.32 -15.19
N ILE B 21 -8.61 10.48 -14.30
CA ILE B 21 -8.63 10.79 -12.88
C ILE B 21 -7.83 9.75 -12.09
N PHE B 22 -6.67 10.18 -11.60
CA PHE B 22 -5.83 9.33 -10.78
C PHE B 22 -6.19 9.48 -9.30
N VAL B 23 -6.32 8.34 -8.63
CA VAL B 23 -6.55 8.31 -7.19
C VAL B 23 -5.38 7.57 -6.55
N GLY B 24 -4.60 8.29 -5.76
CA GLY B 24 -3.38 7.75 -5.21
C GLY B 24 -3.10 8.19 -3.78
N GLY B 25 -1.95 7.75 -3.27
CA GLY B 25 -1.54 8.05 -1.91
C GLY B 25 -0.81 6.87 -1.29
N LYS B 26 -0.45 7.03 -0.02
CA LYS B 26 0.28 6.02 0.74
C LYS B 26 -0.50 4.72 0.83
N GLY B 27 0.18 3.64 1.21
CA GLY B 27 -0.46 2.35 1.31
C GLY B 27 -1.53 2.29 2.40
N GLY B 28 -2.66 1.68 2.07
CA GLY B 28 -3.71 1.43 3.05
C GLY B 28 -4.51 2.63 3.53
N VAL B 29 -4.35 3.78 2.87
CA VAL B 29 -5.05 4.99 3.31
C VAL B 29 -6.50 5.03 2.81
N GLY B 30 -6.76 4.36 1.68
CA GLY B 30 -8.10 4.25 1.16
C GLY B 30 -8.24 4.59 -0.31
N LYS B 31 -7.18 4.36 -1.08
CA LYS B 31 -7.20 4.59 -2.52
C LYS B 31 -8.31 3.80 -3.21
N THR B 32 -8.35 2.50 -2.95
CA THR B 32 -9.32 1.62 -3.59
C THR B 32 -10.74 1.98 -3.20
N THR B 33 -10.97 2.17 -1.91
CA THR B 33 -12.28 2.58 -1.40
C THR B 33 -12.69 3.93 -2.00
N SER B 34 -11.74 4.86 -2.08
CA SER B 34 -12.03 6.19 -2.60
C SER B 34 -12.22 6.20 -4.11
N SER B 35 -11.41 5.42 -4.82
CA SER B 35 -11.51 5.36 -6.28
C SER B 35 -12.82 4.71 -6.71
N CYS B 36 -13.25 3.69 -5.98
CA CYS B 36 -14.56 3.10 -6.20
C CYS B 36 -15.65 4.13 -5.95
N SER B 37 -15.52 4.86 -4.85
CA SER B 37 -16.52 5.84 -4.45
C SER B 37 -16.62 6.95 -5.48
N ILE B 38 -15.48 7.45 -5.96
CA ILE B 38 -15.46 8.50 -6.96
C ILE B 38 -16.10 8.00 -8.27
N ALA B 39 -15.74 6.79 -8.69
CA ALA B 39 -16.27 6.22 -9.92
C ALA B 39 -17.79 6.07 -9.86
N ILE B 40 -18.29 5.55 -8.75
CA ILE B 40 -19.73 5.39 -8.56
C ILE B 40 -20.44 6.74 -8.62
N GLN B 41 -19.89 7.74 -7.95
CA GLN B 41 -20.50 9.07 -7.93
C GLN B 41 -20.54 9.71 -9.31
N MET B 42 -19.47 9.56 -10.07
CA MET B 42 -19.42 10.15 -11.41
C MET B 42 -20.41 9.44 -12.35
N ALA B 43 -20.45 8.12 -12.27
CA ALA B 43 -21.32 7.32 -13.13
C ALA B 43 -22.78 7.65 -12.87
N LEU B 44 -23.14 7.81 -11.59
CA LEU B 44 -24.51 8.10 -11.22
C LEU B 44 -24.93 9.50 -11.65
N SER B 45 -24.01 10.46 -11.52
CA SER B 45 -24.32 11.85 -11.84
C SER B 45 -24.23 12.13 -13.34
N GLN B 46 -23.52 11.26 -14.08
CA GLN B 46 -23.37 11.41 -15.53
C GLN B 46 -23.72 10.10 -16.26
N PRO B 47 -25.02 9.75 -16.30
CA PRO B 47 -25.45 8.47 -16.86
C PRO B 47 -25.18 8.31 -18.37
N ASN B 48 -25.01 9.40 -19.09
CA ASN B 48 -24.78 9.33 -20.53
C ASN B 48 -23.30 9.21 -20.90
N LYS B 49 -22.44 9.14 -19.88
CA LYS B 49 -21.01 8.91 -20.07
C LYS B 49 -20.66 7.50 -19.62
N GLN B 50 -19.69 6.88 -20.30
CA GLN B 50 -19.20 5.56 -19.91
C GLN B 50 -17.90 5.68 -19.14
N PHE B 51 -17.85 5.04 -17.98
CA PHE B 51 -16.70 5.13 -17.09
C PHE B 51 -15.97 3.80 -16.93
N LEU B 52 -14.65 3.87 -16.95
CA LEU B 52 -13.79 2.72 -16.63
C LEU B 52 -12.97 3.01 -15.38
N LEU B 53 -13.05 2.10 -14.42
CA LEU B 53 -12.21 2.12 -13.24
C LEU B 53 -11.14 1.05 -13.39
N ILE B 54 -9.90 1.46 -13.59
CA ILE B 54 -8.80 0.52 -13.80
C ILE B 54 -7.83 0.55 -12.63
N SER B 55 -7.43 -0.64 -12.19
CA SER B 55 -6.44 -0.77 -11.13
C SER B 55 -5.06 -0.93 -11.74
N THR B 56 -4.17 -0.01 -11.40
CA THR B 56 -2.77 -0.11 -11.80
C THR B 56 -1.92 -0.65 -10.64
N ASN B 57 -2.59 -1.02 -9.55
CA ASN B 57 -1.95 -1.74 -8.46
C ASN B 57 -1.90 -3.23 -8.80
N PRO B 58 -0.69 -3.80 -8.94
CA PRO B 58 -0.58 -5.22 -9.35
C PRO B 58 -1.31 -6.16 -8.39
N ALA B 59 -1.35 -5.82 -7.11
CA ALA B 59 -2.19 -6.51 -6.14
C ALA B 59 -3.58 -5.92 -6.20
N HIS B 60 -4.40 -6.43 -7.12
CA HIS B 60 -5.70 -5.85 -7.41
C HIS B 60 -6.71 -6.07 -6.28
N ASN B 61 -7.49 -5.03 -5.98
CA ASN B 61 -8.49 -5.09 -4.92
C ASN B 61 -9.89 -4.63 -5.36
N LEU B 62 -10.05 -4.34 -6.65
CA LEU B 62 -11.35 -3.93 -7.15
C LEU B 62 -12.34 -5.10 -7.09
N SER B 63 -11.87 -6.30 -7.42
CA SER B 63 -12.72 -7.49 -7.33
C SER B 63 -13.13 -7.76 -5.89
N ASP B 64 -12.19 -7.67 -4.96
CA ASP B 64 -12.49 -7.84 -3.54
C ASP B 64 -13.44 -6.75 -3.06
N ALA B 65 -13.27 -5.54 -3.58
CA ALA B 65 -14.07 -4.41 -3.14
C ALA B 65 -15.54 -4.55 -3.54
N PHE B 66 -15.78 -4.89 -4.80
CA PHE B 66 -17.14 -5.05 -5.31
C PHE B 66 -17.70 -6.45 -5.06
N GLY B 67 -16.80 -7.41 -4.83
CA GLY B 67 -17.23 -8.78 -4.58
C GLY B 67 -17.67 -9.50 -5.83
N GLU B 68 -16.95 -9.26 -6.93
CA GLU B 68 -17.15 -9.99 -8.17
C GLU B 68 -15.84 -9.95 -8.97
N LYS B 69 -15.67 -10.87 -9.90
CA LYS B 69 -14.38 -11.09 -10.53
C LYS B 69 -14.17 -10.24 -11.79
N PHE B 70 -13.21 -9.33 -11.73
CA PHE B 70 -12.80 -8.54 -12.89
C PHE B 70 -11.50 -9.09 -13.46
N GLY B 71 -11.11 -8.59 -14.62
CA GLY B 71 -9.92 -9.08 -15.30
C GLY B 71 -9.39 -8.10 -16.31
N LYS B 72 -8.63 -8.59 -17.29
CA LYS B 72 -7.99 -7.73 -18.27
C LYS B 72 -9.00 -7.16 -19.26
N ASP B 73 -10.14 -7.84 -19.40
CA ASP B 73 -11.22 -7.36 -20.24
C ASP B 73 -12.25 -6.64 -19.38
N ALA B 74 -12.57 -5.40 -19.75
CA ALA B 74 -13.50 -4.60 -18.96
C ALA B 74 -14.86 -5.28 -18.85
N ARG B 75 -15.39 -5.30 -17.62
CA ARG B 75 -16.74 -5.81 -17.37
C ARG B 75 -17.49 -4.79 -16.54
N LYS B 76 -18.80 -4.70 -16.78
CA LYS B 76 -19.66 -3.80 -16.02
C LYS B 76 -19.70 -4.20 -14.55
N VAL B 77 -19.70 -3.21 -13.67
CA VAL B 77 -20.05 -3.45 -12.28
C VAL B 77 -21.52 -3.85 -12.25
N THR B 78 -21.80 -5.04 -11.71
CA THR B 78 -23.16 -5.54 -11.68
C THR B 78 -24.08 -4.58 -10.95
N GLY B 79 -25.14 -4.16 -11.63
CA GLY B 79 -26.09 -3.19 -11.09
C GLY B 79 -25.85 -1.78 -11.62
N MET B 80 -24.80 -1.63 -12.42
CA MET B 80 -24.45 -0.34 -13.03
C MET B 80 -24.45 -0.49 -14.56
N ASN B 81 -24.94 0.53 -15.25
CA ASN B 81 -25.03 0.48 -16.71
C ASN B 81 -23.90 1.25 -17.41
N ASN B 82 -23.12 2.00 -16.65
CA ASN B 82 -22.08 2.84 -17.24
C ASN B 82 -20.81 2.92 -16.41
N LEU B 83 -20.58 1.91 -15.58
CA LEU B 83 -19.32 1.77 -14.86
C LEU B 83 -18.76 0.37 -15.04
N SER B 84 -17.53 0.30 -15.54
CA SER B 84 -16.85 -0.97 -15.74
C SER B 84 -15.53 -0.97 -14.98
N CYS B 85 -15.05 -2.17 -14.63
CA CYS B 85 -13.76 -2.30 -13.96
C CYS B 85 -12.80 -3.19 -14.74
N MET B 86 -11.51 -2.95 -14.55
CA MET B 86 -10.47 -3.69 -15.22
C MET B 86 -9.29 -3.95 -14.28
N GLU B 87 -8.84 -5.19 -14.25
CA GLU B 87 -7.66 -5.61 -13.50
C GLU B 87 -6.79 -6.49 -14.37
N ILE B 88 -5.79 -5.92 -15.02
CA ILE B 88 -4.99 -6.67 -15.98
C ILE B 88 -4.07 -7.69 -15.30
N ASP B 89 -4.11 -8.93 -15.80
CA ASP B 89 -3.18 -9.97 -15.39
C ASP B 89 -2.07 -10.04 -16.45
N PRO B 90 -0.83 -9.64 -16.08
CA PRO B 90 0.24 -9.55 -17.08
C PRO B 90 0.48 -10.81 -17.91
N SER B 91 0.46 -11.98 -17.27
CA SER B 91 0.76 -13.22 -17.98
C SER B 91 -0.31 -13.53 -19.01
N ALA B 92 -1.57 -13.34 -18.63
CA ALA B 92 -2.69 -13.59 -19.53
C ALA B 92 -2.70 -12.60 -20.69
N ALA B 93 -2.34 -11.35 -20.39
CA ALA B 93 -2.31 -10.30 -21.40
C ALA B 93 -1.20 -10.56 -22.43
N LEU B 94 -0.06 -11.03 -21.94
CA LEU B 94 1.09 -11.29 -22.80
C LEU B 94 0.86 -12.53 -23.67
N LYS B 95 0.08 -13.47 -23.17
CA LYS B 95 -0.35 -14.62 -23.97
C LYS B 95 -1.11 -14.13 -25.19
N ASP B 96 -2.05 -13.21 -24.97
CA ASP B 96 -2.85 -12.66 -26.05
C ASP B 96 -1.96 -11.94 -27.06
N MET B 97 -1.01 -11.16 -26.55
CA MET B 97 -0.08 -10.44 -27.41
C MET B 97 0.75 -11.39 -28.26
N ASN B 98 1.15 -12.51 -27.66
CA ASN B 98 1.94 -13.51 -28.37
C ASN B 98 1.14 -14.10 -29.53
N ASP B 99 -0.14 -14.31 -29.31
CA ASP B 99 -1.01 -14.93 -30.31
C ASP B 99 -1.24 -14.01 -31.50
N MET B 100 -1.51 -12.74 -31.23
CA MET B 100 -1.78 -11.78 -32.30
C MET B 100 -0.51 -11.46 -33.09
N ALA B 101 0.62 -11.41 -32.41
CA ALA B 101 1.90 -11.13 -33.07
C ALA B 101 2.24 -12.26 -34.04
N VAL B 102 1.82 -13.48 -33.70
CA VAL B 102 2.04 -14.64 -34.56
C VAL B 102 1.07 -14.62 -35.74
N SER B 103 -0.18 -14.27 -35.47
CA SER B 103 -1.20 -14.20 -36.52
C SER B 103 -1.07 -12.91 -37.33
N GLY B 123 8.35 -15.98 -29.37
CA GLY B 123 7.39 -16.75 -30.14
C GLY B 123 6.85 -17.92 -29.35
N GLY B 124 5.94 -17.63 -28.43
CA GLY B 124 5.30 -18.65 -27.62
C GLY B 124 5.83 -18.67 -26.19
N ALA B 125 6.92 -17.94 -25.95
CA ALA B 125 7.56 -17.91 -24.65
C ALA B 125 7.67 -16.49 -24.11
N LEU B 126 6.76 -15.61 -24.55
CA LEU B 126 6.81 -14.21 -24.17
C LEU B 126 6.40 -14.00 -22.72
N ALA B 127 5.26 -14.58 -22.34
CA ALA B 127 4.74 -14.43 -20.98
C ALA B 127 5.69 -15.05 -19.96
N ASP B 128 6.26 -16.20 -20.32
CA ASP B 128 7.22 -16.89 -19.46
C ASP B 128 8.45 -16.02 -19.23
N LEU B 129 8.75 -15.14 -20.19
CA LEU B 129 9.97 -14.34 -20.17
C LEU B 129 9.76 -12.96 -19.55
N THR B 130 8.63 -12.33 -19.86
CA THR B 130 8.41 -10.93 -19.50
C THR B 130 7.27 -10.73 -18.49
N GLY B 131 6.51 -11.79 -18.22
CA GLY B 131 5.35 -11.69 -17.36
C GLY B 131 5.64 -11.27 -15.93
N SER B 132 6.91 -11.34 -15.53
CA SER B 132 7.30 -11.08 -14.15
C SER B 132 8.41 -10.03 -14.03
N ILE B 133 8.81 -9.44 -15.15
CA ILE B 133 9.81 -8.38 -15.12
C ILE B 133 9.25 -7.16 -14.37
N PRO B 134 10.01 -6.64 -13.38
CA PRO B 134 9.55 -5.43 -12.71
C PRO B 134 9.31 -4.28 -13.69
N GLY B 135 8.15 -3.65 -13.58
CA GLY B 135 7.76 -2.60 -14.50
C GLY B 135 6.73 -3.06 -15.52
N ILE B 136 6.55 -4.37 -15.63
CA ILE B 136 5.64 -4.93 -16.62
C ILE B 136 4.20 -4.48 -16.38
N ASP B 137 3.84 -4.31 -15.11
CA ASP B 137 2.48 -3.92 -14.75
C ASP B 137 2.18 -2.50 -15.22
N GLU B 138 3.15 -1.62 -15.06
CA GLU B 138 3.02 -0.23 -15.49
C GLU B 138 2.99 -0.14 -17.01
N ALA B 139 3.80 -0.97 -17.65
CA ALA B 139 3.88 -0.98 -19.11
C ALA B 139 2.53 -1.35 -19.72
N LEU B 140 1.91 -2.39 -19.18
CA LEU B 140 0.62 -2.86 -19.69
C LEU B 140 -0.50 -1.90 -19.32
N SER B 141 -0.41 -1.31 -18.14
CA SER B 141 -1.36 -0.28 -17.73
C SER B 141 -1.30 0.89 -18.70
N PHE B 142 -0.07 1.28 -19.05
CA PHE B 142 0.15 2.40 -19.96
C PHE B 142 -0.37 2.09 -21.36
N MET B 143 -0.14 0.86 -21.82
CA MET B 143 -0.63 0.44 -23.13
C MET B 143 -2.14 0.58 -23.20
N GLU B 144 -2.82 0.34 -22.08
CA GLU B 144 -4.26 0.48 -22.01
C GLU B 144 -4.67 1.94 -22.19
N VAL B 145 -3.87 2.85 -21.65
CA VAL B 145 -4.10 4.28 -21.85
C VAL B 145 -3.90 4.67 -23.30
N MET B 146 -2.87 4.11 -23.92
CA MET B 146 -2.58 4.39 -25.32
C MET B 146 -3.73 3.89 -26.22
N LYS B 147 -4.29 2.75 -25.86
CA LYS B 147 -5.40 2.17 -26.62
C LYS B 147 -6.59 3.12 -26.66
N HIS B 148 -7.01 3.60 -25.49
CA HIS B 148 -8.19 4.46 -25.41
C HIS B 148 -7.90 5.84 -25.99
N ILE B 149 -6.67 6.31 -25.84
CA ILE B 149 -6.24 7.57 -26.45
C ILE B 149 -6.44 7.53 -27.95
N LYS B 150 -6.10 6.40 -28.56
CA LYS B 150 -6.21 6.23 -30.00
C LYS B 150 -7.65 6.04 -30.45
N ARG B 151 -8.41 5.24 -29.70
CA ARG B 151 -9.77 4.88 -30.09
C ARG B 151 -10.76 6.03 -29.89
N GLN B 152 -10.51 6.87 -28.90
CA GLN B 152 -11.35 8.04 -28.68
C GLN B 152 -11.32 8.97 -29.89
N GLU B 153 -10.25 8.88 -30.67
CA GLU B 153 -10.10 9.68 -31.89
C GLU B 153 -10.41 8.89 -33.15
N GLN B 154 -9.96 7.64 -33.20
CA GLN B 154 -9.98 6.86 -34.44
C GLN B 154 -11.04 5.76 -34.47
N GLY B 155 -11.73 5.54 -33.35
CA GLY B 155 -12.72 4.48 -33.28
C GLY B 155 -12.09 3.11 -33.36
N GLU B 156 -12.69 2.23 -34.17
CA GLU B 156 -12.20 0.88 -34.44
C GLU B 156 -12.27 -0.07 -33.24
N GLY B 157 -12.88 0.39 -32.14
CA GLY B 157 -13.04 -0.46 -30.98
C GLY B 157 -13.71 0.24 -29.82
N GLU B 158 -13.86 -0.50 -28.72
CA GLU B 158 -14.52 0.03 -27.52
C GLU B 158 -13.62 1.01 -26.78
N THR B 159 -14.24 2.03 -26.19
CA THR B 159 -13.52 2.95 -25.33
C THR B 159 -14.49 3.55 -24.31
N PHE B 160 -14.01 4.53 -23.55
CA PHE B 160 -14.79 5.14 -22.49
C PHE B 160 -14.62 6.65 -22.54
N ASP B 161 -15.52 7.37 -21.88
CA ASP B 161 -15.42 8.82 -21.81
C ASP B 161 -14.41 9.24 -20.76
N THR B 162 -14.35 8.48 -19.67
CA THR B 162 -13.51 8.85 -18.54
C THR B 162 -12.93 7.60 -17.88
N VAL B 163 -11.63 7.66 -17.57
CA VAL B 163 -10.93 6.56 -16.93
C VAL B 163 -10.45 6.99 -15.55
N ILE B 164 -10.88 6.26 -14.52
CA ILE B 164 -10.41 6.49 -13.17
C ILE B 164 -9.38 5.43 -12.79
N PHE B 165 -8.24 5.88 -12.27
CA PHE B 165 -7.15 4.97 -11.92
C PHE B 165 -7.07 4.74 -10.41
N ASP B 166 -7.30 3.49 -10.01
CA ASP B 166 -7.02 3.04 -8.65
C ASP B 166 -5.57 2.62 -8.61
N THR B 167 -4.70 3.52 -8.16
CA THR B 167 -3.27 3.36 -8.38
C THR B 167 -2.57 2.56 -7.29
N ALA B 168 -1.37 2.09 -7.63
CA ALA B 168 -0.48 1.52 -6.62
C ALA B 168 -0.03 2.65 -5.71
N PRO B 169 0.46 2.30 -4.50
CA PRO B 169 1.01 3.30 -3.58
C PRO B 169 2.02 4.23 -4.23
N THR B 170 1.96 5.50 -3.83
CA THR B 170 2.91 6.56 -4.19
C THR B 170 4.06 6.18 -5.13
N GLY B 171 5.04 5.45 -4.59
CA GLY B 171 6.30 5.20 -5.27
C GLY B 171 6.22 4.75 -6.72
N HIS B 172 5.52 3.65 -6.96
CA HIS B 172 5.44 3.08 -8.30
C HIS B 172 4.47 3.87 -9.20
N THR B 173 3.57 4.61 -8.58
CA THR B 173 2.63 5.43 -9.35
C THR B 173 3.35 6.62 -9.97
N LEU B 174 4.34 7.15 -9.27
CA LEU B 174 5.19 8.21 -9.81
C LEU B 174 5.98 7.72 -11.01
N ARG B 175 6.45 6.47 -10.94
CA ARG B 175 7.13 5.85 -12.09
C ARG B 175 6.19 5.78 -13.28
N PHE B 176 4.95 5.38 -13.03
CA PHE B 176 3.94 5.30 -14.08
C PHE B 176 3.65 6.66 -14.70
N LEU B 177 3.55 7.69 -13.87
CA LEU B 177 3.23 9.03 -14.37
C LEU B 177 4.44 9.70 -15.04
N GLN B 178 5.64 9.17 -14.78
CA GLN B 178 6.85 9.61 -15.45
C GLN B 178 6.99 8.94 -16.83
N LEU B 179 6.14 7.95 -17.09
CA LEU B 179 6.31 7.08 -18.25
C LEU B 179 6.13 7.79 -19.59
N PRO B 180 5.18 8.74 -19.69
CA PRO B 180 5.08 9.49 -20.94
C PRO B 180 6.36 10.27 -21.25
N ASN B 181 6.90 10.94 -20.24
CA ASN B 181 8.18 11.64 -20.36
C ASN B 181 9.31 10.66 -20.70
N THR B 182 9.33 9.54 -20.00
CA THR B 182 10.42 8.57 -20.12
C THR B 182 10.44 7.90 -21.49
N LEU B 183 9.29 7.46 -21.96
CA LEU B 183 9.21 6.87 -23.29
C LEU B 183 9.49 7.93 -24.37
N SER B 184 9.11 9.17 -24.07
CA SER B 184 9.32 10.27 -25.00
C SER B 184 10.81 10.59 -25.16
N LYS B 185 11.45 10.97 -24.06
CA LYS B 185 12.87 11.31 -24.07
C LYS B 185 13.71 10.16 -24.63
N LEU B 186 13.30 8.94 -24.31
CA LEU B 186 13.97 7.74 -24.79
C LEU B 186 13.85 7.62 -26.31
N LEU B 187 12.62 7.72 -26.81
CA LEU B 187 12.36 7.49 -28.23
C LEU B 187 13.08 8.46 -29.16
N GLU B 188 13.49 9.61 -28.63
CA GLU B 188 14.28 10.56 -29.41
C GLU B 188 15.52 9.91 -30.02
N LYS B 189 16.20 9.09 -29.22
CA LYS B 189 17.51 8.55 -29.59
C LYS B 189 17.42 7.23 -30.34
N PHE B 190 16.53 6.36 -29.89
CA PHE B 190 16.51 4.97 -30.34
C PHE B 190 16.30 4.80 -31.85
N GLY B 191 15.49 5.67 -32.45
CA GLY B 191 15.14 5.53 -33.85
C GLY B 191 16.33 5.40 -34.79
N GLU B 192 17.35 6.22 -34.55
CA GLU B 192 18.54 6.21 -35.39
C GLU B 192 19.41 4.97 -35.15
N ILE B 193 19.37 4.48 -33.90
CA ILE B 193 20.19 3.33 -33.50
C ILE B 193 19.87 2.08 -34.31
N THR B 194 18.62 1.93 -34.75
CA THR B 194 18.18 0.70 -35.39
C THR B 194 18.96 0.42 -36.67
N ASN B 195 19.13 1.45 -37.50
CA ASN B 195 19.90 1.37 -38.74
C ASN B 195 19.84 0.01 -39.42
N ASP B 211 7.05 -2.36 -40.60
CA ASP B 211 7.61 -1.01 -40.64
C ASP B 211 8.02 -0.58 -39.23
N ILE B 212 9.31 -0.73 -38.92
CA ILE B 212 9.79 -0.54 -37.55
C ILE B 212 9.86 0.94 -37.16
N SER B 213 10.26 1.79 -38.10
CA SER B 213 10.37 3.22 -37.82
C SER B 213 9.00 3.89 -37.81
N GLY B 214 8.05 3.29 -38.53
CA GLY B 214 6.68 3.78 -38.56
C GLY B 214 5.99 3.58 -37.23
N LYS B 215 6.28 2.46 -36.57
CA LYS B 215 5.74 2.19 -35.24
C LYS B 215 6.24 3.24 -34.26
N LEU B 216 7.53 3.52 -34.32
CA LEU B 216 8.16 4.51 -33.45
C LEU B 216 7.46 5.85 -33.51
N ASN B 217 7.13 6.30 -34.73
CA ASN B 217 6.48 7.58 -34.92
C ASN B 217 5.09 7.59 -34.32
N GLU B 218 4.32 6.54 -34.57
CA GLU B 218 2.98 6.42 -34.01
C GLU B 218 3.05 6.27 -32.49
N LEU B 219 4.05 5.53 -32.03
CA LEU B 219 4.26 5.36 -30.59
C LEU B 219 4.67 6.68 -29.96
N LYS B 220 5.58 7.40 -30.60
CA LYS B 220 5.97 8.72 -30.14
C LYS B 220 4.77 9.67 -30.14
N ALA B 221 4.05 9.70 -31.27
CA ALA B 221 2.90 10.59 -31.40
C ALA B 221 1.84 10.31 -30.34
N ASN B 222 1.59 9.02 -30.09
CA ASN B 222 0.62 8.63 -29.08
C ASN B 222 1.06 9.07 -27.68
N VAL B 223 2.32 8.79 -27.35
CA VAL B 223 2.87 9.16 -26.05
C VAL B 223 2.85 10.68 -25.86
N GLU B 224 3.15 11.41 -26.92
CA GLU B 224 3.09 12.87 -26.86
C GLU B 224 1.68 13.31 -26.52
N THR B 225 0.68 12.71 -27.18
CA THR B 225 -0.72 13.02 -26.92
C THR B 225 -1.07 12.79 -25.45
N ILE B 226 -0.60 11.67 -24.89
CA ILE B 226 -0.83 11.36 -23.48
C ILE B 226 -0.20 12.44 -22.60
N ARG B 227 0.98 12.92 -23.00
CA ARG B 227 1.67 13.94 -22.23
C ARG B 227 0.89 15.27 -22.25
N GLN B 228 0.31 15.62 -23.39
CA GLN B 228 -0.50 16.85 -23.46
C GLN B 228 -1.64 16.75 -22.47
N GLN B 229 -2.37 15.64 -22.55
CA GLN B 229 -3.62 15.49 -21.81
C GLN B 229 -3.37 15.33 -20.30
N PHE B 230 -2.31 14.60 -19.94
CA PHE B 230 -1.98 14.39 -18.54
C PHE B 230 -1.57 15.69 -17.85
N THR B 231 -1.09 16.65 -18.63
CA THR B 231 -0.67 17.94 -18.09
C THR B 231 -1.69 19.04 -18.38
N ASP B 232 -2.88 18.63 -18.83
CA ASP B 232 -3.99 19.55 -19.04
C ASP B 232 -4.92 19.50 -17.81
N PRO B 233 -5.01 20.60 -17.05
CA PRO B 233 -5.76 20.53 -15.78
C PRO B 233 -7.27 20.29 -15.95
N ASP B 234 -7.80 20.55 -17.15
CA ASP B 234 -9.21 20.31 -17.42
C ASP B 234 -9.49 18.87 -17.82
N LEU B 235 -8.44 18.15 -18.24
CA LEU B 235 -8.58 16.77 -18.70
C LEU B 235 -8.13 15.77 -17.65
N THR B 236 -7.08 16.13 -16.91
CA THR B 236 -6.44 15.21 -15.99
C THR B 236 -6.21 15.84 -14.61
N THR B 237 -6.55 15.10 -13.57
CA THR B 237 -6.27 15.52 -12.20
C THR B 237 -5.96 14.32 -11.32
N PHE B 238 -5.28 14.59 -10.21
CA PHE B 238 -4.83 13.57 -9.27
C PHE B 238 -5.46 13.83 -7.90
N VAL B 239 -6.27 12.88 -7.44
CA VAL B 239 -6.89 12.99 -6.13
C VAL B 239 -6.05 12.23 -5.12
N CYS B 240 -5.48 12.96 -4.16
CA CYS B 240 -4.66 12.35 -3.14
CA CYS B 240 -4.65 12.35 -3.13
C CYS B 240 -5.52 11.87 -1.98
N VAL B 241 -5.20 10.68 -1.48
CA VAL B 241 -5.89 10.12 -0.32
C VAL B 241 -4.87 9.98 0.80
N CYS B 242 -5.30 10.31 2.02
CA CYS B 242 -4.42 10.21 3.18
C CYS B 242 -5.20 9.99 4.46
N ILE B 243 -4.47 9.79 5.55
CA ILE B 243 -5.04 9.73 6.89
C ILE B 243 -4.34 10.74 7.78
N SER B 244 -4.96 11.09 8.89
CA SER B 244 -4.43 12.13 9.77
C SER B 244 -3.43 11.55 10.76
N GLU B 245 -2.36 10.96 10.23
CA GLU B 245 -1.29 10.40 11.04
C GLU B 245 0.06 10.85 10.52
N PHE B 246 1.07 10.83 11.38
CA PHE B 246 2.37 11.42 11.10
C PHE B 246 3.03 10.90 9.82
N LEU B 247 3.17 9.59 9.71
CA LEU B 247 3.87 8.99 8.57
C LEU B 247 3.16 9.24 7.24
N SER B 248 1.88 9.54 7.29
CA SER B 248 1.12 9.80 6.07
C SER B 248 1.29 11.26 5.62
N LEU B 249 1.41 12.15 6.60
CA LEU B 249 1.54 13.58 6.34
C LEU B 249 2.72 13.89 5.42
N TYR B 250 3.90 13.37 5.78
CA TYR B 250 5.12 13.69 5.07
C TYR B 250 5.19 13.01 3.71
N GLU B 251 4.74 11.77 3.63
CA GLU B 251 4.71 11.08 2.34
C GLU B 251 3.72 11.76 1.40
N THR B 252 2.60 12.22 1.95
CA THR B 252 1.57 12.89 1.16
C THR B 252 2.08 14.21 0.59
N GLU B 253 2.80 14.98 1.41
CA GLU B 253 3.37 16.24 0.97
C GLU B 253 4.43 16.01 -0.12
N ARG B 254 5.28 15.02 0.07
CA ARG B 254 6.28 14.65 -0.93
C ARG B 254 5.64 14.30 -2.25
N LEU B 255 4.55 13.55 -2.18
CA LEU B 255 3.82 13.11 -3.36
C LEU B 255 3.25 14.30 -4.13
N ILE B 256 2.54 15.17 -3.42
CA ILE B 256 1.91 16.33 -4.06
C ILE B 256 2.97 17.21 -4.71
N GLN B 257 4.08 17.43 -4.00
CA GLN B 257 5.18 18.23 -4.54
C GLN B 257 5.73 17.62 -5.82
N GLU B 258 5.89 16.30 -5.83
CA GLU B 258 6.43 15.60 -6.99
C GLU B 258 5.47 15.69 -8.18
N LEU B 259 4.17 15.52 -7.91
CA LEU B 259 3.16 15.59 -8.94
C LEU B 259 3.15 16.97 -9.60
N ILE B 260 3.26 18.01 -8.77
CA ILE B 260 3.31 19.38 -9.28
C ILE B 260 4.52 19.57 -10.18
N SER B 261 5.65 18.96 -9.80
CA SER B 261 6.86 19.04 -10.62
C SER B 261 6.68 18.33 -11.95
N TYR B 262 5.70 17.42 -12.03
CA TYR B 262 5.38 16.74 -13.28
C TYR B 262 4.38 17.52 -14.12
N ASP B 263 3.97 18.68 -13.63
CA ASP B 263 2.88 19.45 -14.23
C ASP B 263 1.58 18.65 -14.25
N MET B 264 1.40 17.81 -13.23
CA MET B 264 0.14 17.11 -13.01
C MET B 264 -0.73 17.93 -12.07
N ASP B 265 -1.97 18.16 -12.47
CA ASP B 265 -2.89 18.92 -11.64
C ASP B 265 -3.27 18.12 -10.40
N VAL B 266 -3.17 18.78 -9.23
CA VAL B 266 -3.66 18.21 -7.98
C VAL B 266 -4.27 19.32 -7.13
N ASN B 267 -5.58 19.23 -6.89
CA ASN B 267 -6.29 20.24 -6.12
C ASN B 267 -7.29 19.62 -5.15
N SER B 268 -7.17 18.31 -4.95
CA SER B 268 -8.09 17.59 -4.07
C SER B 268 -7.38 16.58 -3.17
N ILE B 269 -7.73 16.61 -1.89
CA ILE B 269 -7.17 15.70 -0.90
C ILE B 269 -8.29 15.08 -0.06
N ILE B 270 -8.35 13.75 -0.04
CA ILE B 270 -9.28 13.05 0.84
C ILE B 270 -8.56 12.65 2.12
N VAL B 271 -9.04 13.16 3.26
CA VAL B 271 -8.55 12.74 4.56
C VAL B 271 -9.51 11.70 5.11
N ASN B 272 -9.05 10.46 5.18
CA ASN B 272 -9.92 9.30 5.41
C ASN B 272 -9.77 8.75 6.84
N GLN B 273 -10.73 7.92 7.25
CA GLN B 273 -10.65 7.17 8.50
C GLN B 273 -10.61 8.08 9.73
N LEU B 274 -11.32 9.20 9.67
CA LEU B 274 -11.40 10.13 10.80
C LEU B 274 -12.43 9.65 11.82
N LEU B 275 -12.11 9.82 13.10
CA LEU B 275 -12.94 9.29 14.18
C LEU B 275 -14.11 10.20 14.55
N PHE B 276 -13.86 11.51 14.54
CA PHE B 276 -14.86 12.48 14.97
C PHE B 276 -15.42 12.11 16.35
N ALA B 277 -14.52 11.79 17.28
CA ALA B 277 -14.92 11.22 18.56
C ALA B 277 -15.74 12.18 19.42
N GLU B 278 -15.78 13.45 19.05
CA GLU B 278 -16.61 14.42 19.77
C GLU B 278 -18.07 14.28 19.38
N ASN B 284 -16.62 8.99 25.91
CA ASN B 284 -15.64 8.19 26.63
C ASN B 284 -14.84 7.30 25.68
N CYS B 285 -14.02 6.43 26.28
CA CYS B 285 -13.06 5.53 25.59
C CYS B 285 -11.71 6.22 25.46
N LYS B 286 -10.75 5.75 26.24
CA LYS B 286 -9.43 6.36 26.30
C LYS B 286 -8.70 6.29 24.96
N ARG B 287 -8.83 5.17 24.25
CA ARG B 287 -8.16 5.00 22.97
C ARG B 287 -8.70 5.99 21.94
N CYS B 288 -10.02 5.98 21.75
CA CYS B 288 -10.66 6.81 20.74
C CYS B 288 -10.41 8.30 20.97
N GLN B 289 -10.52 8.75 22.21
CA GLN B 289 -10.30 10.16 22.51
C GLN B 289 -8.84 10.54 22.34
N ALA B 290 -7.94 9.63 22.67
CA ALA B 290 -6.52 9.87 22.51
C ALA B 290 -6.13 9.91 21.04
N ARG B 291 -6.68 8.97 20.26
CA ARG B 291 -6.37 8.90 18.84
C ARG B 291 -7.02 10.05 18.07
N TRP B 292 -8.21 10.47 18.50
CA TRP B 292 -8.91 11.58 17.85
C TRP B 292 -8.20 12.91 18.13
N LYS B 293 -7.68 13.05 19.35
CA LYS B 293 -6.88 14.21 19.72
C LYS B 293 -5.71 14.36 18.75
N MET B 294 -5.02 13.25 18.53
CA MET B 294 -3.92 13.19 17.57
C MET B 294 -4.41 13.54 16.16
N GLN B 295 -5.50 12.91 15.73
CA GLN B 295 -6.04 13.15 14.40
C GLN B 295 -6.37 14.62 14.20
N LYS B 296 -6.98 15.23 15.21
CA LYS B 296 -7.42 16.62 15.09
C LYS B 296 -6.23 17.58 15.04
N LYS B 297 -5.13 17.22 15.69
CA LYS B 297 -3.93 18.05 15.66
C LYS B 297 -3.40 18.18 14.24
N TYR B 298 -3.30 17.05 13.55
CA TYR B 298 -2.75 17.01 12.21
C TYR B 298 -3.76 17.52 11.18
N LEU B 299 -5.03 17.38 11.49
CA LEU B 299 -6.09 17.89 10.62
C LEU B 299 -6.02 19.41 10.54
N ASP B 300 -5.71 20.05 11.66
CA ASP B 300 -5.52 21.50 11.70
C ASP B 300 -4.35 21.92 10.83
N GLN B 301 -3.31 21.10 10.83
CA GLN B 301 -2.12 21.37 10.02
C GLN B 301 -2.43 21.17 8.55
N ILE B 302 -3.14 20.09 8.23
CA ILE B 302 -3.58 19.83 6.87
C ILE B 302 -4.43 20.99 6.37
N ASP B 303 -5.39 21.41 7.19
CA ASP B 303 -6.28 22.52 6.83
C ASP B 303 -5.50 23.80 6.56
N GLU B 304 -4.43 24.05 7.31
CA GLU B 304 -3.66 25.28 7.14
C GLU B 304 -2.89 25.26 5.83
N LEU B 305 -2.13 24.20 5.60
CA LEU B 305 -1.25 24.13 4.43
C LEU B 305 -2.03 24.07 3.13
N TYR B 306 -3.09 23.25 3.11
CA TYR B 306 -3.81 22.95 1.88
C TYR B 306 -5.10 23.77 1.77
N GLU B 307 -4.99 25.07 2.00
CA GLU B 307 -6.15 25.96 1.89
C GLU B 307 -6.58 26.13 0.43
N ASP B 308 -5.67 25.83 -0.49
CA ASP B 308 -5.94 25.96 -1.92
C ASP B 308 -6.56 24.69 -2.50
N PHE B 309 -6.72 23.66 -1.66
CA PHE B 309 -7.20 22.36 -2.10
C PHE B 309 -8.60 22.06 -1.57
N HIS B 310 -9.33 21.22 -2.29
CA HIS B 310 -10.52 20.60 -1.73
C HIS B 310 -10.08 19.57 -0.71
N VAL B 311 -10.30 19.85 0.57
CA VAL B 311 -9.96 18.89 1.63
C VAL B 311 -11.22 18.19 2.08
N VAL B 312 -11.35 16.93 1.69
CA VAL B 312 -12.57 16.16 1.90
C VAL B 312 -12.39 15.19 3.05
N LYS B 313 -13.17 15.42 4.12
CA LYS B 313 -13.03 14.65 5.35
C LYS B 313 -14.04 13.50 5.38
N MET B 314 -13.53 12.28 5.50
CA MET B 314 -14.36 11.08 5.48
C MET B 314 -14.24 10.32 6.80
N PRO B 315 -15.37 9.83 7.34
CA PRO B 315 -15.35 9.17 8.64
C PRO B 315 -14.89 7.72 8.61
N LEU B 316 -14.33 7.26 9.72
CA LEU B 316 -14.10 5.83 9.93
C LEU B 316 -15.43 5.16 10.25
N CYS B 317 -15.79 4.15 9.46
CA CYS B 317 -17.03 3.42 9.65
C CYS B 317 -16.79 2.17 10.48
N ALA B 318 -17.82 1.73 11.19
CA ALA B 318 -17.72 0.53 12.01
C ALA B 318 -17.86 -0.73 11.14
N GLY B 319 -18.68 -0.64 10.10
CA GLY B 319 -18.92 -1.75 9.21
C GLY B 319 -17.91 -1.82 8.08
N GLU B 320 -18.10 -2.81 7.20
CA GLU B 320 -17.19 -3.02 6.08
C GLU B 320 -17.68 -2.31 4.84
N ILE B 321 -16.82 -1.48 4.25
CA ILE B 321 -17.16 -0.75 3.04
C ILE B 321 -16.84 -1.60 1.82
N ARG B 322 -17.75 -2.52 1.50
CA ARG B 322 -17.61 -3.38 0.34
C ARG B 322 -18.96 -3.74 -0.24
N GLY B 323 -18.98 -4.03 -1.53
CA GLY B 323 -20.22 -4.24 -2.25
C GLY B 323 -20.74 -2.89 -2.72
N LEU B 324 -21.49 -2.91 -3.82
CA LEU B 324 -21.96 -1.67 -4.44
C LEU B 324 -22.79 -0.81 -3.48
N ASN B 325 -23.66 -1.45 -2.71
CA ASN B 325 -24.55 -0.73 -1.80
C ASN B 325 -23.79 0.08 -0.74
N ASN B 326 -22.86 -0.57 -0.05
CA ASN B 326 -22.10 0.10 1.00
C ASN B 326 -21.12 1.14 0.42
N LEU B 327 -20.54 0.82 -0.73
CA LEU B 327 -19.63 1.74 -1.40
C LEU B 327 -20.37 3.00 -1.84
N THR B 328 -21.59 2.81 -2.35
CA THR B 328 -22.41 3.92 -2.80
C THR B 328 -22.79 4.84 -1.64
N LYS B 329 -23.19 4.24 -0.52
CA LYS B 329 -23.60 5.02 0.64
C LYS B 329 -22.42 5.84 1.19
N PHE B 330 -21.25 5.22 1.24
CA PHE B 330 -20.04 5.90 1.69
C PHE B 330 -19.66 7.03 0.73
N SER B 331 -19.83 6.78 -0.57
CA SER B 331 -19.38 7.70 -1.61
C SER B 331 -20.15 9.02 -1.62
N GLN B 332 -21.34 9.02 -1.02
CA GLN B 332 -22.18 10.21 -1.01
C GLN B 332 -21.49 11.38 -0.31
N PHE B 333 -20.60 11.06 0.62
CA PHE B 333 -19.94 12.08 1.42
C PHE B 333 -18.74 12.68 0.72
N LEU B 334 -18.46 12.20 -0.49
CA LEU B 334 -17.49 12.86 -1.38
C LEU B 334 -18.18 13.99 -2.14
N ASN B 335 -19.49 13.88 -2.31
CA ASN B 335 -20.28 14.84 -3.07
C ASN B 335 -20.82 15.95 -2.17
N LYS B 336 -21.42 15.56 -1.05
CA LYS B 336 -21.86 16.49 -0.03
C LYS B 336 -21.20 16.14 1.30
N GLU B 337 -20.42 17.09 1.83
CA GLU B 337 -19.54 16.82 2.97
C GLU B 337 -20.24 16.18 4.18
N TYR B 338 -19.53 15.27 4.82
CA TYR B 338 -20.02 14.54 5.98
C TYR B 338 -20.14 15.42 7.22
N ASN B 339 -21.30 15.37 7.87
CA ASN B 339 -21.55 16.11 9.11
C ASN B 339 -21.69 15.12 10.28
N PRO B 340 -20.67 15.06 11.16
CA PRO B 340 -20.65 14.05 12.23
C PRO B 340 -21.90 14.06 13.12
N ILE B 341 -22.52 15.22 13.29
CA ILE B 341 -23.70 15.34 14.15
C ILE B 341 -24.96 14.89 13.39
N THR B 342 -25.06 15.32 12.15
CA THR B 342 -26.24 15.02 11.33
C THR B 342 -26.19 13.60 10.76
N ASP B 343 -25.07 13.26 10.13
CA ASP B 343 -24.93 12.00 9.40
C ASP B 343 -24.19 10.94 10.22
N GLY B 344 -24.14 11.15 11.53
CA GLY B 344 -23.36 10.29 12.41
C GLY B 344 -23.78 8.83 12.44
N LYS B 345 -25.07 8.59 12.26
CA LYS B 345 -25.62 7.24 12.39
C LYS B 345 -25.22 6.33 11.24
N VAL B 346 -24.80 6.91 10.12
CA VAL B 346 -24.55 6.13 8.91
C VAL B 346 -23.30 5.27 9.03
N ILE B 347 -22.42 5.59 9.97
CA ILE B 347 -21.21 4.80 10.18
C ILE B 347 -21.55 3.43 10.75
N TYR B 348 -22.79 3.28 11.21
CA TYR B 348 -23.28 2.02 11.79
C TYR B 348 -24.34 1.36 10.91
N GLU B 349 -24.71 2.02 9.81
CA GLU B 349 -25.81 1.56 8.98
C GLU B 349 -25.36 0.90 7.68
N LEU B 350 -24.12 0.41 7.66
CA LEU B 350 -23.61 -0.33 6.50
C LEU B 350 -24.05 -1.79 6.59
N GLU B 351 -24.33 -2.39 5.43
CA GLU B 351 -24.77 -3.78 5.37
C GLU B 351 -23.75 -4.76 5.96
N ASP B 352 -24.27 -5.86 6.50
CA ASP B 352 -23.44 -6.96 6.97
C ASP B 352 -24.00 -8.28 6.42
N LYS B 353 -23.81 -8.46 5.13
CA LYS B 353 -24.29 -9.63 4.39
C LYS B 353 -23.15 -10.46 3.81
N GLU C 4 13.58 26.31 24.67
CA GLU C 4 14.73 25.44 24.53
C GLU C 4 15.08 25.23 23.05
N VAL C 5 14.21 25.69 22.16
CA VAL C 5 14.49 25.68 20.73
C VAL C 5 15.48 26.79 20.37
N GLN C 6 16.60 26.43 19.75
CA GLN C 6 17.57 27.42 19.30
C GLN C 6 18.17 27.08 17.93
N LEU C 7 18.57 28.13 17.23
CA LEU C 7 19.40 28.03 16.04
C LEU C 7 20.64 28.90 16.23
N VAL C 8 21.80 28.35 15.91
CA VAL C 8 23.06 29.10 16.04
C VAL C 8 23.87 29.02 14.75
N GLU C 9 24.08 30.17 14.12
CA GLU C 9 24.91 30.23 12.92
C GLU C 9 26.38 30.34 13.30
N SER C 10 27.23 29.80 12.43
CA SER C 10 28.67 29.97 12.54
C SER C 10 29.29 29.91 11.15
N GLY C 11 30.54 30.33 11.04
CA GLY C 11 31.29 30.26 9.80
C GLY C 11 31.57 31.61 9.18
N GLY C 12 30.88 32.64 9.66
CA GLY C 12 31.05 33.97 9.11
C GLY C 12 32.49 34.47 9.25
N GLY C 13 32.94 35.22 8.25
CA GLY C 13 34.28 35.76 8.26
C GLY C 13 34.58 36.57 7.01
N LEU C 14 35.86 36.88 6.82
CA LEU C 14 36.30 37.66 5.67
C LEU C 14 36.85 36.75 4.58
N VAL C 15 36.34 36.91 3.37
CA VAL C 15 36.87 36.21 2.21
C VAL C 15 36.99 37.18 1.04
N GLN C 16 37.78 36.82 0.04
CA GLN C 16 38.00 37.68 -1.11
C GLN C 16 37.02 37.32 -2.22
N PRO C 17 36.76 38.27 -3.14
CA PRO C 17 35.90 37.99 -4.29
C PRO C 17 36.38 36.78 -5.07
N GLY C 18 35.45 35.91 -5.45
CA GLY C 18 35.78 34.69 -6.16
C GLY C 18 36.03 33.53 -5.22
N GLY C 19 36.04 33.82 -3.92
CA GLY C 19 36.36 32.82 -2.91
C GLY C 19 35.14 32.09 -2.37
N SER C 20 35.40 31.06 -1.57
CA SER C 20 34.34 30.24 -0.98
C SER C 20 34.25 30.42 0.52
N LEU C 21 33.09 30.10 1.09
CA LEU C 21 32.89 30.13 2.53
C LEU C 21 31.72 29.23 2.91
N ARG C 22 31.91 28.43 3.96
CA ARG C 22 30.90 27.49 4.43
C ARG C 22 30.30 27.92 5.76
N LEU C 23 29.00 28.14 5.77
CA LEU C 23 28.28 28.48 6.99
C LEU C 23 27.58 27.25 7.56
N SER C 24 27.45 27.21 8.89
CA SER C 24 26.74 26.13 9.57
C SER C 24 25.58 26.71 10.41
N CYS C 25 24.52 25.93 10.56
CA CYS C 25 23.39 26.30 11.41
C CYS C 25 23.04 25.13 12.33
N ALA C 26 23.50 25.22 13.57
CA ALA C 26 23.31 24.15 14.55
C ALA C 26 21.97 24.29 15.25
N ALA C 27 21.15 23.25 15.16
CA ALA C 27 19.84 23.25 15.79
C ALA C 27 19.85 22.46 17.08
N SER C 28 19.06 22.92 18.04
CA SER C 28 18.84 22.20 19.29
C SER C 28 17.44 22.47 19.82
N GLY C 29 16.87 21.48 20.53
CA GLY C 29 15.53 21.60 21.06
C GLY C 29 14.47 21.02 20.14
N PHE C 30 14.86 20.68 18.91
CA PHE C 30 13.96 20.04 17.96
C PHE C 30 14.74 19.20 16.96
N ASN C 31 14.06 18.23 16.36
CA ASN C 31 14.67 17.39 15.32
C ASN C 31 14.48 18.06 13.96
N LEU C 32 15.59 18.53 13.40
CA LEU C 32 15.57 19.32 12.17
C LEU C 32 15.12 18.52 10.94
N TYR C 33 15.07 17.20 11.07
CA TYR C 33 14.60 16.35 9.98
C TYR C 33 13.16 16.65 9.61
N TYR C 34 12.33 16.91 10.61
CA TYR C 34 10.90 17.09 10.42
C TYR C 34 10.48 18.54 10.15
N TYR C 35 11.48 19.41 9.99
CA TYR C 35 11.22 20.83 9.75
C TYR C 35 11.91 21.31 8.49
N SER C 36 11.68 22.56 8.11
CA SER C 36 12.42 23.18 7.03
C SER C 36 13.37 24.23 7.60
N ILE C 37 14.52 24.39 6.96
CA ILE C 37 15.50 25.37 7.38
C ILE C 37 15.80 26.29 6.22
N HIS C 38 15.96 27.57 6.53
CA HIS C 38 16.03 28.61 5.52
C HIS C 38 17.15 29.58 5.85
N TRP C 39 17.88 30.01 4.83
CA TRP C 39 18.88 31.04 4.99
C TRP C 39 18.35 32.36 4.45
N VAL C 40 18.43 33.40 5.28
CA VAL C 40 17.98 34.74 4.93
C VAL C 40 19.10 35.70 5.30
N ARG C 41 19.50 36.54 4.34
CA ARG C 41 20.60 37.47 4.57
C ARG C 41 20.15 38.92 4.56
N GLN C 42 21.00 39.78 5.10
CA GLN C 42 20.68 41.19 5.24
C GLN C 42 21.94 42.03 5.06
N ALA C 43 22.04 42.68 3.90
CA ALA C 43 23.19 43.52 3.61
C ALA C 43 23.15 44.75 4.51
N PRO C 44 24.30 45.39 4.72
CA PRO C 44 24.36 46.56 5.62
C PRO C 44 23.37 47.65 5.20
N GLY C 45 22.42 47.96 6.07
CA GLY C 45 21.46 49.02 5.83
C GLY C 45 20.30 48.63 4.92
N LYS C 46 20.24 47.37 4.52
CA LYS C 46 19.21 46.91 3.59
C LYS C 46 18.19 46.00 4.27
N GLY C 47 17.23 45.52 3.50
CA GLY C 47 16.18 44.67 4.01
C GLY C 47 16.53 43.20 3.97
N LEU C 48 15.55 42.35 4.26
CA LEU C 48 15.75 40.91 4.29
C LEU C 48 15.66 40.29 2.89
N GLU C 49 16.61 39.43 2.58
CA GLU C 49 16.62 38.69 1.32
C GLU C 49 16.79 37.20 1.55
N TRP C 50 15.73 36.44 1.26
CA TRP C 50 15.82 34.99 1.29
C TRP C 50 16.79 34.51 0.23
N VAL C 51 17.60 33.50 0.56
CA VAL C 51 18.56 32.96 -0.40
C VAL C 51 18.41 31.45 -0.62
N ALA C 52 18.00 30.69 0.38
CA ALA C 52 17.88 29.24 0.21
C ALA C 52 16.98 28.56 1.24
N SER C 53 16.38 27.45 0.81
CA SER C 53 15.53 26.63 1.67
C SER C 53 15.90 25.14 1.51
N ILE C 54 15.76 24.37 2.58
CA ILE C 54 15.88 22.91 2.52
C ILE C 54 14.84 22.22 3.39
N SER C 55 14.31 21.12 2.86
CA SER C 55 13.41 20.25 3.61
C SER C 55 14.07 18.88 3.72
N PRO C 56 14.78 18.61 4.83
CA PRO C 56 15.52 17.35 4.98
C PRO C 56 14.65 16.11 4.84
N TYR C 57 13.35 16.24 5.10
CA TYR C 57 12.45 15.10 5.03
C TYR C 57 12.12 14.70 3.59
N SER C 58 12.49 15.55 2.63
CA SER C 58 12.09 15.35 1.24
C SER C 58 13.24 15.57 0.24
N SER C 59 14.42 15.91 0.75
CA SER C 59 15.60 16.14 -0.08
C SER C 59 15.52 17.43 -0.90
N SER C 60 14.36 18.08 -0.90
CA SER C 60 14.14 19.23 -1.78
C SER C 60 14.86 20.49 -1.32
N THR C 61 15.38 21.24 -2.28
CA THR C 61 16.04 22.51 -2.02
C THR C 61 15.52 23.56 -2.99
N SER C 62 15.68 24.83 -2.64
CA SER C 62 15.36 25.93 -3.56
C SER C 62 16.26 27.12 -3.26
N TYR C 63 16.48 27.96 -4.27
CA TYR C 63 17.40 29.08 -4.15
C TYR C 63 16.84 30.34 -4.80
N ALA C 64 17.26 31.49 -4.26
CA ALA C 64 17.02 32.76 -4.93
C ALA C 64 17.87 32.81 -6.20
N ASP C 65 17.34 33.42 -7.25
CA ASP C 65 18.06 33.56 -8.50
C ASP C 65 19.39 34.29 -8.33
N SER C 66 19.49 35.09 -7.28
CA SER C 66 20.70 35.89 -7.04
C SER C 66 21.90 35.04 -6.64
N VAL C 67 21.65 33.84 -6.10
CA VAL C 67 22.72 32.96 -5.63
C VAL C 67 22.73 31.61 -6.36
N LYS C 68 21.82 31.44 -7.33
CA LYS C 68 21.69 30.18 -8.04
C LYS C 68 22.97 29.78 -8.74
N GLY C 69 23.38 28.52 -8.55
CA GLY C 69 24.59 28.00 -9.19
C GLY C 69 25.85 28.30 -8.40
N ARG C 70 25.72 29.13 -7.37
CA ARG C 70 26.87 29.53 -6.55
C ARG C 70 26.74 29.02 -5.11
N PHE C 71 25.51 28.97 -4.61
CA PHE C 71 25.26 28.52 -3.24
C PHE C 71 24.66 27.12 -3.24
N THR C 72 24.99 26.35 -2.21
CA THR C 72 24.41 25.03 -2.01
C THR C 72 23.99 24.89 -0.55
N ILE C 73 22.72 24.56 -0.34
CA ILE C 73 22.20 24.33 1.01
C ILE C 73 22.12 22.82 1.25
N SER C 74 22.45 22.39 2.46
CA SER C 74 22.47 20.98 2.80
C SER C 74 22.18 20.79 4.29
N ALA C 75 22.02 19.53 4.69
CA ALA C 75 21.70 19.20 6.08
C ALA C 75 22.31 17.86 6.50
N ASP C 76 22.86 17.84 7.70
CA ASP C 76 23.33 16.61 8.33
C ASP C 76 22.46 16.34 9.55
N THR C 77 21.51 15.42 9.41
CA THR C 77 20.56 15.14 10.49
C THR C 77 21.25 14.45 11.66
N SER C 78 22.34 13.74 11.39
CA SER C 78 23.10 13.09 12.45
C SER C 78 23.66 14.13 13.41
N LYS C 79 23.98 15.31 12.88
CA LYS C 79 24.55 16.40 13.67
C LYS C 79 23.50 17.46 13.98
N ASN C 80 22.30 17.28 13.46
CA ASN C 80 21.21 18.23 13.65
C ASN C 80 21.65 19.62 13.20
N THR C 81 22.34 19.66 12.06
CA THR C 81 22.94 20.89 11.55
C THR C 81 22.67 21.07 10.07
N ALA C 82 22.40 22.31 9.66
CA ALA C 82 22.27 22.65 8.25
C ALA C 82 23.46 23.52 7.84
N TYR C 83 23.74 23.54 6.53
CA TYR C 83 24.90 24.26 6.01
C TYR C 83 24.55 25.10 4.79
N LEU C 84 25.32 26.16 4.57
CA LEU C 84 25.27 26.92 3.33
C LEU C 84 26.67 27.03 2.75
N GLN C 85 26.92 26.31 1.66
CA GLN C 85 28.20 26.35 0.98
C GLN C 85 28.16 27.43 -0.11
N MET C 86 28.91 28.50 0.12
CA MET C 86 28.91 29.64 -0.79
C MET C 86 30.18 29.66 -1.62
N ASN C 87 30.02 29.65 -2.95
CA ASN C 87 31.14 29.71 -3.87
C ASN C 87 31.08 30.95 -4.75
N SER C 88 32.21 31.31 -5.35
CA SER C 88 32.29 32.46 -6.27
C SER C 88 31.64 33.70 -5.66
N LEU C 89 31.97 33.99 -4.41
CA LEU C 89 31.37 35.11 -3.68
C LEU C 89 31.76 36.46 -4.29
N ARG C 90 30.89 37.44 -4.11
CA ARG C 90 31.13 38.80 -4.60
C ARG C 90 30.85 39.81 -3.50
N ALA C 91 31.26 41.06 -3.74
CA ALA C 91 31.08 42.13 -2.77
C ALA C 91 29.62 42.28 -2.35
N GLU C 92 28.71 42.11 -3.31
CA GLU C 92 27.28 42.30 -3.05
C GLU C 92 26.67 41.14 -2.24
N ASP C 93 27.50 40.13 -1.92
CA ASP C 93 27.06 39.05 -1.04
C ASP C 93 27.36 39.37 0.44
N THR C 94 28.03 40.50 0.68
CA THR C 94 28.34 40.93 2.03
C THR C 94 27.06 41.19 2.81
N ALA C 95 26.90 40.52 3.94
CA ALA C 95 25.67 40.60 4.71
C ALA C 95 25.77 39.83 6.03
N VAL C 96 24.80 40.06 6.89
CA VAL C 96 24.55 39.18 8.03
C VAL C 96 23.68 38.04 7.53
N TYR C 97 24.13 36.80 7.77
CA TYR C 97 23.40 35.63 7.31
C TYR C 97 22.69 34.94 8.47
N TYR C 98 21.35 34.93 8.40
CA TYR C 98 20.52 34.25 9.40
C TYR C 98 20.10 32.88 8.87
N CYS C 99 19.98 31.90 9.78
CA CYS C 99 19.26 30.68 9.47
C CYS C 99 17.98 30.67 10.31
N ALA C 100 16.90 30.14 9.74
CA ALA C 100 15.60 30.19 10.38
C ALA C 100 14.79 28.94 10.08
N ARG C 101 13.86 28.62 10.99
CA ARG C 101 13.08 27.38 10.90
C ARG C 101 11.67 27.62 10.40
N GLY C 102 11.21 26.74 9.50
CA GLY C 102 9.83 26.70 9.09
C GLY C 102 9.26 25.32 9.37
N ARG C 103 7.95 25.17 9.20
CA ARG C 103 7.28 23.89 9.41
C ARG C 103 6.74 23.37 8.09
N TRP C 104 6.55 22.05 8.00
CA TRP C 104 6.12 21.44 6.75
C TRP C 104 4.76 21.99 6.32
N TYR C 105 3.94 22.35 7.29
CA TYR C 105 2.61 22.88 7.02
C TYR C 105 2.54 24.40 7.10
N ARG C 106 3.66 25.04 7.40
CA ARG C 106 3.70 26.50 7.55
C ARG C 106 5.09 27.06 7.27
N ARG C 107 5.25 27.66 6.10
CA ARG C 107 6.54 28.20 5.67
C ARG C 107 6.72 29.63 6.17
N ALA C 108 6.30 29.88 7.42
CA ALA C 108 6.65 31.09 8.15
C ALA C 108 7.84 30.77 9.04
N LEU C 109 8.66 31.76 9.32
CA LEU C 109 9.91 31.53 10.05
C LEU C 109 9.78 31.90 11.53
N ASP C 110 9.59 30.89 12.38
CA ASP C 110 9.26 31.14 13.79
C ASP C 110 10.49 31.27 14.68
N TYR C 111 11.56 30.52 14.39
CA TYR C 111 12.80 30.63 15.15
C TYR C 111 13.95 31.04 14.25
N TRP C 112 14.70 32.03 14.70
CA TRP C 112 15.86 32.56 13.98
C TRP C 112 17.10 32.47 14.84
N GLY C 113 18.26 32.35 14.20
CA GLY C 113 19.53 32.51 14.88
C GLY C 113 19.86 33.99 14.93
N GLN C 114 20.97 34.29 15.62
N GLN C 114 20.94 34.36 15.61
CA GLN C 114 21.43 35.67 15.81
CA GLN C 114 21.29 35.78 15.72
C GLN C 114 22.15 36.22 14.58
C GLN C 114 22.23 36.22 14.60
N GLY C 115 22.50 35.32 13.66
CA GLY C 115 23.19 35.67 12.44
C GLY C 115 24.71 35.63 12.54
N THR C 116 25.35 35.45 11.40
CA THR C 116 26.81 35.44 11.32
C THR C 116 27.23 36.34 10.16
N LEU C 117 28.23 37.19 10.40
CA LEU C 117 28.63 38.20 9.43
C LEU C 117 29.56 37.63 8.36
N VAL C 118 29.23 37.93 7.10
CA VAL C 118 30.07 37.56 5.98
C VAL C 118 30.50 38.82 5.24
N THR C 119 31.81 39.01 5.13
CA THR C 119 32.35 40.17 4.41
C THR C 119 33.16 39.68 3.22
N VAL C 120 32.80 40.19 2.03
CA VAL C 120 33.50 39.84 0.81
C VAL C 120 34.23 41.07 0.28
N SER C 121 35.56 41.05 0.35
CA SER C 121 36.35 42.21 -0.03
C SER C 121 37.80 41.84 -0.32
N SER C 122 38.40 42.58 -1.25
CA SER C 122 39.82 42.42 -1.56
C SER C 122 40.69 43.20 -0.59
N ALA C 123 40.06 43.99 0.26
CA ALA C 123 40.78 44.84 1.22
C ALA C 123 41.53 43.99 2.24
N SER C 124 42.75 44.43 2.56
CA SER C 124 43.57 43.75 3.54
C SER C 124 43.28 44.30 4.93
N THR C 125 43.32 43.43 5.93
CA THR C 125 43.10 43.83 7.31
C THR C 125 44.07 44.93 7.73
N LYS C 126 43.54 46.03 8.27
CA LYS C 126 44.35 47.19 8.64
C LYS C 126 43.72 47.95 9.80
N GLY C 127 44.58 48.45 10.70
CA GLY C 127 44.11 49.21 11.84
C GLY C 127 43.98 50.69 11.52
N PRO C 128 43.11 51.41 12.24
CA PRO C 128 42.82 52.81 11.94
C PRO C 128 43.89 53.79 12.40
N SER C 129 43.92 54.95 11.75
CA SER C 129 44.62 56.12 12.26
C SER C 129 43.62 57.01 12.96
N VAL C 130 43.96 57.49 14.15
CA VAL C 130 43.05 58.31 14.95
C VAL C 130 43.51 59.76 14.96
N PHE C 131 42.69 60.65 14.41
CA PHE C 131 43.02 62.07 14.31
C PHE C 131 42.05 62.89 15.15
N PRO C 132 42.53 64.02 15.70
CA PRO C 132 41.70 64.84 16.57
C PRO C 132 40.77 65.79 15.82
N LEU C 133 39.53 65.90 16.28
CA LEU C 133 38.62 66.94 15.82
C LEU C 133 38.55 67.99 16.92
N ALA C 134 39.54 68.88 16.94
CA ALA C 134 39.75 69.80 18.05
C ALA C 134 38.61 70.82 18.17
N PRO C 135 38.31 71.23 19.41
CA PRO C 135 37.27 72.25 19.61
C PRO C 135 37.65 73.57 18.95
N SER C 136 36.69 74.19 18.26
CA SER C 136 36.95 75.40 17.50
C SER C 136 37.35 76.55 18.43
N SER C 137 38.14 77.47 17.91
CA SER C 137 38.63 78.61 18.68
C SER C 137 37.49 79.54 19.07
N GLY C 143 28.77 78.92 26.29
CA GLY C 143 27.99 78.22 25.30
C GLY C 143 28.35 76.74 25.23
N THR C 144 28.14 76.14 24.06
CA THR C 144 28.46 74.74 23.83
C THR C 144 29.55 74.60 22.78
N ALA C 145 30.47 73.68 23.00
CA ALA C 145 31.56 73.41 22.07
C ALA C 145 31.54 71.94 21.64
N ALA C 146 31.96 71.70 20.40
CA ALA C 146 32.01 70.34 19.85
C ALA C 146 33.44 69.91 19.57
N LEU C 147 33.72 68.65 19.85
CA LEU C 147 35.02 68.05 19.55
C LEU C 147 34.84 66.56 19.28
N GLY C 148 35.89 65.88 18.83
CA GLY C 148 35.77 64.47 18.52
C GLY C 148 37.04 63.82 18.00
N CYS C 149 36.88 62.63 17.44
CA CYS C 149 37.99 61.88 16.86
C CYS C 149 37.60 61.28 15.51
N LEU C 150 38.46 61.47 14.51
CA LEU C 150 38.27 60.85 13.21
C LEU C 150 39.02 59.52 13.15
N VAL C 151 38.28 58.43 13.09
CA VAL C 151 38.86 57.09 13.03
C VAL C 151 38.86 56.62 11.57
N LYS C 152 40.01 56.72 10.92
CA LYS C 152 40.09 56.64 9.46
C LYS C 152 40.87 55.44 8.94
N ASP C 153 40.38 54.88 7.84
CA ASP C 153 41.09 53.86 7.05
C ASP C 153 41.45 52.61 7.85
N TYR C 154 40.43 51.84 8.22
CA TYR C 154 40.64 50.55 8.86
C TYR C 154 39.83 49.48 8.13
N PHE C 155 40.20 48.23 8.36
CA PHE C 155 39.46 47.11 7.77
C PHE C 155 39.79 45.82 8.53
N PRO C 156 38.78 44.96 8.75
CA PRO C 156 37.35 45.13 8.48
C PRO C 156 36.64 45.72 9.69
N GLU C 157 35.31 45.75 9.66
CA GLU C 157 34.55 46.12 10.85
C GLU C 157 34.78 45.08 11.94
N PRO C 158 34.51 45.42 13.22
CA PRO C 158 34.03 46.70 13.74
C PRO C 158 35.11 47.49 14.49
N VAL C 159 34.79 48.74 14.82
CA VAL C 159 35.61 49.55 15.70
C VAL C 159 34.77 50.00 16.89
N THR C 160 35.35 49.94 18.09
CA THR C 160 34.71 50.47 19.29
C THR C 160 35.44 51.72 19.74
N VAL C 161 34.69 52.74 20.10
CA VAL C 161 35.27 53.99 20.60
C VAL C 161 34.68 54.35 21.95
N SER C 162 35.53 54.85 22.84
CA SER C 162 35.11 55.32 24.15
C SER C 162 35.59 56.75 24.36
N TRP C 163 35.12 57.38 25.42
CA TRP C 163 35.57 58.71 25.79
C TRP C 163 35.90 58.77 27.27
N ASN C 164 37.15 59.11 27.56
CA ASN C 164 37.67 59.12 28.93
C ASN C 164 37.50 57.74 29.58
N SER C 165 37.67 56.69 28.78
CA SER C 165 37.62 55.32 29.26
C SER C 165 36.32 54.99 29.97
N GLY C 166 35.24 55.66 29.55
CA GLY C 166 33.91 55.38 30.07
C GLY C 166 33.33 56.47 30.95
N ALA C 167 34.18 57.42 31.34
CA ALA C 167 33.74 58.51 32.23
C ALA C 167 32.80 59.47 31.51
N LEU C 168 33.13 59.80 30.27
CA LEU C 168 32.34 60.72 29.46
C LEU C 168 31.42 59.95 28.52
N THR C 169 30.12 59.95 28.82
CA THR C 169 29.14 59.18 28.05
C THR C 169 28.03 60.07 27.50
N SER C 170 27.68 61.12 28.24
CA SER C 170 26.60 62.01 27.84
C SER C 170 27.01 62.93 26.71
N GLY C 171 26.16 63.00 25.68
CA GLY C 171 26.37 63.89 24.55
C GLY C 171 27.25 63.29 23.47
N VAL C 172 27.64 62.04 23.64
CA VAL C 172 28.53 61.37 22.70
C VAL C 172 27.75 60.76 21.53
N HIS C 173 28.20 61.05 20.32
CA HIS C 173 27.64 60.45 19.11
C HIS C 173 28.72 59.80 18.28
N THR C 174 28.72 58.46 18.27
CA THR C 174 29.63 57.69 17.43
C THR C 174 28.88 57.24 16.18
N PHE C 175 29.28 57.79 15.04
CA PHE C 175 28.58 57.54 13.79
C PHE C 175 28.88 56.16 13.21
N PRO C 176 27.90 55.55 12.53
CA PRO C 176 28.18 54.31 11.79
C PRO C 176 29.28 54.48 10.76
N ALA C 177 30.10 53.46 10.58
CA ALA C 177 31.20 53.52 9.62
C ALA C 177 30.67 53.67 8.20
N VAL C 178 31.46 54.33 7.37
CA VAL C 178 31.18 54.43 5.94
C VAL C 178 32.29 53.72 5.17
N LEU C 179 31.90 52.89 4.21
CA LEU C 179 32.85 52.22 3.34
C LEU C 179 33.33 53.19 2.27
N GLN C 180 34.63 53.47 2.27
CA GLN C 180 35.22 54.40 1.32
C GLN C 180 35.53 53.69 0.01
N SER C 181 35.82 54.46 -1.03
CA SER C 181 36.14 53.91 -2.35
C SER C 181 37.38 53.02 -2.29
N SER C 182 38.23 53.27 -1.31
CA SER C 182 39.46 52.49 -1.13
C SER C 182 39.18 51.07 -0.68
N GLY C 183 38.00 50.86 -0.09
CA GLY C 183 37.64 49.58 0.49
C GLY C 183 37.82 49.56 1.99
N LEU C 184 38.30 50.68 2.54
CA LEU C 184 38.51 50.82 3.97
C LEU C 184 37.35 51.58 4.60
N TYR C 185 37.13 51.36 5.90
CA TYR C 185 36.07 52.05 6.63
C TYR C 185 36.59 53.29 7.34
N SER C 186 35.68 54.24 7.57
CA SER C 186 36.00 55.44 8.34
C SER C 186 34.77 55.87 9.14
N LEU C 187 34.99 56.41 10.33
CA LEU C 187 33.92 56.99 11.13
C LEU C 187 34.45 58.11 12.01
N SER C 188 33.54 58.93 12.51
CA SER C 188 33.88 59.96 13.48
C SER C 188 33.06 59.76 14.75
N SER C 189 33.68 60.06 15.87
CA SER C 189 33.00 60.05 17.16
C SER C 189 33.15 61.43 17.78
N VAL C 190 32.01 62.06 18.07
CA VAL C 190 31.98 63.43 18.58
C VAL C 190 31.29 63.52 19.93
N VAL C 191 31.52 64.64 20.62
CA VAL C 191 30.84 64.93 21.87
C VAL C 191 30.75 66.44 22.04
N THR C 192 29.63 66.90 22.61
CA THR C 192 29.45 68.31 22.91
C THR C 192 29.62 68.53 24.41
N VAL C 193 30.40 69.54 24.76
CA VAL C 193 30.73 69.83 26.16
C VAL C 193 30.67 71.33 26.41
N PRO C 194 30.68 71.75 27.68
CA PRO C 194 30.69 73.19 27.98
C PRO C 194 31.90 73.90 27.42
N SER C 195 31.71 75.09 26.87
CA SER C 195 32.81 75.86 26.30
C SER C 195 33.81 76.25 27.39
N SER C 196 33.34 76.32 28.64
CA SER C 196 34.16 76.74 29.76
C SER C 196 35.11 75.63 30.21
N SER C 197 34.78 74.39 29.86
CA SER C 197 35.56 73.23 30.30
C SER C 197 36.83 73.02 29.47
N LEU C 198 36.89 73.66 28.30
CA LEU C 198 37.97 73.43 27.35
C LEU C 198 39.36 73.70 27.94
N GLY C 199 39.46 74.74 28.76
CA GLY C 199 40.72 75.09 29.39
C GLY C 199 41.05 74.18 30.57
N THR C 200 40.01 73.76 31.28
CA THR C 200 40.18 72.97 32.51
C THR C 200 40.14 71.46 32.25
N GLN C 201 39.12 71.02 31.50
CA GLN C 201 38.84 69.59 31.35
C GLN C 201 39.66 68.94 30.23
N THR C 202 40.00 67.67 30.44
CA THR C 202 40.76 66.87 29.48
C THR C 202 39.86 65.81 28.84
N TYR C 203 39.92 65.69 27.52
CA TYR C 203 39.10 64.74 26.78
C TYR C 203 39.95 63.81 25.92
N ILE C 204 39.80 62.52 26.15
CA ILE C 204 40.52 61.50 25.39
C ILE C 204 39.55 60.48 24.80
N CYS C 205 39.71 60.18 23.51
CA CYS C 205 38.94 59.13 22.86
C CYS C 205 39.77 57.85 22.82
N ASN C 206 39.16 56.74 23.23
CA ASN C 206 39.84 55.45 23.28
C ASN C 206 39.33 54.52 22.18
N VAL C 207 40.16 54.32 21.16
CA VAL C 207 39.77 53.54 19.99
C VAL C 207 40.37 52.13 20.04
N ASN C 208 39.54 51.13 19.75
CA ASN C 208 39.95 49.73 19.78
C ASN C 208 39.53 48.97 18.53
N HIS C 209 40.52 48.53 17.74
CA HIS C 209 40.28 47.72 16.57
C HIS C 209 40.87 46.32 16.78
N LYS C 210 40.08 45.45 17.39
CA LYS C 210 40.52 44.10 17.76
C LYS C 210 40.99 43.23 16.59
N PRO C 211 40.25 43.22 15.47
CA PRO C 211 40.69 42.34 14.37
C PRO C 211 42.06 42.71 13.80
N SER C 212 42.65 43.81 14.26
CA SER C 212 44.03 44.16 13.94
C SER C 212 44.84 44.28 15.24
N ASN C 213 44.15 44.13 16.37
CA ASN C 213 44.77 44.26 17.69
C ASN C 213 45.44 45.62 17.88
N THR C 214 44.75 46.66 17.41
CA THR C 214 45.21 48.04 17.57
C THR C 214 44.41 48.72 18.68
N LYS C 215 45.11 49.40 19.57
CA LYS C 215 44.47 50.18 20.62
C LYS C 215 45.12 51.56 20.72
N VAL C 216 44.34 52.59 20.39
CA VAL C 216 44.83 53.96 20.39
C VAL C 216 44.01 54.83 21.34
N ASP C 217 44.72 55.62 22.15
CA ASP C 217 44.10 56.68 22.93
C ASP C 217 44.68 58.02 22.46
N LYS C 218 43.78 58.95 22.15
CA LYS C 218 44.17 60.21 21.53
C LYS C 218 43.50 61.39 22.23
N LYS C 219 44.31 62.24 22.84
CA LYS C 219 43.79 63.43 23.51
C LYS C 219 43.41 64.50 22.49
N VAL C 220 42.27 65.17 22.75
CA VAL C 220 41.77 66.20 21.87
C VAL C 220 41.65 67.52 22.64
N GLU C 221 42.53 68.46 22.31
CA GLU C 221 42.56 69.77 22.97
C GLU C 221 42.42 70.89 21.94
N PRO C 222 42.17 72.12 22.40
CA PRO C 222 42.03 73.26 21.48
C PRO C 222 43.30 73.54 20.67
N LYS C 223 43.22 74.51 19.77
CA LYS C 223 44.35 74.87 18.92
C LYS C 223 45.39 75.65 19.73
N SER C 224 46.65 75.26 19.62
CA SER C 224 47.74 76.02 20.21
C SER C 224 48.08 77.22 19.32
N CYS C 225 47.49 78.37 19.62
CA CYS C 225 47.70 79.59 18.85
C CYS C 225 47.84 80.79 19.77
N ASP D 2 8.54 40.15 -11.98
CA ASP D 2 8.31 38.84 -11.41
C ASP D 2 7.50 38.96 -10.11
N ILE D 3 7.65 37.99 -9.22
CA ILE D 3 6.97 38.02 -7.93
C ILE D 3 7.41 39.22 -7.11
N GLN D 4 6.45 39.92 -6.51
CA GLN D 4 6.74 41.07 -5.67
C GLN D 4 5.84 41.16 -4.45
N MET D 5 6.41 41.64 -3.36
CA MET D 5 5.66 42.11 -2.20
C MET D 5 5.93 43.59 -2.04
N THR D 6 4.96 44.42 -2.40
CA THR D 6 5.12 45.86 -2.34
C THR D 6 4.61 46.41 -1.02
N GLN D 7 5.54 46.74 -0.12
CA GLN D 7 5.22 47.18 1.23
C GLN D 7 5.25 48.70 1.32
N SER D 8 4.31 49.26 2.10
CA SER D 8 4.17 50.70 2.23
C SER D 8 3.67 51.08 3.63
N PRO D 9 4.13 52.22 4.16
CA PRO D 9 5.17 53.10 3.62
C PRO D 9 6.57 52.60 3.98
N SER D 10 7.60 53.16 3.37
CA SER D 10 8.97 52.75 3.67
C SER D 10 9.38 53.18 5.07
N SER D 11 8.82 54.30 5.51
CA SER D 11 9.02 54.78 6.87
C SER D 11 7.82 55.57 7.31
N LEU D 12 7.63 55.66 8.63
CA LEU D 12 6.57 56.49 9.18
C LEU D 12 6.89 56.89 10.62
N SER D 13 6.48 58.10 10.97
CA SER D 13 6.68 58.63 12.30
C SER D 13 5.40 58.44 13.11
N ALA D 14 5.54 57.92 14.32
CA ALA D 14 4.39 57.64 15.17
C ALA D 14 4.70 57.95 16.62
N SER D 15 3.64 58.03 17.42
CA SER D 15 3.76 58.30 18.84
C SER D 15 3.22 57.13 19.62
N VAL D 16 3.64 57.01 20.87
CA VAL D 16 3.08 56.01 21.76
C VAL D 16 1.58 56.21 21.80
N GLY D 17 0.84 55.11 21.65
CA GLY D 17 -0.61 55.15 21.69
C GLY D 17 -1.28 55.35 20.34
N ASP D 18 -0.49 55.61 19.31
CA ASP D 18 -1.02 55.73 17.96
C ASP D 18 -1.53 54.39 17.43
N ARG D 19 -2.51 54.46 16.53
CA ARG D 19 -2.90 53.32 15.73
C ARG D 19 -2.05 53.34 14.47
N VAL D 20 -1.27 52.28 14.26
CA VAL D 20 -0.35 52.20 13.12
C VAL D 20 -0.81 51.15 12.13
N THR D 21 -0.76 51.53 10.85
CA THR D 21 -1.18 50.65 9.76
C THR D 21 -0.05 50.52 8.74
N ILE D 22 0.32 49.27 8.47
CA ILE D 22 1.35 48.95 7.48
C ILE D 22 0.75 48.00 6.45
N THR D 23 0.95 48.30 5.17
CA THR D 23 0.33 47.54 4.09
C THR D 23 1.36 46.87 3.18
N CYS D 24 0.96 45.77 2.58
CA CYS D 24 1.81 44.98 1.69
C CYS D 24 0.93 44.40 0.57
N ARG D 25 1.23 44.75 -0.67
CA ARG D 25 0.45 44.27 -1.82
C ARG D 25 1.19 43.20 -2.61
N ALA D 26 0.64 41.99 -2.63
CA ALA D 26 1.21 40.91 -3.43
C ALA D 26 0.91 41.14 -4.91
N SER D 27 1.90 40.86 -5.77
CA SER D 27 1.75 41.10 -7.21
C SER D 27 0.71 40.16 -7.84
N GLN D 28 0.52 39.01 -7.22
CA GLN D 28 -0.54 38.08 -7.61
C GLN D 28 -1.05 37.39 -6.36
N SER D 29 -2.17 36.68 -6.48
CA SER D 29 -2.78 36.02 -5.33
C SER D 29 -1.80 35.03 -4.69
N VAL D 30 -1.69 35.12 -3.37
CA VAL D 30 -0.90 34.18 -2.60
C VAL D 30 -1.80 33.53 -1.54
N SER D 31 -3.11 33.61 -1.78
CA SER D 31 -4.10 33.19 -0.80
C SER D 31 -3.82 33.90 0.53
N SER D 32 -3.74 33.14 1.62
CA SER D 32 -3.50 33.70 2.95
C SER D 32 -2.07 33.48 3.42
N ALA D 33 -1.20 33.07 2.51
CA ALA D 33 0.17 32.69 2.87
C ALA D 33 1.05 33.91 3.06
N VAL D 34 0.79 34.67 4.11
CA VAL D 34 1.55 35.88 4.39
C VAL D 34 1.92 35.94 5.88
N ALA D 35 3.15 36.38 6.16
CA ALA D 35 3.63 36.52 7.53
C ALA D 35 4.20 37.92 7.76
N TRP D 36 4.20 38.36 9.01
CA TRP D 36 4.73 39.67 9.39
C TRP D 36 5.81 39.51 10.44
N TYR D 37 6.89 40.29 10.30
CA TYR D 37 8.00 40.25 11.24
C TYR D 37 8.34 41.62 11.80
N GLN D 38 8.94 41.62 13.00
CA GLN D 38 9.50 42.81 13.61
C GLN D 38 11.00 42.60 13.78
N GLN D 39 11.79 43.61 13.42
CA GLN D 39 13.24 43.55 13.63
C GLN D 39 13.76 44.86 14.23
N LYS D 40 14.55 44.72 15.28
CA LYS D 40 15.24 45.85 15.89
C LYS D 40 16.71 45.76 15.53
N PRO D 41 17.43 46.90 15.54
CA PRO D 41 18.82 46.90 15.08
C PRO D 41 19.73 45.94 15.85
N GLY D 42 20.51 45.16 15.12
CA GLY D 42 21.44 44.22 15.72
C GLY D 42 20.80 42.91 16.15
N LYS D 43 19.48 42.79 15.94
CA LYS D 43 18.74 41.61 16.39
C LYS D 43 18.07 40.90 15.21
N ALA D 44 17.84 39.60 15.37
CA ALA D 44 17.14 38.82 14.37
C ALA D 44 15.67 39.24 14.31
N PRO D 45 15.02 39.04 13.15
CA PRO D 45 13.57 39.28 13.08
C PRO D 45 12.78 38.38 14.03
N LYS D 46 11.59 38.82 14.39
CA LYS D 46 10.68 38.02 15.22
C LYS D 46 9.33 37.89 14.52
N LEU D 47 8.80 36.67 14.48
CA LEU D 47 7.52 36.41 13.84
C LEU D 47 6.36 36.98 14.67
N LEU D 48 5.51 37.76 14.02
CA LEU D 48 4.34 38.35 14.67
C LEU D 48 3.07 37.64 14.25
N ILE D 49 2.90 37.49 12.95
CA ILE D 49 1.67 36.99 12.36
C ILE D 49 1.99 36.00 11.24
N TYR D 50 1.18 34.95 11.15
CA TYR D 50 1.28 33.98 10.08
C TYR D 50 -0.11 33.71 9.53
N SER D 51 -0.17 33.20 8.30
CA SER D 51 -1.44 32.92 7.64
C SER D 51 -2.30 34.19 7.60
N ALA D 52 -1.63 35.33 7.41
CA ALA D 52 -2.26 36.65 7.21
C ALA D 52 -2.86 37.25 8.49
N SER D 53 -3.53 36.44 9.32
CA SER D 53 -4.30 36.98 10.44
C SER D 53 -4.15 36.22 11.75
N SER D 54 -3.34 35.16 11.76
CA SER D 54 -3.13 34.38 12.98
C SER D 54 -2.00 34.98 13.81
N LEU D 55 -2.30 35.31 15.05
CA LEU D 55 -1.32 35.89 15.96
C LEU D 55 -0.40 34.79 16.52
N TYR D 56 0.89 34.91 16.26
CA TYR D 56 1.86 33.91 16.70
C TYR D 56 1.93 33.90 18.23
N SER D 57 2.24 32.72 18.77
CA SER D 57 2.24 32.52 20.22
C SER D 57 3.18 33.48 20.96
N GLY D 58 2.65 34.13 21.98
CA GLY D 58 3.44 35.03 22.82
C GLY D 58 3.42 36.47 22.35
N VAL D 59 3.00 36.71 21.12
CA VAL D 59 2.97 38.05 20.57
C VAL D 59 1.81 38.85 21.18
N PRO D 60 2.06 40.11 21.58
CA PRO D 60 0.97 40.90 22.17
C PRO D 60 -0.21 41.09 21.22
N SER D 61 -1.41 41.17 21.78
CA SER D 61 -2.63 41.17 20.99
C SER D 61 -2.90 42.50 20.28
N ARG D 62 -2.15 43.54 20.63
CA ARG D 62 -2.30 44.82 19.95
C ARG D 62 -1.82 44.69 18.50
N PHE D 63 -1.08 43.62 18.23
CA PHE D 63 -0.71 43.26 16.86
C PHE D 63 -1.80 42.42 16.23
N SER D 64 -2.17 42.77 15.00
CA SER D 64 -3.17 42.02 14.26
C SER D 64 -2.93 42.14 12.77
N GLY D 65 -3.38 41.12 12.03
CA GLY D 65 -3.23 41.09 10.58
C GLY D 65 -4.55 40.82 9.90
N SER D 66 -4.68 41.34 8.67
CA SER D 66 -5.89 41.10 7.88
C SER D 66 -5.56 41.02 6.40
N ARG D 67 -6.46 40.42 5.63
CA ARG D 67 -6.31 40.25 4.19
C ARG D 67 -7.58 40.69 3.47
N SER D 68 -7.38 41.29 2.31
CA SER D 68 -8.47 41.50 1.35
C SER D 68 -7.88 41.33 -0.05
N GLY D 69 -8.08 40.16 -0.63
CA GLY D 69 -7.51 39.84 -1.92
C GLY D 69 -5.99 39.72 -1.84
N THR D 70 -5.30 40.60 -2.56
CA THR D 70 -3.84 40.61 -2.56
C THR D 70 -3.27 41.70 -1.64
N ASP D 71 -4.15 42.41 -0.94
CA ASP D 71 -3.75 43.46 -0.01
C ASP D 71 -3.71 42.95 1.42
N PHE D 72 -2.57 43.12 2.08
CA PHE D 72 -2.37 42.64 3.44
C PHE D 72 -1.97 43.78 4.36
N THR D 73 -2.54 43.79 5.56
CA THR D 73 -2.36 44.88 6.50
C THR D 73 -1.92 44.38 7.88
N LEU D 74 -0.87 45.00 8.41
CA LEU D 74 -0.48 44.82 9.80
C LEU D 74 -0.96 46.04 10.59
N THR D 75 -1.71 45.80 11.66
CA THR D 75 -2.20 46.87 12.51
C THR D 75 -1.64 46.75 13.93
N ILE D 76 -1.14 47.87 14.45
CA ILE D 76 -0.80 47.97 15.86
C ILE D 76 -1.80 48.92 16.50
N SER D 77 -2.69 48.36 17.33
CA SER D 77 -3.83 49.08 17.87
C SER D 77 -3.42 50.30 18.69
N SER D 78 -2.42 50.12 19.54
CA SER D 78 -1.92 51.20 20.38
C SER D 78 -0.42 51.01 20.58
N LEU D 79 0.36 51.75 19.79
CA LEU D 79 1.80 51.61 19.75
C LEU D 79 2.46 51.82 21.11
N GLN D 80 3.33 50.90 21.50
CA GLN D 80 4.06 50.99 22.76
C GLN D 80 5.52 51.33 22.49
N PRO D 81 6.26 51.77 23.53
CA PRO D 81 7.66 52.16 23.34
C PRO D 81 8.53 51.07 22.73
N GLU D 82 8.25 49.81 23.06
CA GLU D 82 9.06 48.69 22.57
C GLU D 82 8.70 48.32 21.13
N ASP D 83 7.74 49.02 20.53
CA ASP D 83 7.27 48.68 19.19
C ASP D 83 7.98 49.47 18.09
N PHE D 84 8.78 50.46 18.47
CA PHE D 84 9.56 51.21 17.48
C PHE D 84 10.65 50.31 16.92
N ALA D 85 10.55 50.05 15.61
CA ALA D 85 11.33 49.02 14.96
C ALA D 85 11.04 49.03 13.46
N THR D 86 11.64 48.09 12.74
CA THR D 86 11.35 47.90 11.32
C THR D 86 10.49 46.64 11.15
N TYR D 87 9.51 46.72 10.26
CA TYR D 87 8.56 45.62 10.05
C TYR D 87 8.59 45.13 8.61
N TYR D 88 8.47 43.82 8.43
CA TYR D 88 8.54 43.18 7.11
C TYR D 88 7.36 42.23 6.86
N CYS D 89 6.78 42.30 5.67
CA CYS D 89 5.84 41.29 5.21
C CYS D 89 6.61 40.18 4.49
N GLN D 90 6.02 38.99 4.45
CA GLN D 90 6.63 37.84 3.80
C GLN D 90 5.55 36.95 3.21
N GLN D 91 5.69 36.56 1.94
CA GLN D 91 4.74 35.63 1.32
C GLN D 91 5.38 34.25 1.18
N TYR D 92 4.54 33.21 1.28
CA TYR D 92 4.99 31.84 1.11
C TYR D 92 3.89 30.97 0.50
N PRO D 93 3.41 31.36 -0.69
CA PRO D 93 2.32 30.62 -1.36
C PRO D 93 2.75 29.22 -1.74
N TYR D 94 1.81 28.28 -1.68
CA TYR D 94 2.12 26.86 -1.90
C TYR D 94 2.74 26.62 -3.28
N TYR D 95 2.31 27.39 -4.27
CA TYR D 95 2.71 27.13 -5.66
C TYR D 95 4.14 27.60 -5.98
N SER D 96 4.80 28.27 -5.03
CA SER D 96 6.13 28.82 -5.26
C SER D 96 7.13 28.34 -4.22
N SER D 97 8.32 27.96 -4.70
CA SER D 97 9.41 27.55 -3.82
C SER D 97 10.17 28.77 -3.29
N LEU D 98 9.83 29.96 -3.78
CA LEU D 98 10.49 31.19 -3.38
C LEU D 98 9.85 31.80 -2.14
N ILE D 99 10.68 32.43 -1.31
CA ILE D 99 10.20 33.27 -0.22
C ILE D 99 10.54 34.71 -0.57
N THR D 100 9.53 35.57 -0.53
CA THR D 100 9.67 36.96 -0.94
C THR D 100 9.28 37.91 0.18
N PHE D 101 10.18 38.84 0.49
CA PHE D 101 9.95 39.84 1.55
C PHE D 101 9.57 41.19 0.96
N GLY D 102 8.77 41.95 1.71
CA GLY D 102 8.58 43.36 1.41
C GLY D 102 9.84 44.14 1.74
N GLN D 103 9.89 45.40 1.32
CA GLN D 103 11.09 46.23 1.50
C GLN D 103 11.29 46.64 2.95
N GLY D 104 10.23 46.54 3.74
CA GLY D 104 10.28 46.91 5.14
C GLY D 104 9.65 48.26 5.43
N THR D 105 9.18 48.44 6.66
CA THR D 105 8.66 49.72 7.13
C THR D 105 9.30 50.09 8.46
N LYS D 106 10.11 51.15 8.45
CA LYS D 106 10.73 51.63 9.67
C LYS D 106 9.78 52.56 10.43
N VAL D 107 9.41 52.16 11.64
CA VAL D 107 8.53 52.95 12.50
C VAL D 107 9.38 53.72 13.50
N GLU D 108 9.51 55.03 13.28
CA GLU D 108 10.34 55.88 14.13
C GLU D 108 9.50 56.74 15.07
N ILE D 109 10.16 57.38 16.03
CA ILE D 109 9.48 58.18 17.05
C ILE D 109 9.21 59.60 16.58
N LYS D 110 7.94 59.99 16.56
CA LYS D 110 7.57 61.34 16.17
C LYS D 110 7.87 62.34 17.29
N ARG D 111 8.47 63.46 16.93
CA ARG D 111 8.70 64.55 17.85
C ARG D 111 8.55 65.86 17.08
N THR D 112 8.78 66.98 17.75
CA THR D 112 8.66 68.28 17.11
C THR D 112 9.93 68.61 16.33
N VAL D 113 9.80 69.55 15.39
CA VAL D 113 10.93 69.99 14.58
C VAL D 113 12.05 70.56 15.47
N ALA D 114 13.29 70.19 15.16
CA ALA D 114 14.44 70.68 15.89
C ALA D 114 15.58 70.99 14.93
N ALA D 115 16.02 72.25 14.92
CA ALA D 115 17.09 72.67 14.03
C ALA D 115 18.42 72.03 14.46
N PRO D 116 19.29 71.72 13.48
CA PRO D 116 20.62 71.21 13.83
C PRO D 116 21.58 72.31 14.27
N SER D 117 22.31 72.07 15.36
CA SER D 117 23.45 72.91 15.70
C SER D 117 24.64 72.41 14.88
N VAL D 118 25.24 73.32 14.11
CA VAL D 118 26.25 72.94 13.13
C VAL D 118 27.66 73.29 13.58
N PHE D 119 28.57 72.35 13.36
CA PHE D 119 30.00 72.54 13.65
C PHE D 119 30.82 72.04 12.47
N ILE D 120 31.95 72.70 12.21
CA ILE D 120 32.86 72.30 11.14
C ILE D 120 34.25 72.04 11.70
N PHE D 121 34.90 71.00 11.19
CA PHE D 121 36.23 70.61 11.67
C PHE D 121 37.22 70.52 10.52
N PRO D 122 38.18 71.47 10.47
CA PRO D 122 39.22 71.35 9.43
C PRO D 122 40.09 70.12 9.65
N PRO D 123 40.83 69.70 8.62
CA PRO D 123 41.77 68.57 8.80
C PRO D 123 42.84 68.90 9.83
N SER D 124 43.14 67.94 10.71
CA SER D 124 44.14 68.14 11.75
C SER D 124 45.54 68.16 11.16
N ASP D 125 46.47 68.78 11.88
CA ASP D 125 47.88 68.76 11.47
C ASP D 125 48.38 67.32 11.45
N SER D 126 47.83 66.50 12.34
CA SER D 126 48.21 65.10 12.44
C SER D 126 47.87 64.34 11.16
N GLN D 127 46.65 64.56 10.65
CA GLN D 127 46.22 63.89 9.42
C GLN D 127 47.00 64.40 8.22
N LEU D 128 47.26 65.70 8.19
CA LEU D 128 47.96 66.32 7.06
C LEU D 128 49.40 65.82 6.99
N LYS D 129 50.01 65.58 8.15
CA LYS D 129 51.32 64.96 8.19
C LYS D 129 51.25 63.54 7.63
N SER D 130 50.08 62.92 7.74
CA SER D 130 49.86 61.57 7.24
C SER D 130 49.70 61.56 5.72
N GLY D 131 49.36 62.71 5.14
CA GLY D 131 49.32 62.87 3.70
C GLY D 131 47.94 62.96 3.07
N THR D 132 46.91 63.12 3.89
CA THR D 132 45.56 63.31 3.37
C THR D 132 44.80 64.36 4.19
N ALA D 133 43.63 64.75 3.69
CA ALA D 133 42.86 65.83 4.30
C ALA D 133 41.37 65.51 4.36
N SER D 134 40.84 65.42 5.57
CA SER D 134 39.41 65.24 5.78
C SER D 134 38.85 66.41 6.60
N VAL D 135 37.80 67.03 6.06
CA VAL D 135 37.07 68.07 6.76
C VAL D 135 35.65 67.56 6.96
N VAL D 136 35.18 67.60 8.22
CA VAL D 136 33.89 67.02 8.57
C VAL D 136 32.93 68.09 9.08
N CYS D 137 31.69 68.01 8.60
CA CYS D 137 30.62 68.92 9.00
C CYS D 137 29.65 68.16 9.89
N LEU D 138 29.43 68.66 11.10
CA LEU D 138 28.60 67.99 12.09
C LEU D 138 27.24 68.67 12.25
N LEU D 139 26.17 67.92 12.00
CA LEU D 139 24.81 68.36 12.29
C LEU D 139 24.32 67.61 13.53
N ASN D 140 24.17 68.31 14.65
CA ASN D 140 23.91 67.65 15.93
C ASN D 140 22.48 67.81 16.43
N ASN D 141 21.84 66.67 16.73
CA ASN D 141 20.55 66.63 17.40
C ASN D 141 19.46 67.46 16.72
N PHE D 142 19.01 66.99 15.56
CA PHE D 142 17.96 67.67 14.80
C PHE D 142 16.83 66.70 14.46
N TYR D 143 15.71 67.26 14.01
CA TYR D 143 14.55 66.48 13.59
C TYR D 143 13.64 67.33 12.72
N PRO D 144 13.07 66.75 11.65
CA PRO D 144 13.18 65.37 11.17
C PRO D 144 14.55 65.01 10.60
N ARG D 145 14.68 63.76 10.18
CA ARG D 145 15.96 63.21 9.70
C ARG D 145 16.41 63.86 8.40
N GLU D 146 15.46 64.26 7.56
CA GLU D 146 15.76 64.79 6.24
C GLU D 146 16.52 66.12 6.33
N ALA D 147 17.65 66.18 5.66
CA ALA D 147 18.47 67.39 5.61
C ALA D 147 19.37 67.37 4.38
N LYS D 148 19.81 68.56 3.95
CA LYS D 148 20.73 68.67 2.83
C LYS D 148 21.98 69.42 3.24
N VAL D 149 23.13 68.77 3.06
CA VAL D 149 24.43 69.38 3.34
C VAL D 149 25.22 69.48 2.04
N GLN D 150 25.68 70.69 1.72
CA GLN D 150 26.46 70.95 0.52
C GLN D 150 27.79 71.59 0.88
N TRP D 151 28.85 71.12 0.22
CA TRP D 151 30.19 71.64 0.45
C TRP D 151 30.55 72.72 -0.57
N LYS D 152 31.14 73.82 -0.07
CA LYS D 152 31.60 74.90 -0.92
C LYS D 152 33.08 75.17 -0.68
N VAL D 153 33.89 74.91 -1.69
CA VAL D 153 35.33 75.19 -1.63
C VAL D 153 35.65 76.40 -2.51
N ASP D 154 36.06 77.49 -1.86
CA ASP D 154 36.24 78.77 -2.54
C ASP D 154 34.95 79.13 -3.31
N ASN D 155 33.81 78.87 -2.67
CA ASN D 155 32.51 79.19 -3.22
C ASN D 155 32.16 78.34 -4.45
N ALA D 156 32.82 77.19 -4.59
CA ALA D 156 32.54 76.25 -5.67
C ALA D 156 31.90 74.98 -5.12
N LEU D 157 30.76 74.60 -5.69
CA LEU D 157 30.01 73.43 -5.22
C LEU D 157 30.76 72.14 -5.51
N GLN D 158 30.76 71.24 -4.53
CA GLN D 158 31.45 69.96 -4.63
C GLN D 158 30.48 68.81 -4.89
N SER D 159 30.94 67.80 -5.60
CA SER D 159 30.12 66.63 -5.90
C SER D 159 30.98 65.37 -6.07
N GLY D 160 30.62 64.33 -5.34
CA GLY D 160 31.26 63.04 -5.49
C GLY D 160 32.46 62.81 -4.59
N ASN D 161 32.80 63.80 -3.77
CA ASN D 161 33.94 63.69 -2.86
C ASN D 161 33.51 63.83 -1.40
N SER D 162 32.26 63.50 -1.12
CA SER D 162 31.71 63.57 0.23
C SER D 162 30.93 62.31 0.59
N GLN D 163 30.87 62.00 1.88
CA GLN D 163 30.10 60.88 2.38
C GLN D 163 29.40 61.26 3.68
N GLU D 164 28.16 60.81 3.83
CA GLU D 164 27.36 61.12 5.02
C GLU D 164 27.14 59.89 5.89
N SER D 165 27.00 60.13 7.19
CA SER D 165 26.65 59.09 8.15
C SER D 165 25.67 59.66 9.17
N VAL D 166 24.65 58.89 9.49
CA VAL D 166 23.61 59.33 10.41
C VAL D 166 23.39 58.31 11.52
N THR D 167 23.18 58.79 12.74
CA THR D 167 22.94 57.93 13.88
C THR D 167 21.50 57.46 13.92
N GLU D 168 21.22 56.50 14.78
CA GLU D 168 19.84 56.13 15.08
C GLU D 168 19.28 57.15 16.05
N GLN D 169 17.95 57.19 16.19
CA GLN D 169 17.31 58.16 17.06
C GLN D 169 17.84 58.07 18.48
N ASP D 170 18.17 59.22 19.05
CA ASP D 170 18.63 59.31 20.43
C ASP D 170 17.52 58.81 21.36
N SER D 171 17.89 57.97 22.31
CA SER D 171 16.91 57.35 23.21
C SER D 171 16.28 58.36 24.15
N LYS D 172 16.95 59.47 24.37
CA LYS D 172 16.48 60.48 25.32
C LYS D 172 15.59 61.54 24.66
N ASP D 173 16.06 62.13 23.58
CA ASP D 173 15.36 63.26 22.94
C ASP D 173 14.85 62.92 21.52
N SER D 174 15.09 61.70 21.07
CA SER D 174 14.54 61.21 19.81
C SER D 174 14.99 62.02 18.58
N THR D 175 16.17 62.64 18.68
CA THR D 175 16.72 63.39 17.56
C THR D 175 17.78 62.58 16.81
N TYR D 176 18.14 63.07 15.62
CA TYR D 176 19.22 62.49 14.84
C TYR D 176 20.44 63.39 14.86
N SER D 177 21.60 62.80 14.57
CA SER D 177 22.82 63.56 14.31
C SER D 177 23.44 63.04 13.02
N LEU D 178 24.17 63.90 12.32
CA LEU D 178 24.71 63.56 11.01
C LEU D 178 26.09 64.18 10.80
N SER D 179 26.98 63.40 10.18
CA SER D 179 28.29 63.88 9.79
C SER D 179 28.43 63.81 8.28
N SER D 180 28.91 64.90 7.68
CA SER D 180 29.31 64.89 6.29
C SER D 180 30.81 65.12 6.23
N THR D 181 31.51 64.24 5.50
CA THR D 181 32.97 64.28 5.45
C THR D 181 33.45 64.47 4.02
N LEU D 182 34.07 65.62 3.76
CA LEU D 182 34.65 65.92 2.46
C LEU D 182 36.10 65.44 2.42
N THR D 183 36.39 64.52 1.52
CA THR D 183 37.73 63.93 1.39
C THR D 183 38.45 64.47 0.15
N LEU D 184 39.61 65.08 0.38
CA LEU D 184 40.45 65.56 -0.69
C LEU D 184 41.89 65.13 -0.43
N SER D 185 42.71 65.11 -1.47
CA SER D 185 44.14 64.91 -1.29
C SER D 185 44.73 66.16 -0.66
N LYS D 186 45.85 66.01 0.04
CA LYS D 186 46.48 67.16 0.70
C LYS D 186 46.87 68.23 -0.30
N ALA D 187 47.27 67.81 -1.49
CA ALA D 187 47.62 68.75 -2.55
C ALA D 187 46.40 69.57 -2.95
N ASP D 188 45.29 68.90 -3.21
CA ASP D 188 44.05 69.58 -3.60
C ASP D 188 43.54 70.46 -2.47
N TYR D 189 43.73 70.02 -1.23
CA TYR D 189 43.28 70.79 -0.08
C TYR D 189 44.04 72.12 0.02
N GLU D 190 45.29 72.11 -0.42
CA GLU D 190 46.14 73.29 -0.33
C GLU D 190 46.03 74.18 -1.56
N LYS D 191 45.15 73.81 -2.50
CA LYS D 191 44.91 74.60 -3.69
C LYS D 191 43.74 75.58 -3.50
N HIS D 192 43.19 75.61 -2.29
CA HIS D 192 42.04 76.46 -2.00
C HIS D 192 42.11 77.05 -0.59
N LYS D 193 41.32 78.11 -0.36
CA LYS D 193 41.35 78.83 0.92
C LYS D 193 40.11 78.55 1.76
N VAL D 194 38.94 78.85 1.21
CA VAL D 194 37.69 78.81 1.97
C VAL D 194 36.99 77.47 1.86
N TYR D 195 36.73 76.85 3.00
CA TYR D 195 35.95 75.61 3.07
C TYR D 195 34.71 75.82 3.92
N ALA D 196 33.55 75.54 3.34
CA ALA D 196 32.28 75.78 4.02
C ALA D 196 31.26 74.68 3.71
N CYS D 197 30.53 74.26 4.74
CA CYS D 197 29.40 73.35 4.55
C CYS D 197 28.09 74.11 4.84
N GLU D 198 27.22 74.15 3.83
CA GLU D 198 25.92 74.81 3.97
C GLU D 198 24.85 73.78 4.33
N VAL D 199 24.09 74.08 5.37
CA VAL D 199 23.11 73.14 5.93
C VAL D 199 21.69 73.63 5.72
N THR D 200 20.89 72.81 5.02
CA THR D 200 19.47 73.10 4.82
C THR D 200 18.63 72.11 5.63
N HIS D 201 17.69 72.63 6.40
CA HIS D 201 16.82 71.81 7.24
C HIS D 201 15.52 72.57 7.50
N GLN D 202 14.42 71.84 7.63
CA GLN D 202 13.11 72.48 7.76
C GLN D 202 13.04 73.32 9.04
N GLY D 203 13.89 72.99 10.00
CA GLY D 203 13.95 73.73 11.25
C GLY D 203 14.68 75.06 11.13
N LEU D 204 15.22 75.33 9.94
CA LEU D 204 15.96 76.56 9.68
C LEU D 204 15.24 77.45 8.68
N SER D 205 15.09 78.73 9.02
CA SER D 205 14.46 79.70 8.14
C SER D 205 15.23 79.79 6.82
N SER D 206 16.54 79.98 6.93
CA SER D 206 17.43 79.99 5.79
C SER D 206 18.61 79.08 6.10
N PRO D 207 19.27 78.55 5.06
CA PRO D 207 20.38 77.63 5.29
C PRO D 207 21.54 78.24 6.09
N VAL D 208 22.06 77.48 7.04
CA VAL D 208 23.20 77.90 7.85
C VAL D 208 24.49 77.42 7.22
N THR D 209 25.54 78.25 7.31
CA THR D 209 26.85 77.91 6.77
C THR D 209 27.94 78.15 7.81
N LYS D 210 28.72 77.12 8.08
CA LYS D 210 29.91 77.23 8.91
C LYS D 210 31.14 77.06 8.03
N SER D 211 32.15 77.90 8.23
CA SER D 211 33.29 77.95 7.34
C SER D 211 34.61 78.18 8.08
N PHE D 212 35.70 78.08 7.32
CA PHE D 212 37.03 78.37 7.85
C PHE D 212 37.99 78.61 6.70
N ASN D 213 38.99 79.46 6.93
CA ASN D 213 40.06 79.69 5.98
C ASN D 213 41.22 78.75 6.28
N ARG D 214 41.81 78.17 5.23
CA ARG D 214 42.89 77.20 5.40
C ARG D 214 44.09 77.78 6.15
N GLY D 215 44.33 77.28 7.35
CA GLY D 215 45.50 77.65 8.12
C GLY D 215 45.47 79.03 8.75
N GLU D 216 44.28 79.45 9.18
CA GLU D 216 44.13 80.73 9.86
C GLU D 216 43.93 80.55 11.38
N CYS D 217 43.92 79.30 11.83
CA CYS D 217 43.61 78.96 13.22
C CYS D 217 42.25 79.50 13.64
N GLU E 4 -30.30 -18.25 4.24
CA GLU E 4 -30.65 -19.54 3.65
C GLU E 4 -29.79 -19.84 2.43
N VAL E 5 -28.65 -20.49 2.65
CA VAL E 5 -27.76 -20.81 1.56
C VAL E 5 -28.07 -22.18 0.97
N GLN E 6 -27.99 -22.28 -0.34
CA GLN E 6 -28.16 -23.57 -1.01
C GLN E 6 -27.44 -23.58 -2.34
N LEU E 7 -27.16 -24.79 -2.81
CA LEU E 7 -26.56 -25.00 -4.12
C LEU E 7 -27.47 -25.94 -4.91
N VAL E 8 -27.70 -25.62 -6.17
CA VAL E 8 -28.55 -26.43 -7.03
C VAL E 8 -27.84 -26.77 -8.34
N GLU E 9 -27.60 -28.05 -8.57
CA GLU E 9 -26.97 -28.50 -9.80
C GLU E 9 -28.00 -28.70 -10.91
N SER E 10 -27.54 -28.58 -12.15
CA SER E 10 -28.37 -28.88 -13.32
C SER E 10 -27.46 -29.15 -14.52
N GLY E 11 -28.02 -29.78 -15.55
CA GLY E 11 -27.31 -30.01 -16.80
C GLY E 11 -26.92 -31.46 -17.03
N GLY E 12 -27.27 -32.32 -16.07
CA GLY E 12 -26.95 -33.73 -16.18
C GLY E 12 -27.75 -34.36 -17.31
N GLY E 13 -27.30 -35.51 -17.78
CA GLY E 13 -28.01 -36.23 -18.83
C GLY E 13 -27.22 -37.38 -19.41
N LEU E 14 -27.74 -37.93 -20.51
CA LEU E 14 -27.09 -39.03 -21.22
C LEU E 14 -26.24 -38.49 -22.36
N VAL E 15 -25.02 -38.98 -22.46
CA VAL E 15 -24.12 -38.60 -23.54
C VAL E 15 -23.32 -39.81 -24.02
N GLN E 16 -22.80 -39.73 -25.23
CA GLN E 16 -22.01 -40.82 -25.81
C GLN E 16 -20.53 -40.56 -25.57
N PRO E 17 -19.70 -41.62 -25.64
CA PRO E 17 -18.25 -41.46 -25.49
C PRO E 17 -17.68 -40.43 -26.46
N GLY E 18 -16.83 -39.54 -25.95
CA GLY E 18 -16.26 -38.49 -26.77
C GLY E 18 -17.11 -37.23 -26.74
N GLY E 19 -18.31 -37.34 -26.20
CA GLY E 19 -19.25 -36.24 -26.16
C GLY E 19 -18.94 -35.22 -25.09
N SER E 20 -19.81 -34.23 -24.94
CA SER E 20 -19.58 -33.13 -24.01
C SER E 20 -20.86 -32.72 -23.29
N LEU E 21 -20.68 -32.04 -22.16
CA LEU E 21 -21.80 -31.66 -21.31
C LEU E 21 -21.38 -30.55 -20.35
N ARG E 22 -22.25 -29.57 -20.17
CA ARG E 22 -22.00 -28.47 -19.25
C ARG E 22 -22.92 -28.53 -18.04
N LEU E 23 -22.34 -28.63 -16.86
CA LEU E 23 -23.11 -28.61 -15.62
C LEU E 23 -23.11 -27.20 -15.05
N SER E 24 -24.19 -26.86 -14.33
CA SER E 24 -24.31 -25.58 -13.66
C SER E 24 -24.53 -25.81 -12.18
N CYS E 25 -23.99 -24.91 -11.36
CA CYS E 25 -24.22 -24.92 -9.93
C CYS E 25 -24.69 -23.53 -9.50
N ALA E 26 -26.00 -23.39 -9.31
CA ALA E 26 -26.59 -22.11 -8.97
C ALA E 26 -26.54 -21.91 -7.46
N ALA E 27 -25.88 -20.85 -7.03
CA ALA E 27 -25.73 -20.52 -5.62
C ALA E 27 -26.68 -19.42 -5.21
N SER E 28 -27.20 -19.51 -4.00
CA SER E 28 -27.97 -18.44 -3.38
C SER E 28 -27.71 -18.42 -1.88
N GLY E 29 -27.93 -17.27 -1.25
CA GLY E 29 -27.72 -17.11 0.18
C GLY E 29 -26.31 -16.64 0.51
N PHE E 30 -25.41 -16.68 -0.47
CA PHE E 30 -24.05 -16.19 -0.28
C PHE E 30 -23.45 -15.78 -1.62
N ASN E 31 -22.44 -14.91 -1.56
CA ASN E 31 -21.69 -14.50 -2.74
C ASN E 31 -20.52 -15.46 -2.95
N LEU E 32 -20.57 -16.23 -4.04
CA LEU E 32 -19.59 -17.30 -4.23
C LEU E 32 -18.22 -16.77 -4.63
N TYR E 33 -18.12 -15.46 -4.89
CA TYR E 33 -16.83 -14.85 -5.15
C TYR E 33 -15.87 -15.06 -3.97
N TYR E 34 -16.42 -14.99 -2.76
CA TYR E 34 -15.62 -15.00 -1.54
C TYR E 34 -15.43 -16.41 -0.98
N TYR E 35 -15.90 -17.40 -1.73
CA TYR E 35 -15.83 -18.79 -1.30
C TYR E 35 -15.17 -19.65 -2.38
N SER E 36 -14.99 -20.92 -2.08
CA SER E 36 -14.54 -21.89 -3.07
C SER E 36 -15.71 -22.80 -3.41
N ILE E 37 -15.84 -23.12 -4.70
CA ILE E 37 -16.84 -24.05 -5.17
C ILE E 37 -16.13 -25.29 -5.69
N HIS E 38 -16.66 -26.46 -5.37
CA HIS E 38 -16.02 -27.72 -5.69
C HIS E 38 -17.00 -28.66 -6.38
N TRP E 39 -16.51 -29.44 -7.34
CA TRP E 39 -17.30 -30.52 -7.91
C TRP E 39 -16.77 -31.85 -7.38
N VAL E 40 -17.68 -32.64 -6.81
CA VAL E 40 -17.37 -33.97 -6.30
C VAL E 40 -18.34 -34.95 -6.93
N ARG E 41 -17.82 -36.05 -7.49
CA ARG E 41 -18.66 -37.02 -8.15
C ARG E 41 -18.63 -38.36 -7.44
N GLN E 42 -19.63 -39.19 -7.75
CA GLN E 42 -19.80 -40.48 -7.11
C GLN E 42 -20.37 -41.46 -8.11
N ALA E 43 -19.53 -42.37 -8.61
CA ALA E 43 -19.96 -43.38 -9.55
C ALA E 43 -20.91 -44.35 -8.85
N PRO E 44 -21.76 -45.03 -9.63
CA PRO E 44 -22.75 -45.95 -9.05
C PRO E 44 -22.11 -47.00 -8.13
N GLY E 45 -22.50 -46.98 -6.86
CA GLY E 45 -22.01 -47.94 -5.90
C GLY E 45 -20.61 -47.66 -5.39
N LYS E 46 -20.04 -46.53 -5.77
CA LYS E 46 -18.67 -46.17 -5.38
C LYS E 46 -18.66 -45.01 -4.38
N GLY E 47 -17.45 -44.60 -4.00
CA GLY E 47 -17.27 -43.51 -3.05
C GLY E 47 -17.16 -42.15 -3.70
N LEU E 48 -16.86 -41.14 -2.89
CA LEU E 48 -16.72 -39.77 -3.39
C LEU E 48 -15.37 -39.56 -4.06
N GLU E 49 -15.38 -38.86 -5.19
CA GLU E 49 -14.16 -38.46 -5.88
C GLU E 49 -14.21 -36.97 -6.20
N TRP E 50 -13.33 -36.21 -5.56
CA TRP E 50 -13.18 -34.80 -5.90
C TRP E 50 -12.59 -34.68 -7.30
N VAL E 51 -13.12 -33.77 -8.12
CA VAL E 51 -12.62 -33.60 -9.48
C VAL E 51 -12.16 -32.18 -9.82
N ALA E 52 -12.76 -31.15 -9.21
CA ALA E 52 -12.36 -29.78 -9.54
C ALA E 52 -12.75 -28.74 -8.48
N SER E 53 -11.98 -27.66 -8.43
CA SER E 53 -12.19 -26.56 -7.50
C SER E 53 -11.98 -25.22 -8.17
N ILE E 54 -12.75 -24.21 -7.76
CA ILE E 54 -12.51 -22.84 -8.20
C ILE E 54 -12.62 -21.88 -7.02
N SER E 55 -11.65 -20.97 -6.95
CA SER E 55 -11.62 -19.91 -5.95
C SER E 55 -11.53 -18.56 -6.64
N PRO E 56 -12.68 -17.96 -6.99
CA PRO E 56 -12.70 -16.69 -7.74
C PRO E 56 -11.85 -15.61 -7.08
N TYR E 57 -11.86 -15.56 -5.76
CA TYR E 57 -11.12 -14.54 -5.03
C TYR E 57 -9.62 -14.60 -5.24
N SER E 58 -9.13 -15.71 -5.79
CA SER E 58 -7.69 -15.90 -6.01
C SER E 58 -7.36 -16.32 -7.44
N SER E 59 -8.33 -16.24 -8.34
CA SER E 59 -8.13 -16.56 -9.76
C SER E 59 -7.56 -17.95 -9.97
N SER E 60 -7.83 -18.87 -9.05
CA SER E 60 -7.24 -20.20 -9.09
C SER E 60 -8.27 -21.29 -9.36
N THR E 61 -7.84 -22.29 -10.13
CA THR E 61 -8.60 -23.51 -10.33
C THR E 61 -7.67 -24.70 -10.12
N SER E 62 -8.25 -25.83 -9.75
CA SER E 62 -7.47 -27.07 -9.64
C SER E 62 -8.31 -28.26 -10.07
N TYR E 63 -7.64 -29.32 -10.48
CA TYR E 63 -8.29 -30.50 -11.03
C TYR E 63 -7.63 -31.78 -10.56
N ALA E 64 -8.44 -32.81 -10.35
CA ALA E 64 -7.91 -34.16 -10.18
C ALA E 64 -7.30 -34.60 -11.50
N ASP E 65 -6.24 -35.39 -11.42
CA ASP E 65 -5.57 -35.88 -12.63
C ASP E 65 -6.53 -36.60 -13.56
N SER E 66 -7.55 -37.24 -12.98
CA SER E 66 -8.50 -38.05 -13.75
C SER E 66 -9.33 -37.24 -14.74
N VAL E 67 -9.45 -35.94 -14.51
CA VAL E 67 -10.26 -35.07 -15.37
C VAL E 67 -9.46 -33.90 -15.94
N LYS E 68 -8.24 -33.71 -15.43
CA LYS E 68 -7.40 -32.60 -15.85
C LYS E 68 -7.23 -32.60 -17.37
N GLY E 69 -7.43 -31.44 -17.99
CA GLY E 69 -7.29 -31.30 -19.43
C GLY E 69 -8.55 -31.66 -20.21
N ARG E 70 -9.53 -32.24 -19.53
CA ARG E 70 -10.80 -32.61 -20.16
C ARG E 70 -11.93 -31.75 -19.62
N PHE E 71 -11.92 -31.51 -18.31
CA PHE E 71 -12.95 -30.70 -17.66
C PHE E 71 -12.44 -29.29 -17.40
N THR E 72 -13.34 -28.32 -17.45
CA THR E 72 -13.02 -26.94 -17.11
C THR E 72 -14.06 -26.38 -16.15
N ILE E 73 -13.60 -25.97 -14.97
CA ILE E 73 -14.46 -25.34 -13.98
C ILE E 73 -14.36 -23.83 -14.16
N SER E 74 -15.48 -23.14 -14.03
CA SER E 74 -15.54 -21.69 -14.16
C SER E 74 -16.66 -21.13 -13.31
N ALA E 75 -16.74 -19.81 -13.22
CA ALA E 75 -17.76 -19.15 -12.43
C ALA E 75 -18.14 -17.79 -13.00
N ASP E 76 -19.44 -17.55 -13.08
CA ASP E 76 -19.98 -16.24 -13.46
C ASP E 76 -20.43 -15.53 -12.20
N THR E 77 -19.61 -14.60 -11.72
CA THR E 77 -19.88 -13.93 -10.45
C THR E 77 -20.98 -12.87 -10.56
N SER E 78 -21.46 -12.62 -11.78
CA SER E 78 -22.59 -11.73 -11.98
C SER E 78 -23.90 -12.51 -11.85
N LYS E 79 -23.83 -13.83 -12.01
CA LYS E 79 -24.99 -14.70 -11.92
C LYS E 79 -24.92 -15.61 -10.69
N ASN E 80 -23.84 -15.50 -9.94
CA ASN E 80 -23.64 -16.31 -8.74
C ASN E 80 -23.76 -17.80 -9.08
N THR E 81 -23.20 -18.18 -10.22
CA THR E 81 -23.28 -19.54 -10.72
C THR E 81 -21.90 -20.05 -11.13
N ALA E 82 -21.62 -21.30 -10.78
CA ALA E 82 -20.40 -21.97 -11.20
C ALA E 82 -20.73 -23.03 -12.26
N TYR E 83 -19.75 -23.39 -13.07
CA TYR E 83 -19.97 -24.33 -14.16
C TYR E 83 -18.88 -25.39 -14.25
N LEU E 84 -19.25 -26.57 -14.73
CA LEU E 84 -18.29 -27.60 -15.08
C LEU E 84 -18.50 -28.02 -16.53
N GLN E 85 -17.60 -27.58 -17.40
CA GLN E 85 -17.63 -27.96 -18.81
C GLN E 85 -16.88 -29.27 -18.97
N MET E 86 -17.61 -30.32 -19.34
CA MET E 86 -17.03 -31.65 -19.43
C MET E 86 -16.90 -32.09 -20.89
N ASN E 87 -15.66 -32.14 -21.38
CA ASN E 87 -15.37 -32.59 -22.74
C ASN E 87 -14.71 -33.97 -22.74
N SER E 88 -14.69 -34.60 -23.91
CA SER E 88 -14.06 -35.91 -24.10
C SER E 88 -14.50 -36.90 -23.03
N LEU E 89 -15.82 -36.95 -22.78
CA LEU E 89 -16.36 -37.80 -21.74
C LEU E 89 -16.20 -39.28 -22.07
N ARG E 90 -16.12 -40.11 -21.04
CA ARG E 90 -16.00 -41.55 -21.22
C ARG E 90 -16.82 -42.29 -20.19
N ALA E 91 -16.96 -43.60 -20.37
CA ALA E 91 -17.86 -44.43 -19.58
C ALA E 91 -17.64 -44.26 -18.08
N GLU E 92 -16.39 -44.14 -17.66
CA GLU E 92 -16.07 -44.06 -16.24
C GLU E 92 -16.38 -42.70 -15.63
N ASP E 93 -16.76 -41.72 -16.47
CA ASP E 93 -17.21 -40.43 -15.95
C ASP E 93 -18.66 -40.52 -15.50
N THR E 94 -19.28 -41.68 -15.73
CA THR E 94 -20.66 -41.91 -15.29
C THR E 94 -20.75 -41.81 -13.78
N ALA E 95 -21.53 -40.85 -13.31
CA ALA E 95 -21.61 -40.56 -11.89
C ALA E 95 -22.68 -39.51 -11.57
N VAL E 96 -23.03 -39.42 -10.30
CA VAL E 96 -23.76 -38.27 -9.78
C VAL E 96 -22.76 -37.19 -9.42
N TYR E 97 -22.95 -35.99 -9.98
CA TYR E 97 -22.02 -34.89 -9.75
C TYR E 97 -22.60 -33.88 -8.77
N TYR E 98 -21.92 -33.71 -7.65
CA TYR E 98 -22.31 -32.72 -6.64
C TYR E 98 -21.44 -31.47 -6.76
N CYS E 99 -22.04 -30.30 -6.58
CA CYS E 99 -21.24 -29.11 -6.30
C CYS E 99 -21.34 -28.80 -4.81
N ALA E 100 -20.26 -28.26 -4.26
CA ALA E 100 -20.17 -28.04 -2.81
C ALA E 100 -19.35 -26.79 -2.51
N ARG E 101 -19.58 -26.22 -1.33
CA ARG E 101 -18.97 -24.96 -0.96
C ARG E 101 -17.86 -25.13 0.07
N GLY E 102 -16.77 -24.40 -0.13
CA GLY E 102 -15.69 -24.33 0.84
C GLY E 102 -15.44 -22.86 1.20
N ARG E 103 -14.63 -22.64 2.22
CA ARG E 103 -14.30 -21.29 2.67
C ARG E 103 -12.81 -21.03 2.46
N TRP E 104 -12.44 -19.76 2.37
CA TRP E 104 -11.05 -19.40 2.10
C TRP E 104 -10.12 -19.89 3.20
N TYR E 105 -10.65 -20.03 4.42
CA TYR E 105 -9.86 -20.45 5.57
C TYR E 105 -10.13 -21.89 5.99
N ARG E 106 -11.02 -22.58 5.26
CA ARG E 106 -11.39 -23.94 5.60
C ARG E 106 -11.92 -24.67 4.36
N ARG E 107 -11.11 -25.58 3.82
CA ARG E 107 -11.47 -26.27 2.59
C ARG E 107 -12.17 -27.60 2.90
N ALA E 108 -13.05 -27.56 3.90
CA ALA E 108 -14.01 -28.61 4.12
C ALA E 108 -15.31 -28.18 3.44
N LEU E 109 -16.16 -29.13 3.11
CA LEU E 109 -17.33 -28.84 2.28
C LEU E 109 -18.60 -28.85 3.11
N ASP E 110 -19.11 -27.65 3.43
CA ASP E 110 -20.19 -27.52 4.40
C ASP E 110 -21.58 -27.56 3.77
N TYR E 111 -21.71 -27.02 2.56
CA TYR E 111 -22.98 -27.07 1.84
C TYR E 111 -22.84 -27.81 0.52
N TRP E 112 -23.82 -28.66 0.25
CA TRP E 112 -23.84 -29.50 -0.94
C TRP E 112 -25.17 -29.37 -1.68
N GLY E 113 -25.13 -29.50 -3.00
CA GLY E 113 -26.34 -29.62 -3.79
C GLY E 113 -26.83 -31.06 -3.71
N GLN E 114 -27.95 -31.37 -4.33
N GLN E 114 -27.96 -31.31 -4.37
CA GLN E 114 -28.47 -32.74 -4.27
CA GLN E 114 -28.61 -32.61 -4.40
C GLN E 114 -27.98 -33.60 -5.43
C GLN E 114 -27.92 -33.57 -5.37
N GLY E 115 -27.17 -33.01 -6.30
CA GLY E 115 -26.48 -33.77 -7.33
C GLY E 115 -27.27 -33.91 -8.62
N THR E 116 -26.54 -34.01 -9.72
CA THR E 116 -27.13 -34.22 -11.04
C THR E 116 -26.43 -35.40 -11.70
N LEU E 117 -27.22 -36.28 -12.33
CA LEU E 117 -26.70 -37.52 -12.88
C LEU E 117 -26.15 -37.35 -14.29
N VAL E 118 -24.96 -37.90 -14.51
CA VAL E 118 -24.34 -37.93 -15.82
C VAL E 118 -24.06 -39.38 -16.21
N THR E 119 -24.60 -39.79 -17.36
CA THR E 119 -24.40 -41.14 -17.86
C THR E 119 -23.68 -41.09 -19.20
N VAL E 120 -22.56 -41.79 -19.30
CA VAL E 120 -21.79 -41.86 -20.53
C VAL E 120 -21.76 -43.29 -21.04
N SER E 121 -22.40 -43.51 -22.20
CA SER E 121 -22.48 -44.85 -22.78
C SER E 121 -22.75 -44.79 -24.27
N SER E 122 -22.21 -45.76 -25.00
CA SER E 122 -22.43 -45.89 -26.44
C SER E 122 -23.73 -46.66 -26.72
N ALA E 123 -24.35 -47.18 -25.67
CA ALA E 123 -25.60 -47.94 -25.81
C ALA E 123 -26.74 -47.06 -26.27
N SER E 124 -27.70 -47.66 -26.98
CA SER E 124 -28.86 -46.93 -27.47
C SER E 124 -30.06 -47.17 -26.56
N THR E 125 -31.02 -46.24 -26.60
CA THR E 125 -32.21 -46.32 -25.76
C THR E 125 -33.10 -47.49 -26.18
N LYS E 126 -33.53 -48.29 -25.21
CA LYS E 126 -34.31 -49.49 -25.48
C LYS E 126 -35.14 -49.90 -24.27
N GLY E 127 -36.39 -50.28 -24.52
CA GLY E 127 -37.28 -50.73 -23.46
C GLY E 127 -37.01 -52.17 -23.08
N PRO E 128 -37.40 -52.56 -21.85
CA PRO E 128 -37.14 -53.91 -21.37
C PRO E 128 -38.04 -54.99 -21.95
N SER E 129 -37.56 -56.23 -21.91
CA SER E 129 -38.39 -57.41 -22.08
C SER E 129 -38.67 -57.96 -20.70
N VAL E 130 -39.92 -58.32 -20.44
CA VAL E 130 -40.32 -58.79 -19.12
C VAL E 130 -40.71 -60.26 -19.17
N PHE E 131 -40.01 -61.07 -18.38
CA PHE E 131 -40.27 -62.51 -18.34
C PHE E 131 -40.68 -62.95 -16.95
N PRO E 132 -41.57 -63.96 -16.86
CA PRO E 132 -42.00 -64.44 -15.56
C PRO E 132 -40.96 -65.29 -14.84
N LEU E 133 -40.86 -65.11 -13.54
CA LEU E 133 -40.15 -66.06 -12.68
C LEU E 133 -41.20 -66.88 -11.98
N ALA E 134 -41.61 -67.98 -12.62
CA ALA E 134 -42.79 -68.71 -12.20
C ALA E 134 -42.56 -69.45 -10.88
N PRO E 135 -43.61 -69.52 -10.03
CA PRO E 135 -43.48 -70.23 -8.76
C PRO E 135 -43.23 -71.71 -8.99
N SER E 136 -42.31 -72.28 -8.23
CA SER E 136 -41.91 -73.67 -8.42
C SER E 136 -43.05 -74.64 -8.20
N SER E 137 -43.05 -75.72 -8.98
CA SER E 137 -44.05 -76.77 -8.83
C SER E 137 -43.85 -77.54 -7.53
N LYS E 138 -42.67 -77.38 -6.93
CA LYS E 138 -42.29 -78.13 -5.73
C LYS E 138 -42.50 -77.33 -4.44
N SER E 139 -43.14 -76.17 -4.55
CA SER E 139 -43.34 -75.28 -3.40
C SER E 139 -43.83 -76.01 -2.16
N THR E 140 -43.23 -75.70 -1.02
CA THR E 140 -43.58 -76.34 0.25
C THR E 140 -45.07 -76.23 0.54
N SER E 141 -45.71 -77.37 0.71
CA SER E 141 -47.15 -77.42 0.95
C SER E 141 -47.50 -76.68 2.25
N GLY E 142 -48.37 -75.68 2.14
CA GLY E 142 -48.74 -74.88 3.29
C GLY E 142 -47.60 -73.98 3.75
N GLY E 143 -46.54 -73.91 2.95
CA GLY E 143 -45.38 -73.11 3.26
C GLY E 143 -45.34 -71.82 2.48
N THR E 144 -44.13 -71.41 2.10
CA THR E 144 -43.92 -70.17 1.37
C THR E 144 -43.31 -70.43 0.00
N ALA E 145 -43.85 -69.75 -1.01
CA ALA E 145 -43.35 -69.83 -2.38
C ALA E 145 -42.77 -68.50 -2.81
N ALA E 146 -41.92 -68.53 -3.84
CA ALA E 146 -41.34 -67.32 -4.40
C ALA E 146 -41.66 -67.21 -5.88
N LEU E 147 -41.93 -65.99 -6.33
CA LEU E 147 -42.17 -65.71 -7.74
C LEU E 147 -41.69 -64.31 -8.04
N GLY E 148 -41.58 -63.97 -9.32
CA GLY E 148 -41.11 -62.66 -9.69
C GLY E 148 -41.15 -62.37 -11.17
N CYS E 149 -40.49 -61.28 -11.55
CA CYS E 149 -40.38 -60.87 -12.94
C CYS E 149 -38.95 -60.51 -13.28
N LEU E 150 -38.46 -61.05 -14.40
CA LEU E 150 -37.16 -60.70 -14.92
C LEU E 150 -37.31 -59.56 -15.93
N VAL E 151 -36.69 -58.43 -15.63
CA VAL E 151 -36.76 -57.24 -16.48
C VAL E 151 -35.44 -57.05 -17.18
N LYS E 152 -35.40 -57.40 -18.47
CA LYS E 152 -34.14 -57.62 -19.17
C LYS E 152 -33.89 -56.67 -20.34
N ASP E 153 -32.63 -56.26 -20.48
CA ASP E 153 -32.14 -55.55 -21.66
C ASP E 153 -32.83 -54.22 -21.92
N TYR E 154 -32.64 -53.27 -21.00
CA TYR E 154 -33.17 -51.92 -21.18
C TYR E 154 -32.06 -50.90 -20.97
N PHE E 155 -32.22 -49.74 -21.60
CA PHE E 155 -31.29 -48.63 -21.42
C PHE E 155 -31.99 -47.32 -21.73
N PRO E 156 -31.71 -46.27 -20.92
CA PRO E 156 -30.90 -46.24 -19.70
C PRO E 156 -31.72 -46.55 -18.47
N GLU E 157 -31.13 -46.42 -17.29
CA GLU E 157 -31.89 -46.45 -16.05
C GLU E 157 -32.81 -45.24 -16.03
N PRO E 158 -33.89 -45.29 -15.24
CA PRO E 158 -34.38 -46.38 -14.39
C PRO E 158 -35.61 -47.07 -14.96
N VAL E 159 -35.93 -48.24 -14.42
CA VAL E 159 -37.28 -48.80 -14.56
C VAL E 159 -37.90 -48.82 -13.18
N THR E 160 -39.22 -48.77 -13.13
CA THR E 160 -39.95 -48.95 -11.88
C THR E 160 -40.77 -50.23 -11.97
N VAL E 161 -40.85 -50.95 -10.86
CA VAL E 161 -41.66 -52.16 -10.78
C VAL E 161 -42.61 -52.10 -9.59
N SER E 162 -43.88 -52.37 -9.86
CA SER E 162 -44.87 -52.56 -8.81
C SER E 162 -45.54 -53.90 -9.01
N TRP E 163 -46.26 -54.35 -7.98
CA TRP E 163 -47.01 -55.60 -8.07
C TRP E 163 -48.49 -55.36 -7.82
N ASN E 164 -49.32 -55.87 -8.72
CA ASN E 164 -50.76 -55.72 -8.65
C ASN E 164 -51.15 -54.25 -8.50
N SER E 165 -50.57 -53.42 -9.35
CA SER E 165 -50.85 -51.99 -9.38
C SER E 165 -50.60 -51.32 -8.04
N GLY E 166 -49.62 -51.84 -7.30
CA GLY E 166 -49.20 -51.24 -6.04
C GLY E 166 -49.89 -51.80 -4.82
N ALA E 167 -50.82 -52.73 -5.03
CA ALA E 167 -51.57 -53.32 -3.92
C ALA E 167 -50.74 -54.33 -3.14
N LEU E 168 -49.73 -54.91 -3.80
CA LEU E 168 -48.83 -55.87 -3.17
C LEU E 168 -47.45 -55.26 -2.96
N THR E 169 -47.07 -55.08 -1.69
CA THR E 169 -45.80 -54.46 -1.34
C THR E 169 -45.01 -55.31 -0.35
N SER E 170 -45.72 -56.00 0.54
CA SER E 170 -45.07 -56.82 1.56
C SER E 170 -44.33 -57.99 0.93
N GLY E 171 -43.11 -58.22 1.39
CA GLY E 171 -42.30 -59.34 0.92
C GLY E 171 -41.71 -59.13 -0.46
N VAL E 172 -41.91 -57.95 -1.03
CA VAL E 172 -41.37 -57.64 -2.35
C VAL E 172 -39.90 -57.21 -2.26
N HIS E 173 -39.07 -57.78 -3.13
CA HIS E 173 -37.68 -57.34 -3.28
C HIS E 173 -37.39 -57.04 -4.74
N THR E 174 -37.25 -55.75 -5.07
CA THR E 174 -36.82 -55.34 -6.40
C THR E 174 -35.33 -55.01 -6.35
N PHE E 175 -34.53 -55.85 -7.00
CA PHE E 175 -33.08 -55.75 -6.88
C PHE E 175 -32.52 -54.57 -7.67
N PRO E 176 -31.36 -54.04 -7.23
CA PRO E 176 -30.66 -53.03 -8.03
C PRO E 176 -30.33 -53.56 -9.42
N ALA E 177 -30.44 -52.70 -10.43
CA ALA E 177 -30.13 -53.10 -11.79
C ALA E 177 -28.65 -53.41 -11.93
N VAL E 178 -28.34 -54.37 -12.78
CA VAL E 178 -26.96 -54.71 -13.11
C VAL E 178 -26.69 -54.36 -14.56
N LEU E 179 -25.53 -53.77 -14.80
CA LEU E 179 -25.13 -53.45 -16.17
C LEU E 179 -24.49 -54.67 -16.81
N GLN E 180 -25.11 -55.17 -17.87
CA GLN E 180 -24.64 -56.37 -18.54
C GLN E 180 -23.50 -56.06 -19.50
N SER E 181 -22.85 -57.11 -20.00
CA SER E 181 -21.74 -56.96 -20.93
C SER E 181 -22.18 -56.29 -22.22
N SER E 182 -23.46 -56.47 -22.56
CA SER E 182 -24.03 -55.88 -23.76
C SER E 182 -24.06 -54.36 -23.70
N GLY E 183 -24.04 -53.81 -22.49
CA GLY E 183 -24.20 -52.39 -22.26
C GLY E 183 -25.61 -52.06 -21.82
N LEU E 184 -26.46 -53.08 -21.76
CA LEU E 184 -27.85 -52.94 -21.34
C LEU E 184 -28.02 -53.35 -19.88
N TYR E 185 -28.98 -52.73 -19.21
CA TYR E 185 -29.27 -53.07 -17.82
C TYR E 185 -30.28 -54.20 -17.71
N SER E 186 -30.28 -54.85 -16.55
CA SER E 186 -31.25 -55.88 -16.26
C SER E 186 -31.47 -55.99 -14.75
N LEU E 187 -32.69 -56.35 -14.35
CA LEU E 187 -32.98 -56.60 -12.95
C LEU E 187 -34.10 -57.61 -12.79
N SER E 188 -34.28 -58.09 -11.56
CA SER E 188 -35.42 -58.92 -11.21
C SER E 188 -36.17 -58.30 -10.04
N SER E 189 -37.47 -58.55 -10.00
CA SER E 189 -38.29 -58.22 -8.85
C SER E 189 -39.01 -59.47 -8.39
N VAL E 190 -38.84 -59.81 -7.12
CA VAL E 190 -39.40 -61.04 -6.58
C VAL E 190 -40.30 -60.74 -5.40
N VAL E 191 -41.12 -61.72 -5.05
CA VAL E 191 -41.98 -61.63 -3.88
C VAL E 191 -42.22 -63.04 -3.35
N THR E 192 -42.30 -63.15 -2.03
CA THR E 192 -42.63 -64.41 -1.39
C THR E 192 -44.09 -64.38 -0.93
N VAL E 193 -44.82 -65.45 -1.20
CA VAL E 193 -46.23 -65.53 -0.90
C VAL E 193 -46.56 -66.92 -0.38
N PRO E 194 -47.76 -67.08 0.22
CA PRO E 194 -48.16 -68.42 0.67
C PRO E 194 -48.30 -69.39 -0.50
N SER E 195 -47.82 -70.62 -0.30
CA SER E 195 -47.88 -71.64 -1.35
C SER E 195 -49.30 -71.98 -1.75
N SER E 196 -50.17 -72.11 -0.74
CA SER E 196 -51.54 -72.57 -0.96
C SER E 196 -52.39 -71.60 -1.78
N SER E 197 -51.94 -70.34 -1.88
CA SER E 197 -52.73 -69.30 -2.52
C SER E 197 -52.41 -69.15 -4.01
N LEU E 198 -51.36 -69.83 -4.48
CA LEU E 198 -50.92 -69.71 -5.86
C LEU E 198 -52.02 -70.03 -6.88
N GLY E 199 -52.99 -70.83 -6.45
CA GLY E 199 -54.07 -71.24 -7.33
C GLY E 199 -55.11 -70.16 -7.57
N THR E 200 -55.37 -69.33 -6.55
CA THR E 200 -56.47 -68.36 -6.61
C THR E 200 -56.01 -66.91 -6.60
N GLN E 201 -54.80 -66.65 -6.13
CA GLN E 201 -54.28 -65.27 -6.11
C GLN E 201 -53.67 -64.91 -7.45
N THR E 202 -53.94 -63.69 -7.90
CA THR E 202 -53.35 -63.16 -9.12
C THR E 202 -52.12 -62.33 -8.79
N TYR E 203 -51.04 -62.54 -9.54
CA TYR E 203 -49.80 -61.81 -9.35
C TYR E 203 -49.33 -61.22 -10.68
N ILE E 204 -49.31 -59.90 -10.72
CA ILE E 204 -48.97 -59.17 -11.94
C ILE E 204 -47.91 -58.12 -11.61
N CYS E 205 -46.79 -58.15 -12.31
CA CYS E 205 -45.76 -57.14 -12.15
C CYS E 205 -45.95 -56.04 -13.20
N ASN E 206 -45.90 -54.80 -12.75
CA ASN E 206 -46.08 -53.65 -13.63
C ASN E 206 -44.75 -52.94 -13.87
N VAL E 207 -44.27 -52.99 -15.11
CA VAL E 207 -42.94 -52.47 -15.43
C VAL E 207 -43.02 -51.21 -16.28
N ASN E 208 -42.35 -50.15 -15.82
CA ASN E 208 -42.37 -48.86 -16.50
C ASN E 208 -40.97 -48.36 -16.83
N HIS E 209 -40.73 -48.09 -18.12
CA HIS E 209 -39.48 -47.51 -18.57
C HIS E 209 -39.76 -46.23 -19.35
N LYS E 210 -39.72 -45.10 -18.66
CA LYS E 210 -40.11 -43.82 -19.24
C LYS E 210 -39.20 -43.36 -20.38
N PRO E 211 -37.87 -43.59 -20.26
CA PRO E 211 -36.98 -43.19 -21.36
C PRO E 211 -37.37 -43.77 -22.72
N SER E 212 -38.03 -44.93 -22.73
CA SER E 212 -38.53 -45.53 -23.97
C SER E 212 -40.05 -45.46 -24.05
N ASN E 213 -40.67 -44.90 -23.01
CA ASN E 213 -42.12 -44.79 -22.92
C ASN E 213 -42.81 -46.14 -23.11
N THR E 214 -42.24 -47.19 -22.52
CA THR E 214 -42.82 -48.52 -22.57
C THR E 214 -43.40 -48.93 -21.22
N LYS E 215 -44.61 -49.45 -21.23
CA LYS E 215 -45.25 -50.01 -20.04
C LYS E 215 -45.65 -51.45 -20.31
N VAL E 216 -45.31 -52.33 -19.39
CA VAL E 216 -45.64 -53.75 -19.53
C VAL E 216 -46.20 -54.31 -18.22
N ASP E 217 -47.32 -55.01 -18.35
CA ASP E 217 -47.89 -55.78 -17.24
C ASP E 217 -47.76 -57.25 -17.57
N LYS E 218 -47.24 -58.03 -16.61
CA LYS E 218 -46.99 -59.45 -16.82
C LYS E 218 -47.56 -60.28 -15.68
N LYS E 219 -48.56 -61.09 -15.99
CA LYS E 219 -49.10 -62.02 -15.01
C LYS E 219 -48.11 -63.16 -14.82
N VAL E 220 -47.80 -63.45 -13.56
CA VAL E 220 -46.89 -64.51 -13.20
C VAL E 220 -47.67 -65.61 -12.51
N GLU E 221 -47.68 -66.79 -13.11
CA GLU E 221 -48.48 -67.90 -12.61
C GLU E 221 -47.72 -69.22 -12.72
N PRO E 222 -48.19 -70.25 -12.00
CA PRO E 222 -47.56 -71.58 -12.10
C PRO E 222 -47.53 -72.08 -13.54
N LYS E 223 -46.41 -72.64 -13.96
CA LYS E 223 -46.26 -73.12 -15.32
C LYS E 223 -47.06 -74.40 -15.53
N SER E 224 -47.77 -74.47 -16.64
CA SER E 224 -48.62 -75.61 -16.95
C SER E 224 -47.81 -76.79 -17.50
N CYS E 225 -48.30 -78.00 -17.28
CA CYS E 225 -47.70 -79.20 -17.84
C CYS E 225 -48.69 -80.36 -17.83
N ASP F 2 1.69 -41.34 -5.47
CA ASP F 2 0.84 -40.20 -5.14
C ASP F 2 0.27 -40.33 -3.72
N ILE F 3 -0.44 -39.30 -3.28
CA ILE F 3 -0.91 -39.22 -1.91
C ILE F 3 -2.19 -40.04 -1.72
N GLN F 4 -2.46 -40.42 -0.48
CA GLN F 4 -3.58 -41.31 -0.17
C GLN F 4 -4.22 -41.00 1.18
N MET F 5 -5.52 -41.26 1.27
CA MET F 5 -6.23 -41.31 2.54
C MET F 5 -6.79 -42.72 2.72
N THR F 6 -6.08 -43.53 3.49
CA THR F 6 -6.46 -44.93 3.67
C THR F 6 -7.43 -45.08 4.84
N GLN F 7 -8.70 -45.34 4.51
CA GLN F 7 -9.75 -45.44 5.51
C GLN F 7 -10.08 -46.90 5.82
N SER F 8 -10.30 -47.19 7.10
CA SER F 8 -10.62 -48.53 7.55
C SER F 8 -11.66 -48.50 8.67
N PRO F 9 -12.54 -49.50 8.73
CA PRO F 9 -12.71 -50.62 7.81
C PRO F 9 -13.60 -50.26 6.63
N SER F 10 -13.76 -51.18 5.69
CA SER F 10 -14.65 -50.96 4.55
C SER F 10 -16.11 -50.97 5.01
N SER F 11 -16.38 -51.72 6.07
CA SER F 11 -17.72 -51.83 6.62
C SER F 11 -17.70 -52.39 8.04
N LEU F 12 -18.74 -52.11 8.79
CA LEU F 12 -18.89 -52.68 10.14
C LEU F 12 -20.37 -52.78 10.53
N SER F 13 -20.67 -53.76 11.37
CA SER F 13 -22.02 -53.95 11.89
C SER F 13 -22.05 -53.56 13.36
N ALA F 14 -23.07 -52.80 13.75
CA ALA F 14 -23.18 -52.31 15.12
C ALA F 14 -24.65 -52.15 15.52
N SER F 15 -24.89 -52.09 16.84
CA SER F 15 -26.24 -51.95 17.38
C SER F 15 -26.46 -50.54 17.92
N VAL F 16 -27.73 -50.17 18.07
CA VAL F 16 -28.08 -48.88 18.64
C VAL F 16 -27.57 -48.79 20.08
N GLY F 17 -26.89 -47.69 20.39
CA GLY F 17 -26.31 -47.50 21.71
C GLY F 17 -24.83 -47.82 21.75
N ASP F 18 -24.34 -48.51 20.73
CA ASP F 18 -22.93 -48.89 20.67
C ASP F 18 -22.03 -47.68 20.40
N ARG F 19 -20.76 -47.81 20.79
CA ARG F 19 -19.75 -46.82 20.50
C ARG F 19 -18.95 -47.27 19.27
N VAL F 20 -18.89 -46.41 18.26
CA VAL F 20 -18.27 -46.75 16.98
C VAL F 20 -17.07 -45.86 16.70
N THR F 21 -16.00 -46.45 16.18
CA THR F 21 -14.82 -45.70 15.78
C THR F 21 -14.39 -46.08 14.37
N ILE F 22 -14.10 -45.05 13.57
CA ILE F 22 -13.64 -45.22 12.19
C ILE F 22 -12.34 -44.43 12.03
N THR F 23 -11.38 -44.98 11.29
CA THR F 23 -10.05 -44.38 11.19
C THR F 23 -9.63 -44.11 9.76
N CYS F 24 -8.70 -43.17 9.62
CA CYS F 24 -8.21 -42.71 8.33
C CYS F 24 -6.72 -42.40 8.50
N ARG F 25 -5.89 -42.84 7.55
CA ARG F 25 -4.45 -42.57 7.63
C ARG F 25 -3.93 -41.90 6.36
N ALA F 26 -3.45 -40.67 6.52
CA ALA F 26 -2.85 -39.94 5.40
C ALA F 26 -1.46 -40.48 5.11
N SER F 27 -1.09 -40.50 3.83
CA SER F 27 0.20 -41.03 3.42
C SER F 27 1.35 -40.14 3.90
N GLN F 28 1.07 -38.85 4.07
CA GLN F 28 2.01 -37.93 4.69
C GLN F 28 1.26 -36.93 5.55
N SER F 29 2.00 -36.12 6.30
CA SER F 29 1.40 -35.16 7.22
C SER F 29 0.50 -34.18 6.48
N VAL F 30 -0.67 -33.94 7.05
CA VAL F 30 -1.62 -32.97 6.53
C VAL F 30 -2.01 -32.00 7.64
N SER F 31 -1.20 -31.98 8.70
CA SER F 31 -1.52 -31.25 9.92
C SER F 31 -2.90 -31.69 10.40
N SER F 32 -3.79 -30.75 10.67
CA SER F 32 -5.12 -31.05 11.21
C SER F 32 -6.21 -30.86 10.15
N ALA F 33 -5.79 -30.73 8.89
CA ALA F 33 -6.72 -30.43 7.82
C ALA F 33 -7.45 -31.69 7.35
N VAL F 34 -8.31 -32.23 8.21
CA VAL F 34 -9.12 -33.39 7.88
C VAL F 34 -10.58 -33.14 8.27
N ALA F 35 -11.48 -33.64 7.43
CA ALA F 35 -12.90 -33.53 7.70
C ALA F 35 -13.58 -34.90 7.57
N TRP F 36 -14.71 -35.05 8.25
CA TRP F 36 -15.50 -36.28 8.17
C TRP F 36 -16.90 -35.96 7.66
N TYR F 37 -17.46 -36.89 6.89
CA TYR F 37 -18.79 -36.71 6.32
C TYR F 37 -19.67 -37.94 6.54
N GLN F 38 -20.98 -37.70 6.60
CA GLN F 38 -21.97 -38.77 6.62
C GLN F 38 -22.79 -38.70 5.34
N GLN F 39 -23.08 -39.85 4.75
CA GLN F 39 -23.93 -39.92 3.57
C GLN F 39 -24.88 -41.10 3.63
N LYS F 40 -26.15 -40.82 3.37
CA LYS F 40 -27.18 -41.85 3.27
C LYS F 40 -27.54 -42.04 1.80
N PRO F 41 -28.06 -43.22 1.43
CA PRO F 41 -28.35 -43.52 0.02
C PRO F 41 -29.24 -42.48 -0.64
N GLY F 42 -28.85 -42.03 -1.82
CA GLY F 42 -29.62 -41.06 -2.59
C GLY F 42 -29.51 -39.63 -2.09
N LYS F 43 -28.78 -39.42 -1.00
CA LYS F 43 -28.63 -38.09 -0.41
C LYS F 43 -27.21 -37.55 -0.53
N ALA F 44 -27.07 -36.23 -0.44
CA ALA F 44 -25.77 -35.59 -0.46
C ALA F 44 -25.06 -35.83 0.87
N PRO F 45 -23.71 -35.84 0.86
CA PRO F 45 -22.98 -35.96 2.12
C PRO F 45 -23.23 -34.78 3.07
N LYS F 46 -23.13 -35.02 4.38
CA LYS F 46 -23.25 -33.97 5.39
C LYS F 46 -21.93 -33.82 6.15
N LEU F 47 -21.46 -32.58 6.27
CA LEU F 47 -20.24 -32.31 7.04
C LEU F 47 -20.48 -32.53 8.52
N LEU F 48 -19.64 -33.35 9.14
CA LEU F 48 -19.72 -33.64 10.57
C LEU F 48 -18.66 -32.88 11.35
N ILE F 49 -17.42 -33.04 10.91
CA ILE F 49 -16.26 -32.51 11.63
C ILE F 49 -15.25 -31.90 10.66
N TYR F 50 -14.62 -30.82 11.09
CA TYR F 50 -13.58 -30.16 10.32
C TYR F 50 -12.38 -29.90 11.23
N SER F 51 -11.23 -29.61 10.63
CA SER F 51 -10.00 -29.37 11.39
C SER F 51 -9.73 -30.54 12.34
N ALA F 52 -10.10 -31.75 11.90
CA ALA F 52 -9.82 -33.01 12.60
C ALA F 52 -10.66 -33.26 13.85
N SER F 53 -11.07 -32.20 14.55
CA SER F 53 -11.76 -32.38 15.84
C SER F 53 -12.82 -31.32 16.15
N SER F 54 -13.06 -30.41 15.23
CA SER F 54 -14.06 -29.35 15.45
C SER F 54 -15.44 -29.77 14.95
N LEU F 55 -16.42 -29.70 15.85
CA LEU F 55 -17.79 -30.08 15.52
C LEU F 55 -18.47 -29.02 14.68
N TYR F 56 -18.99 -29.40 13.53
CA TYR F 56 -19.66 -28.45 12.65
C TYR F 56 -21.01 -28.06 13.23
N SER F 57 -21.45 -26.85 12.91
CA SER F 57 -22.68 -26.29 13.46
C SER F 57 -23.90 -27.12 13.11
N GLY F 58 -24.68 -27.47 14.14
CA GLY F 58 -25.91 -28.21 13.94
C GLY F 58 -25.76 -29.71 14.13
N VAL F 59 -24.52 -30.19 14.15
CA VAL F 59 -24.25 -31.61 14.31
C VAL F 59 -24.37 -32.01 15.79
N PRO F 60 -25.04 -33.14 16.07
CA PRO F 60 -25.15 -33.58 17.46
C PRO F 60 -23.80 -33.88 18.11
N SER F 61 -23.70 -33.68 19.41
CA SER F 61 -22.43 -33.76 20.12
C SER F 61 -21.94 -35.18 20.34
N ARG F 62 -22.75 -36.18 19.96
CA ARG F 62 -22.34 -37.56 20.07
C ARG F 62 -21.26 -37.88 19.03
N PHE F 63 -21.09 -36.99 18.06
CA PHE F 63 -20.01 -37.10 17.09
C PHE F 63 -18.78 -36.33 17.56
N SER F 64 -17.62 -36.95 17.45
CA SER F 64 -16.35 -36.29 17.77
C SER F 64 -15.22 -36.88 16.94
N GLY F 65 -14.12 -36.16 16.84
CA GLY F 65 -12.98 -36.59 16.05
C GLY F 65 -11.66 -36.34 16.75
N SER F 66 -10.61 -37.05 16.34
CA SER F 66 -9.30 -36.95 16.96
C SER F 66 -8.16 -37.12 15.96
N ARG F 67 -6.99 -36.58 16.29
CA ARG F 67 -5.79 -36.72 15.48
C ARG F 67 -4.63 -37.25 16.31
N SER F 68 -3.87 -38.15 15.71
CA SER F 68 -2.59 -38.59 16.27
C SER F 68 -1.58 -38.75 15.15
N GLY F 69 -0.84 -37.67 14.87
CA GLY F 69 0.08 -37.65 13.76
C GLY F 69 -0.67 -37.66 12.44
N THR F 70 -0.50 -38.74 11.67
CA THR F 70 -1.19 -38.90 10.40
C THR F 70 -2.42 -39.79 10.54
N ASP F 71 -2.71 -40.20 11.77
CA ASP F 71 -3.88 -41.05 12.05
C ASP F 71 -5.05 -40.20 12.54
N PHE F 72 -6.20 -40.35 11.89
CA PHE F 72 -7.40 -39.60 12.26
C PHE F 72 -8.54 -40.56 12.57
N THR F 73 -9.32 -40.23 13.59
CA THR F 73 -10.40 -41.10 14.05
C THR F 73 -11.71 -40.34 14.25
N LEU F 74 -12.79 -40.90 13.71
CA LEU F 74 -14.14 -40.42 13.98
C LEU F 74 -14.78 -41.35 14.99
N THR F 75 -15.41 -40.76 16.01
CA THR F 75 -16.08 -41.56 17.04
C THR F 75 -17.55 -41.15 17.20
N ILE F 76 -18.42 -42.15 17.21
CA ILE F 76 -19.82 -41.97 17.57
C ILE F 76 -20.01 -42.60 18.95
N SER F 77 -20.18 -41.76 19.97
CA SER F 77 -20.22 -42.22 21.35
C SER F 77 -21.37 -43.19 21.60
N SER F 78 -22.57 -42.81 21.16
CA SER F 78 -23.74 -43.65 21.31
C SER F 78 -24.56 -43.67 20.02
N LEU F 79 -24.41 -44.76 19.28
CA LEU F 79 -25.04 -44.88 17.97
C LEU F 79 -26.56 -44.84 18.04
N GLN F 80 -27.15 -43.92 17.29
CA GLN F 80 -28.61 -43.79 17.20
C GLN F 80 -29.11 -44.36 15.87
N PRO F 81 -30.40 -44.70 15.79
CA PRO F 81 -30.96 -45.27 14.56
C PRO F 81 -30.70 -44.46 13.30
N GLU F 82 -30.57 -43.14 13.42
CA GLU F 82 -30.36 -42.28 12.26
C GLU F 82 -28.89 -42.23 11.84
N ASP F 83 -28.02 -42.95 12.54
CA ASP F 83 -26.59 -42.89 12.29
C ASP F 83 -26.09 -43.98 11.36
N PHE F 84 -26.95 -44.95 11.03
CA PHE F 84 -26.56 -46.00 10.10
C PHE F 84 -26.47 -45.42 8.70
N ALA F 85 -25.27 -45.45 8.15
CA ALA F 85 -24.94 -44.76 6.91
C ALA F 85 -23.51 -45.07 6.50
N THR F 86 -23.04 -44.41 5.45
CA THR F 86 -21.64 -44.50 5.04
C THR F 86 -20.91 -43.23 5.44
N TYR F 87 -19.68 -43.38 5.94
CA TYR F 87 -18.88 -42.25 6.40
C TYR F 87 -17.59 -42.13 5.60
N TYR F 88 -17.15 -40.90 5.36
CA TYR F 88 -15.94 -40.63 4.59
C TYR F 88 -15.01 -39.67 5.32
N CYS F 89 -13.70 -39.90 5.22
CA CYS F 89 -12.70 -38.92 5.65
C CYS F 89 -12.27 -38.12 4.42
N GLN F 90 -11.80 -36.89 4.66
CA GLN F 90 -11.32 -36.03 3.59
C GLN F 90 -10.16 -35.17 4.10
N GLN F 91 -9.09 -35.10 3.33
CA GLN F 91 -7.97 -34.23 3.67
C GLN F 91 -7.96 -33.00 2.78
N TYR F 92 -7.55 -31.87 3.35
CA TYR F 92 -7.39 -30.65 2.58
C TYR F 92 -6.14 -29.90 3.05
N PRO F 93 -4.97 -30.53 2.85
CA PRO F 93 -3.70 -29.95 3.31
C PRO F 93 -3.43 -28.58 2.70
N TYR F 94 -2.93 -27.67 3.52
CA TYR F 94 -2.67 -26.29 3.09
C TYR F 94 -1.72 -26.23 1.90
N TYR F 95 -0.74 -27.14 1.87
CA TYR F 95 0.31 -27.11 0.87
C TYR F 95 -0.12 -27.68 -0.48
N SER F 96 -1.36 -28.17 -0.58
CA SER F 96 -1.88 -28.73 -1.82
C SER F 96 -3.23 -28.14 -2.20
N SER F 97 -3.51 -28.14 -3.51
CA SER F 97 -4.79 -27.68 -4.03
C SER F 97 -5.72 -28.87 -4.29
N LEU F 98 -5.19 -30.08 -4.14
CA LEU F 98 -5.98 -31.30 -4.34
C LEU F 98 -6.73 -31.70 -3.08
N ILE F 99 -7.93 -32.25 -3.28
CA ILE F 99 -8.74 -32.80 -2.21
C ILE F 99 -8.85 -34.31 -2.40
N THR F 100 -8.66 -35.06 -1.31
CA THR F 100 -8.67 -36.51 -1.36
C THR F 100 -9.60 -37.10 -0.31
N PHE F 101 -10.54 -37.93 -0.75
CA PHE F 101 -11.45 -38.63 0.15
C PHE F 101 -10.95 -40.03 0.49
N GLY F 102 -11.31 -40.51 1.67
CA GLY F 102 -11.11 -41.90 2.00
C GLY F 102 -12.10 -42.75 1.21
N GLN F 103 -11.91 -44.06 1.23
CA GLN F 103 -12.70 -44.96 0.39
C GLN F 103 -14.10 -45.19 0.95
N GLY F 104 -14.30 -44.82 2.22
CA GLY F 104 -15.61 -44.88 2.84
C GLY F 104 -15.81 -46.08 3.75
N THR F 105 -16.62 -45.90 4.78
CA THR F 105 -16.95 -46.95 5.74
C THR F 105 -18.47 -47.05 5.91
N LYS F 106 -19.03 -48.20 5.55
CA LYS F 106 -20.47 -48.40 5.68
C LYS F 106 -20.83 -48.99 7.03
N VAL F 107 -21.63 -48.26 7.79
CA VAL F 107 -22.10 -48.72 9.10
C VAL F 107 -23.49 -49.32 8.97
N GLU F 108 -23.58 -50.63 9.11
CA GLU F 108 -24.84 -51.34 8.99
C GLU F 108 -25.33 -51.82 10.35
N ILE F 109 -26.62 -52.17 10.44
CA ILE F 109 -27.21 -52.55 11.71
C ILE F 109 -27.05 -54.05 11.97
N LYS F 110 -26.54 -54.38 13.14
CA LYS F 110 -26.29 -55.77 13.53
C LYS F 110 -27.57 -56.45 13.98
N ARG F 111 -27.76 -57.69 13.54
CA ARG F 111 -28.86 -58.52 14.01
C ARG F 111 -28.41 -59.97 14.09
N THR F 112 -29.26 -60.84 14.61
CA THR F 112 -28.94 -62.25 14.71
C THR F 112 -28.80 -62.87 13.33
N VAL F 113 -28.06 -63.97 13.25
CA VAL F 113 -27.87 -64.68 11.99
C VAL F 113 -29.19 -65.24 11.48
N ALA F 114 -29.39 -65.15 10.17
CA ALA F 114 -30.59 -65.69 9.54
C ALA F 114 -30.22 -66.35 8.22
N ALA F 115 -30.50 -67.64 8.11
CA ALA F 115 -30.20 -68.40 6.91
C ALA F 115 -31.15 -67.98 5.78
N PRO F 116 -30.65 -67.97 4.53
CA PRO F 116 -31.53 -67.64 3.41
C PRO F 116 -32.46 -68.79 3.03
N SER F 117 -33.68 -68.45 2.61
CA SER F 117 -34.50 -69.40 1.89
C SER F 117 -34.10 -69.29 0.42
N VAL F 118 -33.90 -70.42 -0.23
CA VAL F 118 -33.32 -70.44 -1.57
C VAL F 118 -34.32 -70.93 -2.61
N PHE F 119 -34.36 -70.23 -3.74
CA PHE F 119 -35.25 -70.56 -4.84
C PHE F 119 -34.49 -70.49 -6.17
N ILE F 120 -34.80 -71.42 -7.07
CA ILE F 120 -34.22 -71.40 -8.41
C ILE F 120 -35.34 -71.26 -9.45
N PHE F 121 -35.10 -70.44 -10.46
CA PHE F 121 -36.08 -70.17 -11.51
C PHE F 121 -35.51 -70.52 -12.88
N PRO F 122 -36.18 -71.42 -13.62
CA PRO F 122 -35.71 -71.67 -14.99
C PRO F 122 -36.09 -70.54 -15.93
N PRO F 123 -35.46 -70.49 -17.12
CA PRO F 123 -35.86 -69.49 -18.12
C PRO F 123 -37.28 -69.76 -18.62
N SER F 124 -38.04 -68.69 -18.84
CA SER F 124 -39.40 -68.84 -19.35
C SER F 124 -39.35 -69.28 -20.81
N ASP F 125 -40.42 -69.93 -21.26
CA ASP F 125 -40.52 -70.34 -22.66
C ASP F 125 -40.46 -69.12 -23.57
N SER F 126 -41.08 -68.03 -23.13
CA SER F 126 -41.11 -66.80 -23.91
C SER F 126 -39.70 -66.28 -24.18
N GLN F 127 -38.84 -66.29 -23.16
CA GLN F 127 -37.47 -65.82 -23.34
C GLN F 127 -36.71 -66.72 -24.30
N LEU F 128 -36.87 -68.03 -24.13
CA LEU F 128 -36.15 -68.99 -24.98
C LEU F 128 -36.45 -68.76 -26.46
N LYS F 129 -37.67 -68.32 -26.76
CA LYS F 129 -38.05 -68.04 -28.14
C LYS F 129 -37.34 -66.81 -28.70
N SER F 130 -36.60 -66.10 -27.85
CA SER F 130 -35.86 -64.92 -28.27
C SER F 130 -34.37 -65.20 -28.44
N GLY F 131 -33.95 -66.41 -28.09
CA GLY F 131 -32.60 -66.89 -28.37
C GLY F 131 -31.63 -66.84 -27.20
N THR F 132 -32.14 -66.65 -25.99
CA THR F 132 -31.29 -66.62 -24.80
C THR F 132 -32.01 -67.15 -23.57
N ALA F 133 -31.22 -67.60 -22.59
CA ALA F 133 -31.77 -68.22 -21.39
C ALA F 133 -31.15 -67.61 -20.13
N SER F 134 -32.01 -67.13 -19.25
CA SER F 134 -31.60 -66.61 -17.95
C SER F 134 -32.09 -67.53 -16.84
N VAL F 135 -31.15 -68.06 -16.05
CA VAL F 135 -31.48 -68.88 -14.89
C VAL F 135 -31.22 -68.06 -13.63
N VAL F 136 -32.23 -67.92 -12.79
CA VAL F 136 -32.15 -67.07 -11.61
C VAL F 136 -32.21 -67.87 -10.32
N CYS F 137 -31.31 -67.53 -9.40
CA CYS F 137 -31.23 -68.14 -8.09
C CYS F 137 -31.45 -67.04 -7.05
N LEU F 138 -32.44 -67.23 -6.18
CA LEU F 138 -32.84 -66.22 -5.21
C LEU F 138 -32.46 -66.62 -3.78
N LEU F 139 -31.78 -65.71 -3.08
CA LEU F 139 -31.52 -65.87 -1.65
C LEU F 139 -32.33 -64.83 -0.89
N ASN F 140 -33.33 -65.28 -0.13
CA ASN F 140 -34.32 -64.38 0.46
C ASN F 140 -34.17 -64.19 1.96
N ASN F 141 -34.12 -62.93 2.38
CA ASN F 141 -34.14 -62.55 3.79
C ASN F 141 -33.10 -63.27 4.65
N PHE F 142 -31.84 -62.89 4.52
CA PHE F 142 -30.77 -63.52 5.27
C PHE F 142 -29.81 -62.49 5.89
N TYR F 143 -29.05 -62.93 6.88
CA TYR F 143 -28.04 -62.10 7.52
C TYR F 143 -26.93 -62.96 8.12
N PRO F 144 -25.66 -62.54 7.98
CA PRO F 144 -25.19 -61.31 7.32
C PRO F 144 -25.16 -61.41 5.79
N ARG F 145 -24.81 -60.29 5.18
CA ARG F 145 -24.80 -60.12 3.73
C ARG F 145 -23.89 -61.13 3.03
N GLU F 146 -22.78 -61.47 3.68
CA GLU F 146 -21.78 -62.34 3.08
C GLU F 146 -22.34 -63.72 2.76
N ALA F 147 -22.21 -64.12 1.50
CA ALA F 147 -22.72 -65.40 1.03
C ALA F 147 -21.97 -65.85 -0.22
N LYS F 148 -21.96 -67.16 -0.45
CA LYS F 148 -21.33 -67.72 -1.64
C LYS F 148 -22.37 -68.50 -2.46
N VAL F 149 -22.50 -68.13 -3.73
CA VAL F 149 -23.43 -68.77 -4.64
C VAL F 149 -22.69 -69.28 -5.87
N GLN F 150 -22.80 -70.59 -6.11
CA GLN F 150 -22.11 -71.21 -7.24
C GLN F 150 -23.09 -71.98 -8.12
N TRP F 151 -22.92 -71.82 -9.43
CA TRP F 151 -23.76 -72.49 -10.42
C TRP F 151 -23.13 -73.78 -10.91
N LYS F 152 -23.97 -74.79 -11.13
CA LYS F 152 -23.54 -76.07 -11.68
C LYS F 152 -24.46 -76.53 -12.80
N VAL F 153 -23.88 -76.78 -13.96
CA VAL F 153 -24.62 -77.31 -15.11
C VAL F 153 -24.09 -78.70 -15.43
N ASP F 154 -24.91 -79.72 -15.18
CA ASP F 154 -24.49 -81.11 -15.26
C ASP F 154 -23.24 -81.31 -14.40
N ASN F 155 -23.32 -80.86 -13.15
CA ASN F 155 -22.25 -81.04 -12.16
C ASN F 155 -20.95 -80.31 -12.52
N ALA F 156 -20.98 -79.52 -13.59
CA ALA F 156 -19.81 -78.75 -13.99
C ALA F 156 -19.89 -77.34 -13.41
N LEU F 157 -18.89 -76.98 -12.61
CA LEU F 157 -18.87 -75.66 -11.97
C LEU F 157 -18.77 -74.56 -13.01
N GLN F 158 -19.71 -73.63 -12.97
CA GLN F 158 -19.72 -72.49 -13.88
C GLN F 158 -18.87 -71.36 -13.32
N SER F 159 -18.34 -70.53 -14.21
CA SER F 159 -17.61 -69.33 -13.82
C SER F 159 -17.56 -68.34 -14.96
N GLY F 160 -17.76 -67.06 -14.65
CA GLY F 160 -17.68 -66.00 -15.63
C GLY F 160 -19.02 -65.64 -16.27
N ASN F 161 -20.01 -66.52 -16.13
CA ASN F 161 -21.28 -66.34 -16.81
C ASN F 161 -22.45 -66.03 -15.87
N SER F 162 -22.14 -65.46 -14.71
CA SER F 162 -23.17 -65.09 -13.74
C SER F 162 -22.93 -63.69 -13.16
N GLN F 163 -24.03 -63.03 -12.79
CA GLN F 163 -23.96 -61.72 -12.14
C GLN F 163 -24.85 -61.70 -10.91
N GLU F 164 -24.38 -61.06 -9.85
CA GLU F 164 -25.15 -60.96 -8.61
C GLU F 164 -25.70 -59.55 -8.39
N SER F 165 -26.77 -59.48 -7.62
CA SER F 165 -27.34 -58.21 -7.19
C SER F 165 -27.88 -58.37 -5.77
N VAL F 166 -27.69 -57.36 -4.94
CA VAL F 166 -28.06 -57.43 -3.53
C VAL F 166 -28.82 -56.20 -3.09
N THR F 167 -29.86 -56.41 -2.28
CA THR F 167 -30.66 -55.31 -1.76
C THR F 167 -29.95 -54.66 -0.58
N GLU F 168 -30.36 -53.43 -0.26
CA GLU F 168 -29.91 -52.80 0.97
C GLU F 168 -30.64 -53.43 2.13
N GLN F 169 -30.16 -53.19 3.33
CA GLN F 169 -30.71 -53.81 4.53
C GLN F 169 -32.18 -53.45 4.70
N ASP F 170 -33.01 -54.48 4.87
CA ASP F 170 -34.46 -54.30 4.95
C ASP F 170 -34.87 -53.47 6.16
N SER F 171 -35.82 -52.57 5.97
CA SER F 171 -36.20 -51.62 7.01
C SER F 171 -36.92 -52.28 8.18
N LYS F 172 -37.55 -53.42 7.93
CA LYS F 172 -38.34 -54.09 8.95
C LYS F 172 -37.52 -55.12 9.76
N ASP F 173 -36.82 -56.02 9.07
CA ASP F 173 -36.12 -57.11 9.74
C ASP F 173 -34.60 -57.08 9.55
N SER F 174 -34.10 -56.02 8.91
CA SER F 174 -32.66 -55.78 8.78
C SER F 174 -31.91 -56.88 8.02
N THR F 175 -32.63 -57.65 7.20
CA THR F 175 -32.01 -58.71 6.41
C THR F 175 -31.65 -58.24 5.01
N TYR F 176 -30.89 -59.07 4.30
CA TYR F 176 -30.57 -58.83 2.90
C TYR F 176 -31.24 -59.87 2.03
N SER F 177 -31.37 -59.57 0.74
CA SER F 177 -31.74 -60.57 -0.26
C SER F 177 -30.80 -60.42 -1.44
N LEU F 178 -30.58 -61.53 -2.14
CA LEU F 178 -29.58 -61.58 -3.20
C LEU F 178 -30.09 -62.41 -4.38
N SER F 179 -29.76 -61.95 -5.58
CA SER F 179 -30.08 -62.70 -6.79
C SER F 179 -28.79 -63.04 -7.52
N SER F 180 -28.72 -64.23 -8.08
CA SER F 180 -27.64 -64.61 -8.96
C SER F 180 -28.24 -65.08 -10.27
N THR F 181 -27.82 -64.46 -11.37
CA THR F 181 -28.43 -64.72 -12.67
C THR F 181 -27.42 -65.35 -13.62
N LEU F 182 -27.69 -66.59 -14.01
CA LEU F 182 -26.86 -67.32 -14.97
C LEU F 182 -27.39 -67.08 -16.38
N THR F 183 -26.51 -66.57 -17.25
CA THR F 183 -26.90 -66.24 -18.62
C THR F 183 -26.22 -67.15 -19.62
N LEU F 184 -27.03 -67.81 -20.45
CA LEU F 184 -26.53 -68.71 -21.48
C LEU F 184 -27.29 -68.50 -22.78
N SER F 185 -26.67 -68.88 -23.89
CA SER F 185 -27.36 -68.90 -25.17
C SER F 185 -28.43 -69.99 -25.16
N LYS F 186 -29.43 -69.85 -26.02
CA LYS F 186 -30.46 -70.87 -26.15
C LYS F 186 -29.83 -72.20 -26.54
N ALA F 187 -28.78 -72.12 -27.34
CA ALA F 187 -28.07 -73.31 -27.80
C ALA F 187 -27.39 -74.01 -26.63
N ASP F 188 -26.59 -73.28 -25.87
CA ASP F 188 -25.86 -73.84 -24.75
C ASP F 188 -26.79 -74.32 -23.64
N TYR F 189 -27.88 -73.59 -23.42
CA TYR F 189 -28.85 -73.97 -22.40
C TYR F 189 -29.48 -75.32 -22.71
N GLU F 190 -29.75 -75.56 -24.00
CA GLU F 190 -30.46 -76.76 -24.43
C GLU F 190 -29.55 -77.96 -24.64
N LYS F 191 -28.24 -77.77 -24.49
CA LYS F 191 -27.30 -78.90 -24.54
C LYS F 191 -27.37 -79.70 -23.24
N HIS F 192 -27.62 -79.00 -22.13
CA HIS F 192 -27.51 -79.58 -20.80
C HIS F 192 -28.85 -79.74 -20.11
N LYS F 193 -28.91 -80.65 -19.14
CA LYS F 193 -30.16 -81.04 -18.49
C LYS F 193 -30.29 -80.49 -17.07
N VAL F 194 -29.25 -80.69 -16.26
CA VAL F 194 -29.32 -80.36 -14.84
C VAL F 194 -28.75 -78.98 -14.55
N TYR F 195 -29.57 -78.13 -13.93
CA TYR F 195 -29.16 -76.79 -13.51
C TYR F 195 -29.33 -76.63 -12.01
N ALA F 196 -28.27 -76.19 -11.34
CA ALA F 196 -28.26 -76.12 -9.89
C ALA F 196 -27.48 -74.90 -9.39
N CYS F 197 -28.03 -74.23 -8.36
CA CYS F 197 -27.29 -73.19 -7.65
C CYS F 197 -27.06 -73.65 -6.20
N GLU F 198 -25.81 -73.57 -5.76
CA GLU F 198 -25.42 -74.03 -4.43
C GLU F 198 -25.07 -72.84 -3.55
N VAL F 199 -25.70 -72.79 -2.38
CA VAL F 199 -25.59 -71.63 -1.49
C VAL F 199 -24.83 -72.00 -0.20
N THR F 200 -23.85 -71.18 0.15
CA THR F 200 -23.12 -71.32 1.40
C THR F 200 -23.29 -70.05 2.23
N HIS F 201 -23.65 -70.22 3.50
CA HIS F 201 -23.92 -69.09 4.38
C HIS F 201 -23.74 -69.53 5.83
N GLN F 202 -23.22 -68.64 6.67
CA GLN F 202 -22.87 -68.99 8.06
C GLN F 202 -24.10 -69.31 8.90
N GLY F 203 -25.29 -69.13 8.33
CA GLY F 203 -26.53 -69.48 8.98
C GLY F 203 -26.96 -70.90 8.66
N LEU F 204 -26.35 -71.46 7.61
CA LEU F 204 -26.60 -72.84 7.22
C LEU F 204 -25.52 -73.75 7.77
N SER F 205 -25.92 -74.89 8.34
CA SER F 205 -24.95 -75.86 8.86
C SER F 205 -24.12 -76.44 7.73
N SER F 206 -24.73 -76.53 6.55
CA SER F 206 -24.06 -77.06 5.36
C SER F 206 -24.65 -76.38 4.13
N PRO F 207 -23.91 -76.38 3.00
CA PRO F 207 -24.41 -75.68 1.82
C PRO F 207 -25.72 -76.27 1.28
N VAL F 208 -26.61 -75.39 0.83
CA VAL F 208 -27.91 -75.80 0.30
C VAL F 208 -27.94 -75.69 -1.22
N THR F 209 -28.57 -76.67 -1.86
CA THR F 209 -28.66 -76.71 -3.32
C THR F 209 -30.10 -76.82 -3.79
N LYS F 210 -30.49 -75.91 -4.68
CA LYS F 210 -31.75 -76.00 -5.39
C LYS F 210 -31.46 -76.26 -6.85
N SER F 211 -32.28 -77.08 -7.50
CA SER F 211 -32.02 -77.45 -8.89
C SER F 211 -33.29 -77.87 -9.62
N PHE F 212 -33.16 -77.93 -10.95
CA PHE F 212 -34.22 -78.43 -11.81
C PHE F 212 -33.62 -79.14 -13.02
N ASN F 213 -34.43 -79.94 -13.69
CA ASN F 213 -34.04 -80.56 -14.94
C ASN F 213 -34.74 -79.87 -16.11
N ARG F 214 -33.98 -79.42 -17.10
CA ARG F 214 -34.53 -78.71 -18.23
C ARG F 214 -35.59 -79.55 -18.94
N GLY F 215 -36.75 -78.94 -19.18
CA GLY F 215 -37.83 -79.60 -19.89
C GLY F 215 -38.60 -80.58 -19.04
N GLU F 216 -38.56 -80.40 -17.72
CA GLU F 216 -39.31 -81.24 -16.79
C GLU F 216 -40.11 -80.40 -15.79
N CYS F 217 -41.41 -80.67 -15.73
CA CYS F 217 -42.32 -79.92 -14.86
C CYS F 217 -42.66 -80.73 -13.62
N ARG G 15 30.67 -2.21 -15.15
CA ARG G 15 29.60 -2.02 -16.10
C ARG G 15 28.57 -3.15 -16.04
N TRP G 16 28.82 -4.13 -15.18
CA TRP G 16 27.90 -5.25 -15.03
C TRP G 16 26.51 -4.77 -14.62
N ARG G 17 26.47 -3.64 -13.94
CA ARG G 17 25.22 -3.01 -13.57
C ARG G 17 24.51 -2.45 -14.80
N VAL G 18 25.31 -1.98 -15.75
CA VAL G 18 24.77 -1.37 -16.97
C VAL G 18 24.14 -2.42 -17.88
N TYR G 19 24.76 -3.60 -17.95
CA TYR G 19 24.19 -4.69 -18.76
C TYR G 19 22.76 -4.97 -18.32
N LEU G 20 22.57 -5.05 -17.00
CA LEU G 20 21.29 -5.43 -16.43
C LEU G 20 20.19 -4.40 -16.72
N LEU G 21 20.57 -3.14 -16.81
CA LEU G 21 19.61 -2.11 -17.21
C LEU G 21 19.26 -2.26 -18.68
N ILE G 22 20.29 -2.42 -19.51
CA ILE G 22 20.09 -2.57 -20.95
C ILE G 22 19.15 -3.73 -21.27
N VAL G 23 19.44 -4.93 -20.76
CA VAL G 23 18.60 -6.08 -21.01
C VAL G 23 17.15 -5.80 -20.61
N LEU G 24 16.98 -5.10 -19.48
CA LEU G 24 15.64 -4.72 -19.03
C LEU G 24 15.11 -3.53 -19.81
N LEU G 25 16.02 -2.78 -20.45
CA LEU G 25 15.64 -1.66 -21.29
C LEU G 25 15.08 -2.15 -22.63
N VAL G 26 15.79 -3.10 -23.24
CA VAL G 26 15.36 -3.64 -24.53
C VAL G 26 13.98 -4.26 -24.41
N MET G 27 13.78 -5.13 -23.41
CA MET G 27 12.50 -5.79 -23.21
C MET G 27 11.36 -4.79 -23.07
N LEU G 28 11.57 -3.78 -22.22
CA LEU G 28 10.51 -2.80 -21.95
C LEU G 28 10.36 -1.82 -23.10
N LEU G 29 11.31 -1.83 -24.01
CA LEU G 29 11.17 -1.17 -25.32
C LEU G 29 10.52 -2.15 -26.30
N PHE G 30 10.82 -3.43 -26.10
CA PHE G 30 10.47 -4.49 -27.03
C PHE G 30 8.98 -4.84 -27.01
N ILE G 31 8.33 -4.63 -25.87
CA ILE G 31 6.90 -4.93 -25.74
C ILE G 31 6.09 -3.91 -26.55
N PHE G 32 6.51 -2.65 -26.52
CA PHE G 32 5.80 -1.58 -27.22
C PHE G 32 5.91 -1.72 -28.74
N LEU G 33 6.96 -2.36 -29.21
CA LEU G 33 7.16 -2.55 -30.65
C LEU G 33 6.22 -3.61 -31.19
N ILE G 34 6.01 -4.68 -30.44
CA ILE G 34 5.11 -5.76 -30.85
C ILE G 34 3.66 -5.32 -30.82
N MET G 35 3.32 -4.47 -29.85
CA MET G 35 1.93 -4.19 -29.50
C MET G 35 1.06 -3.75 -30.68
N LYS G 36 -0.25 -3.87 -30.49
CA LYS G 36 -1.23 -3.41 -31.47
C LYS G 36 -1.77 -2.05 -31.08
#